data_2I5S
# 
_entry.id   2I5S 
# 
_audit_conform.dict_name       mmcif_pdbx.dic 
_audit_conform.dict_version    5.398 
_audit_conform.dict_location   http://mmcif.pdb.org/dictionaries/ascii/mmcif_pdbx.dic 
# 
loop_
_database_2.database_id 
_database_2.database_code 
_database_2.pdbx_database_accession 
_database_2.pdbx_DOI 
PDB   2I5S         pdb_00002i5s 10.2210/pdb2i5s/pdb 
NDB   PD0858       ?            ?                   
RCSB  RCSB039172   ?            ?                   
WWPDB D_1000039172 ?            ?                   
# 
loop_
_pdbx_audit_revision_history.ordinal 
_pdbx_audit_revision_history.data_content_type 
_pdbx_audit_revision_history.major_revision 
_pdbx_audit_revision_history.minor_revision 
_pdbx_audit_revision_history.revision_date 
1 'Structure model' 1 0 2006-09-05 
2 'Structure model' 1 1 2008-01-15 
3 'Structure model' 1 2 2011-07-13 
4 'Structure model' 1 3 2018-04-25 
5 'Structure model' 2 0 2019-12-25 
6 'Structure model' 2 1 2023-08-30 
7 'Structure model' 2 2 2024-11-13 
# 
_pdbx_audit_revision_details.ordinal             1 
_pdbx_audit_revision_details.revision_ordinal    1 
_pdbx_audit_revision_details.data_content_type   'Structure model' 
_pdbx_audit_revision_details.provider            repository 
_pdbx_audit_revision_details.type                'Initial release' 
_pdbx_audit_revision_details.description         ? 
_pdbx_audit_revision_details.details             ? 
# 
loop_
_pdbx_audit_revision_group.ordinal 
_pdbx_audit_revision_group.revision_ordinal 
_pdbx_audit_revision_group.data_content_type 
_pdbx_audit_revision_group.group 
1  2 'Structure model' 'Version format compliance' 
2  3 'Structure model' 'Version format compliance' 
3  4 'Structure model' 'Data collection'           
4  5 'Structure model' 'Database references'       
5  5 'Structure model' 'Derived calculations'      
6  5 'Structure model' 'Polymer sequence'          
7  6 'Structure model' 'Data collection'           
8  6 'Structure model' 'Database references'       
9  6 'Structure model' 'Refinement description'    
10 7 'Structure model' 'Structure summary'         
# 
loop_
_pdbx_audit_revision_category.ordinal 
_pdbx_audit_revision_category.revision_ordinal 
_pdbx_audit_revision_category.data_content_type 
_pdbx_audit_revision_category.category 
1  4 'Structure model' diffrn                        
2  4 'Structure model' diffrn_detector               
3  4 'Structure model' diffrn_radiation              
4  4 'Structure model' diffrn_source                 
5  5 'Structure model' entity_poly                   
6  5 'Structure model' pdbx_struct_mod_residue       
7  5 'Structure model' struct_conn                   
8  5 'Structure model' struct_ref_seq_dif            
9  6 'Structure model' chem_comp_atom                
10 6 'Structure model' chem_comp_bond                
11 6 'Structure model' database_2                    
12 6 'Structure model' pdbx_initial_refinement_model 
13 7 'Structure model' pdbx_entry_details            
14 7 'Structure model' pdbx_modification_feature     
# 
loop_
_pdbx_audit_revision_item.ordinal 
_pdbx_audit_revision_item.revision_ordinal 
_pdbx_audit_revision_item.data_content_type 
_pdbx_audit_revision_item.item 
1 4 'Structure model' '_diffrn_detector.type'                     
2 5 'Structure model' '_entity_poly.pdbx_seq_one_letter_code_can' 
3 5 'Structure model' '_pdbx_struct_mod_residue.parent_comp_id'   
4 5 'Structure model' '_struct_conn.pdbx_leaving_atom_flag'       
5 6 'Structure model' '_database_2.pdbx_DOI'                      
6 6 'Structure model' '_database_2.pdbx_database_accession'       
# 
_pdbx_database_status.entry_id                        2I5S 
_pdbx_database_status.deposit_site                    RCSB 
_pdbx_database_status.process_site                    RCSB 
_pdbx_database_status.recvd_initial_deposition_date   2006-08-25 
_pdbx_database_status.status_code                     REL 
_pdbx_database_status.status_code_sf                  REL 
_pdbx_database_status.status_code_mr                  ? 
_pdbx_database_status.SG_entry                        Y 
_pdbx_database_status.pdb_format_compatible           Y 
_pdbx_database_status.status_code_cs                  ? 
_pdbx_database_status.methods_development_category    ? 
_pdbx_database_status.status_code_nmr_data            ? 
# 
loop_
_pdbx_database_related.db_name 
_pdbx_database_related.db_id 
_pdbx_database_related.details 
_pdbx_database_related.content_type 
PDB      2GMK     'Crystal structure of onconase double mutant with spontaneously-assembled (AMP) 4 stack' unspecified 
TargetDB GO.80160 .                                                                                        unspecified 
# 
loop_
_audit_author.name 
_audit_author.pdbx_ordinal 
'Bae, E.'                                          1 
'Lee, J.E.'                                        2 
'Raines, R.T.'                                     3 
'Wesenberg, G.E.'                                  4 
'Phillips Jr., G.N.'                               5 
'Bitto, E.'                                        6 
'Bingman, C.A.'                                    7 
'Center for Eukaryotic Structural Genomics (CESG)' 8 
# 
_citation.id                        primary 
_citation.title                     'Structural basis for catalysis by onconase.' 
_citation.journal_abbrev            J.Mol.Biol. 
_citation.journal_volume            375 
_citation.page_first                165 
_citation.page_last                 177 
_citation.year                      2008 
_citation.journal_id_ASTM           JMOBAK 
_citation.country                   UK 
_citation.journal_id_ISSN           0022-2836 
_citation.journal_id_CSD            0070 
_citation.book_publisher            ? 
_citation.pdbx_database_id_PubMed   18001769 
_citation.pdbx_database_id_DOI      10.1016/j.jmb.2007.09.089 
# 
loop_
_citation_author.citation_id 
_citation_author.name 
_citation_author.ordinal 
_citation_author.identifier_ORCID 
primary 'Lee, J.E.'          1 ? 
primary 'Bae, E.'            2 ? 
primary 'Bingman, C.A.'      3 ? 
primary 'Phillips Jr., G.N.' 4 ? 
primary 'Raines, R.T.'       5 ? 
# 
loop_
_entity.id 
_entity.type 
_entity.src_method 
_entity.pdbx_description 
_entity.formula_weight 
_entity.pdbx_number_of_molecules 
_entity.pdbx_ec 
_entity.pdbx_mutation 
_entity.pdbx_fragment 
_entity.details 
1 polymer man 'P-30 protein'           11845.648 1   3.1.27.- ? ? ? 
2 polymer syn "5'-D(*A*(DU)P*GP*A)-3'" 1200.829  1   ?        ? ? ? 
3 water   nat water                    18.015    155 ?        ? ? ? 
# 
_entity_name_com.entity_id   1 
_entity_name_com.name        Onconase 
# 
loop_
_entity_poly.entity_id 
_entity_poly.type 
_entity_poly.nstd_linkage 
_entity_poly.nstd_monomer 
_entity_poly.pdbx_seq_one_letter_code 
_entity_poly.pdbx_seq_one_letter_code_can 
_entity_poly.pdbx_strand_id 
_entity_poly.pdbx_target_identifier 
1 'polypeptide(L)'        no yes 
;(PCA)DWLTFQKKHITNTRDVDCDNIMSTNLFHCKDKNTFIYSRPEPVKAICKGIIASKNVLTTSEFYLSDCNVTSRPCK
YKLKKSTNKFCVTCENQAPVHFVGVGSC
;
;QDWLTFQKKHITNTRDVDCDNIMSTNLFHCKDKNTFIYSRPEPVKAICKGIIASKNVLTTSEFYLSDCNVTSRPCKYKLK
KSTNKFCVTCENQAPVHFVGVGSC
;
X GO.80160 
2 polydeoxyribonucleotide no no  '(DA)(DU)(DG)(DA)' AUGA A ?        
# 
_pdbx_entity_nonpoly.entity_id   3 
_pdbx_entity_nonpoly.name        water 
_pdbx_entity_nonpoly.comp_id     HOH 
# 
loop_
_entity_poly_seq.entity_id 
_entity_poly_seq.num 
_entity_poly_seq.mon_id 
_entity_poly_seq.hetero 
1 1   PCA n 
1 2   ASP n 
1 3   TRP n 
1 4   LEU n 
1 5   THR n 
1 6   PHE n 
1 7   GLN n 
1 8   LYS n 
1 9   LYS n 
1 10  HIS n 
1 11  ILE n 
1 12  THR n 
1 13  ASN n 
1 14  THR n 
1 15  ARG n 
1 16  ASP n 
1 17  VAL n 
1 18  ASP n 
1 19  CYS n 
1 20  ASP n 
1 21  ASN n 
1 22  ILE n 
1 23  MET n 
1 24  SER n 
1 25  THR n 
1 26  ASN n 
1 27  LEU n 
1 28  PHE n 
1 29  HIS n 
1 30  CYS n 
1 31  LYS n 
1 32  ASP n 
1 33  LYS n 
1 34  ASN n 
1 35  THR n 
1 36  PHE n 
1 37  ILE n 
1 38  TYR n 
1 39  SER n 
1 40  ARG n 
1 41  PRO n 
1 42  GLU n 
1 43  PRO n 
1 44  VAL n 
1 45  LYS n 
1 46  ALA n 
1 47  ILE n 
1 48  CYS n 
1 49  LYS n 
1 50  GLY n 
1 51  ILE n 
1 52  ILE n 
1 53  ALA n 
1 54  SER n 
1 55  LYS n 
1 56  ASN n 
1 57  VAL n 
1 58  LEU n 
1 59  THR n 
1 60  THR n 
1 61  SER n 
1 62  GLU n 
1 63  PHE n 
1 64  TYR n 
1 65  LEU n 
1 66  SER n 
1 67  ASP n 
1 68  CYS n 
1 69  ASN n 
1 70  VAL n 
1 71  THR n 
1 72  SER n 
1 73  ARG n 
1 74  PRO n 
1 75  CYS n 
1 76  LYS n 
1 77  TYR n 
1 78  LYS n 
1 79  LEU n 
1 80  LYS n 
1 81  LYS n 
1 82  SER n 
1 83  THR n 
1 84  ASN n 
1 85  LYS n 
1 86  PHE n 
1 87  CYS n 
1 88  VAL n 
1 89  THR n 
1 90  CYS n 
1 91  GLU n 
1 92  ASN n 
1 93  GLN n 
1 94  ALA n 
1 95  PRO n 
1 96  VAL n 
1 97  HIS n 
1 98  PHE n 
1 99  VAL n 
1 100 GLY n 
1 101 VAL n 
1 102 GLY n 
1 103 SER n 
1 104 CYS n 
2 1   DA  n 
2 2   DU  n 
2 3   DG  n 
2 4   DA  n 
# 
_entity_src_gen.entity_id                          1 
_entity_src_gen.pdbx_src_id                        1 
_entity_src_gen.pdbx_alt_source_flag               sample 
_entity_src_gen.pdbx_seq_type                      ? 
_entity_src_gen.pdbx_beg_seq_num                   ? 
_entity_src_gen.pdbx_end_seq_num                   ? 
_entity_src_gen.gene_src_common_name               'northern leopard frog' 
_entity_src_gen.gene_src_genus                     Rana 
_entity_src_gen.pdbx_gene_src_gene                 RNP30_RANPI 
_entity_src_gen.gene_src_species                   ? 
_entity_src_gen.gene_src_strain                    ? 
_entity_src_gen.gene_src_tissue                    ? 
_entity_src_gen.gene_src_tissue_fraction           ? 
_entity_src_gen.gene_src_details                   ? 
_entity_src_gen.pdbx_gene_src_fragment             ? 
_entity_src_gen.pdbx_gene_src_scientific_name      'Rana pipiens' 
_entity_src_gen.pdbx_gene_src_ncbi_taxonomy_id     8404 
_entity_src_gen.pdbx_gene_src_variant              ? 
_entity_src_gen.pdbx_gene_src_cell_line            ? 
_entity_src_gen.pdbx_gene_src_atcc                 ? 
_entity_src_gen.pdbx_gene_src_organ                ? 
_entity_src_gen.pdbx_gene_src_organelle            ? 
_entity_src_gen.pdbx_gene_src_cell                 ? 
_entity_src_gen.pdbx_gene_src_cellular_location    ? 
_entity_src_gen.host_org_common_name               ? 
_entity_src_gen.pdbx_host_org_scientific_name      'Escherichia coli BL21(DE3)' 
_entity_src_gen.pdbx_host_org_ncbi_taxonomy_id     469008 
_entity_src_gen.host_org_genus                     Escherichia 
_entity_src_gen.pdbx_host_org_gene                 ? 
_entity_src_gen.pdbx_host_org_organ                ? 
_entity_src_gen.host_org_species                   'Escherichia coli' 
_entity_src_gen.pdbx_host_org_tissue               ? 
_entity_src_gen.pdbx_host_org_tissue_fraction      ? 
_entity_src_gen.pdbx_host_org_strain               'BL21(DE3)' 
_entity_src_gen.pdbx_host_org_variant              ? 
_entity_src_gen.pdbx_host_org_cell_line            ? 
_entity_src_gen.pdbx_host_org_atcc                 ? 
_entity_src_gen.pdbx_host_org_culture_collection   ? 
_entity_src_gen.pdbx_host_org_cell                 ? 
_entity_src_gen.pdbx_host_org_organelle            ? 
_entity_src_gen.pdbx_host_org_cellular_location    ? 
_entity_src_gen.pdbx_host_org_vector_type          plasmid 
_entity_src_gen.pdbx_host_org_vector               ? 
_entity_src_gen.host_org_details                   ? 
_entity_src_gen.expression_system_id               ? 
_entity_src_gen.plasmid_name                       'pET 22b(+)' 
_entity_src_gen.plasmid_details                    ? 
_entity_src_gen.pdbx_description                   ? 
# 
loop_
_chem_comp.id 
_chem_comp.type 
_chem_comp.mon_nstd_flag 
_chem_comp.name 
_chem_comp.pdbx_synonyms 
_chem_comp.formula 
_chem_comp.formula_weight 
ALA 'L-peptide linking' y ALANINE                              ? 'C3 H7 N O2'      89.093  
ARG 'L-peptide linking' y ARGININE                             ? 'C6 H15 N4 O2 1'  175.209 
ASN 'L-peptide linking' y ASPARAGINE                           ? 'C4 H8 N2 O3'     132.118 
ASP 'L-peptide linking' y 'ASPARTIC ACID'                      ? 'C4 H7 N O4'      133.103 
CYS 'L-peptide linking' y CYSTEINE                             ? 'C3 H7 N O2 S'    121.158 
DA  'DNA linking'       y "2'-DEOXYADENOSINE-5'-MONOPHOSPHATE" ? 'C10 H14 N5 O6 P' 331.222 
DG  'DNA linking'       y "2'-DEOXYGUANOSINE-5'-MONOPHOSPHATE" ? 'C10 H14 N5 O7 P' 347.221 
DU  'DNA linking'       y "2'-DEOXYURIDINE-5'-MONOPHOSPHATE"   ? 'C9 H13 N2 O8 P'  308.182 
GLN 'L-peptide linking' y GLUTAMINE                            ? 'C5 H10 N2 O3'    146.144 
GLU 'L-peptide linking' y 'GLUTAMIC ACID'                      ? 'C5 H9 N O4'      147.129 
GLY 'peptide linking'   y GLYCINE                              ? 'C2 H5 N O2'      75.067  
HIS 'L-peptide linking' y HISTIDINE                            ? 'C6 H10 N3 O2 1'  156.162 
HOH non-polymer         . WATER                                ? 'H2 O'            18.015  
ILE 'L-peptide linking' y ISOLEUCINE                           ? 'C6 H13 N O2'     131.173 
LEU 'L-peptide linking' y LEUCINE                              ? 'C6 H13 N O2'     131.173 
LYS 'L-peptide linking' y LYSINE                               ? 'C6 H15 N2 O2 1'  147.195 
MET 'L-peptide linking' y METHIONINE                           ? 'C5 H11 N O2 S'   149.211 
PCA 'L-peptide linking' n 'PYROGLUTAMIC ACID'                  ? 'C5 H7 N O3'      129.114 
PHE 'L-peptide linking' y PHENYLALANINE                        ? 'C9 H11 N O2'     165.189 
PRO 'L-peptide linking' y PROLINE                              ? 'C5 H9 N O2'      115.130 
SER 'L-peptide linking' y SERINE                               ? 'C3 H7 N O3'      105.093 
THR 'L-peptide linking' y THREONINE                            ? 'C4 H9 N O3'      119.119 
TRP 'L-peptide linking' y TRYPTOPHAN                           ? 'C11 H12 N2 O2'   204.225 
TYR 'L-peptide linking' y TYROSINE                             ? 'C9 H11 N O3'     181.189 
VAL 'L-peptide linking' y VALINE                               ? 'C5 H11 N O2'     117.146 
# 
loop_
_pdbx_poly_seq_scheme.asym_id 
_pdbx_poly_seq_scheme.entity_id 
_pdbx_poly_seq_scheme.seq_id 
_pdbx_poly_seq_scheme.mon_id 
_pdbx_poly_seq_scheme.ndb_seq_num 
_pdbx_poly_seq_scheme.pdb_seq_num 
_pdbx_poly_seq_scheme.auth_seq_num 
_pdbx_poly_seq_scheme.pdb_mon_id 
_pdbx_poly_seq_scheme.auth_mon_id 
_pdbx_poly_seq_scheme.pdb_strand_id 
_pdbx_poly_seq_scheme.pdb_ins_code 
_pdbx_poly_seq_scheme.hetero 
A 1 1   PCA 1   1   1   PCA PCA X . n 
A 1 2   ASP 2   2   2   ASP ASP X . n 
A 1 3   TRP 3   3   3   TRP TRP X . n 
A 1 4   LEU 4   4   4   LEU LEU X . n 
A 1 5   THR 5   5   5   THR THR X . n 
A 1 6   PHE 6   6   6   PHE PHE X . n 
A 1 7   GLN 7   7   7   GLN GLN X . n 
A 1 8   LYS 8   8   8   LYS LYS X . n 
A 1 9   LYS 9   9   9   LYS LYS X . n 
A 1 10  HIS 10  10  10  HIS HIS X . n 
A 1 11  ILE 11  11  11  ILE ILE X . n 
A 1 12  THR 12  12  12  THR THR X . n 
A 1 13  ASN 13  13  13  ASN ASN X . n 
A 1 14  THR 14  14  14  THR THR X . n 
A 1 15  ARG 15  15  15  ARG ARG X . n 
A 1 16  ASP 16  16  16  ASP ASP X . n 
A 1 17  VAL 17  17  17  VAL VAL X . n 
A 1 18  ASP 18  18  18  ASP ASP X . n 
A 1 19  CYS 19  19  19  CYS CYS X . n 
A 1 20  ASP 20  20  20  ASP ASP X . n 
A 1 21  ASN 21  21  21  ASN ASN X . n 
A 1 22  ILE 22  22  22  ILE ILE X . n 
A 1 23  MET 23  23  23  MET MET X . n 
A 1 24  SER 24  24  24  SER SER X . n 
A 1 25  THR 25  25  25  THR THR X . n 
A 1 26  ASN 26  26  26  ASN ASN X . n 
A 1 27  LEU 27  27  27  LEU LEU X . n 
A 1 28  PHE 28  28  28  PHE PHE X . n 
A 1 29  HIS 29  29  29  HIS HIS X . n 
A 1 30  CYS 30  30  30  CYS CYS X . n 
A 1 31  LYS 31  31  31  LYS LYS X . n 
A 1 32  ASP 32  32  32  ASP ASP X . n 
A 1 33  LYS 33  33  33  LYS LYS X . n 
A 1 34  ASN 34  34  34  ASN ASN X . n 
A 1 35  THR 35  35  35  THR THR X . n 
A 1 36  PHE 36  36  36  PHE PHE X . n 
A 1 37  ILE 37  37  37  ILE ILE X . n 
A 1 38  TYR 38  38  38  TYR TYR X . n 
A 1 39  SER 39  39  39  SER SER X . n 
A 1 40  ARG 40  40  40  ARG ARG X . n 
A 1 41  PRO 41  41  41  PRO PRO X . n 
A 1 42  GLU 42  42  42  GLU GLU X . n 
A 1 43  PRO 43  43  43  PRO PRO X . n 
A 1 44  VAL 44  44  44  VAL VAL X . n 
A 1 45  LYS 45  45  45  LYS LYS X . n 
A 1 46  ALA 46  46  46  ALA ALA X . n 
A 1 47  ILE 47  47  47  ILE ILE X . n 
A 1 48  CYS 48  48  48  CYS CYS X . n 
A 1 49  LYS 49  49  49  LYS LYS X . n 
A 1 50  GLY 50  50  50  GLY GLY X . n 
A 1 51  ILE 51  51  51  ILE ILE X . n 
A 1 52  ILE 52  52  52  ILE ILE X . n 
A 1 53  ALA 53  53  53  ALA ALA X . n 
A 1 54  SER 54  54  54  SER SER X . n 
A 1 55  LYS 55  55  55  LYS LYS X . n 
A 1 56  ASN 56  56  56  ASN ASN X . n 
A 1 57  VAL 57  57  57  VAL VAL X . n 
A 1 58  LEU 58  58  58  LEU LEU X . n 
A 1 59  THR 59  59  59  THR THR X . n 
A 1 60  THR 60  60  60  THR THR X . n 
A 1 61  SER 61  61  61  SER SER X . n 
A 1 62  GLU 62  62  62  GLU GLU X . n 
A 1 63  PHE 63  63  63  PHE PHE X . n 
A 1 64  TYR 64  64  64  TYR TYR X . n 
A 1 65  LEU 65  65  65  LEU LEU X . n 
A 1 66  SER 66  66  66  SER SER X . n 
A 1 67  ASP 67  67  67  ASP ASP X . n 
A 1 68  CYS 68  68  68  CYS CYS X . n 
A 1 69  ASN 69  69  69  ASN ASN X . n 
A 1 70  VAL 70  70  70  VAL VAL X . n 
A 1 71  THR 71  71  71  THR THR X . n 
A 1 72  SER 72  72  72  SER SER X . n 
A 1 73  ARG 73  73  73  ARG ARG X . n 
A 1 74  PRO 74  74  74  PRO PRO X . n 
A 1 75  CYS 75  75  75  CYS CYS X . n 
A 1 76  LYS 76  76  76  LYS LYS X . n 
A 1 77  TYR 77  77  77  TYR TYR X . n 
A 1 78  LYS 78  78  78  LYS LYS X . n 
A 1 79  LEU 79  79  79  LEU LEU X . n 
A 1 80  LYS 80  80  80  LYS LYS X . n 
A 1 81  LYS 81  81  81  LYS LYS X . n 
A 1 82  SER 82  82  82  SER SER X . n 
A 1 83  THR 83  83  83  THR THR X . n 
A 1 84  ASN 84  84  84  ASN ASN X . n 
A 1 85  LYS 85  85  85  LYS LYS X . n 
A 1 86  PHE 86  86  86  PHE PHE X . n 
A 1 87  CYS 87  87  87  CYS CYS X . n 
A 1 88  VAL 88  88  88  VAL VAL X . n 
A 1 89  THR 89  89  89  THR THR X . n 
A 1 90  CYS 90  90  90  CYS CYS X . n 
A 1 91  GLU 91  91  91  GLU GLU X . n 
A 1 92  ASN 92  92  92  ASN ASN X . n 
A 1 93  GLN 93  93  93  GLN GLN X . n 
A 1 94  ALA 94  94  94  ALA ALA X . n 
A 1 95  PRO 95  95  95  PRO PRO X . n 
A 1 96  VAL 96  96  96  VAL VAL X . n 
A 1 97  HIS 97  97  97  HIS HIS X . n 
A 1 98  PHE 98  98  98  PHE PHE X . n 
A 1 99  VAL 99  99  99  VAL VAL X . n 
A 1 100 GLY 100 100 100 GLY GLY X . n 
A 1 101 VAL 101 101 101 VAL VAL X . n 
A 1 102 GLY 102 102 102 GLY GLY X . n 
A 1 103 SER 103 103 103 SER SER X . n 
A 1 104 CYS 104 104 104 CYS CYS X . n 
B 2 1   DA  1   1   ?   ?   ?   A . n 
B 2 2   DU  2   2   2   DU  DU  A . n 
B 2 3   DG  3   3   3   DG  DG  A . n 
B 2 4   DA  4   4   4   DA  DA  A . n 
# 
loop_
_pdbx_nonpoly_scheme.asym_id 
_pdbx_nonpoly_scheme.entity_id 
_pdbx_nonpoly_scheme.mon_id 
_pdbx_nonpoly_scheme.ndb_seq_num 
_pdbx_nonpoly_scheme.pdb_seq_num 
_pdbx_nonpoly_scheme.auth_seq_num 
_pdbx_nonpoly_scheme.pdb_mon_id 
_pdbx_nonpoly_scheme.auth_mon_id 
_pdbx_nonpoly_scheme.pdb_strand_id 
_pdbx_nonpoly_scheme.pdb_ins_code 
C 3 HOH 1   105 105 HOH HOH X . 
C 3 HOH 2   106 106 HOH HOH X . 
C 3 HOH 3   107 107 HOH HOH X . 
C 3 HOH 4   108 108 HOH HOH X . 
C 3 HOH 5   109 109 HOH HOH X . 
C 3 HOH 6   110 110 HOH HOH X . 
C 3 HOH 7   111 111 HOH HOH X . 
C 3 HOH 8   112 112 HOH HOH X . 
C 3 HOH 9   113 113 HOH HOH X . 
C 3 HOH 10  114 114 HOH HOH X . 
C 3 HOH 11  115 115 HOH HOH X . 
C 3 HOH 12  116 116 HOH HOH X . 
C 3 HOH 13  117 117 HOH HOH X . 
C 3 HOH 14  118 118 HOH HOH X . 
C 3 HOH 15  119 119 HOH HOH X . 
C 3 HOH 16  120 120 HOH HOH X . 
C 3 HOH 17  121 121 HOH HOH X . 
C 3 HOH 18  122 122 HOH HOH X . 
C 3 HOH 19  123 123 HOH HOH X . 
C 3 HOH 20  124 124 HOH HOH X . 
C 3 HOH 21  125 125 HOH HOH X . 
C 3 HOH 22  126 126 HOH HOH X . 
C 3 HOH 23  127 127 HOH HOH X . 
C 3 HOH 24  128 128 HOH HOH X . 
C 3 HOH 25  129 129 HOH HOH X . 
C 3 HOH 26  130 130 HOH HOH X . 
C 3 HOH 27  131 131 HOH HOH X . 
C 3 HOH 28  132 132 HOH HOH X . 
C 3 HOH 29  133 133 HOH HOH X . 
C 3 HOH 30  134 134 HOH HOH X . 
C 3 HOH 31  135 135 HOH HOH X . 
C 3 HOH 32  136 136 HOH HOH X . 
C 3 HOH 33  137 137 HOH HOH X . 
C 3 HOH 34  138 138 HOH HOH X . 
C 3 HOH 35  139 139 HOH HOH X . 
C 3 HOH 36  140 140 HOH HOH X . 
C 3 HOH 37  141 141 HOH HOH X . 
C 3 HOH 38  142 142 HOH HOH X . 
C 3 HOH 39  143 143 HOH HOH X . 
C 3 HOH 40  144 144 HOH HOH X . 
C 3 HOH 41  145 145 HOH HOH X . 
C 3 HOH 42  146 146 HOH HOH X . 
C 3 HOH 43  147 147 HOH HOH X . 
C 3 HOH 44  148 148 HOH HOH X . 
C 3 HOH 45  149 149 HOH HOH X . 
C 3 HOH 46  150 150 HOH HOH X . 
C 3 HOH 47  151 151 HOH HOH X . 
C 3 HOH 48  152 152 HOH HOH X . 
C 3 HOH 49  153 153 HOH HOH X . 
C 3 HOH 50  154 154 HOH HOH X . 
C 3 HOH 51  155 155 HOH HOH X . 
C 3 HOH 52  156 156 HOH HOH X . 
C 3 HOH 53  157 157 HOH HOH X . 
C 3 HOH 54  158 158 HOH HOH X . 
C 3 HOH 55  159 159 HOH HOH X . 
C 3 HOH 56  160 160 HOH HOH X . 
C 3 HOH 57  161 161 HOH HOH X . 
C 3 HOH 58  162 162 HOH HOH X . 
C 3 HOH 59  163 163 HOH HOH X . 
C 3 HOH 60  164 164 HOH HOH X . 
C 3 HOH 61  165 165 HOH HOH X . 
C 3 HOH 62  166 166 HOH HOH X . 
C 3 HOH 63  167 167 HOH HOH X . 
C 3 HOH 64  168 168 HOH HOH X . 
C 3 HOH 65  169 169 HOH HOH X . 
C 3 HOH 66  170 170 HOH HOH X . 
C 3 HOH 67  171 171 HOH HOH X . 
C 3 HOH 68  172 172 HOH HOH X . 
C 3 HOH 69  173 173 HOH HOH X . 
C 3 HOH 70  174 174 HOH HOH X . 
C 3 HOH 71  175 175 HOH HOH X . 
C 3 HOH 72  176 176 HOH HOH X . 
C 3 HOH 73  177 177 HOH HOH X . 
C 3 HOH 74  178 178 HOH HOH X . 
C 3 HOH 75  179 179 HOH HOH X . 
C 3 HOH 76  180 180 HOH HOH X . 
C 3 HOH 77  181 181 HOH HOH X . 
C 3 HOH 78  182 182 HOH HOH X . 
C 3 HOH 79  183 183 HOH HOH X . 
C 3 HOH 80  184 184 HOH HOH X . 
C 3 HOH 81  185 185 HOH HOH X . 
C 3 HOH 82  186 186 HOH HOH X . 
C 3 HOH 83  187 187 HOH HOH X . 
C 3 HOH 84  188 188 HOH HOH X . 
C 3 HOH 85  189 189 HOH HOH X . 
C 3 HOH 86  190 190 HOH HOH X . 
C 3 HOH 87  191 191 HOH HOH X . 
C 3 HOH 88  192 192 HOH HOH X . 
C 3 HOH 89  193 193 HOH HOH X . 
C 3 HOH 90  194 194 HOH HOH X . 
C 3 HOH 91  195 195 HOH HOH X . 
C 3 HOH 92  196 196 HOH HOH X . 
C 3 HOH 93  197 197 HOH HOH X . 
C 3 HOH 94  198 198 HOH HOH X . 
C 3 HOH 95  199 199 HOH HOH X . 
C 3 HOH 96  200 200 HOH HOH X . 
C 3 HOH 97  201 201 HOH HOH X . 
C 3 HOH 98  202 202 HOH HOH X . 
C 3 HOH 99  203 203 HOH HOH X . 
C 3 HOH 100 204 204 HOH HOH X . 
C 3 HOH 101 205 205 HOH HOH X . 
C 3 HOH 102 206 206 HOH HOH X . 
C 3 HOH 103 207 207 HOH HOH X . 
C 3 HOH 104 208 208 HOH HOH X . 
C 3 HOH 105 209 209 HOH HOH X . 
C 3 HOH 106 210 210 HOH HOH X . 
C 3 HOH 107 211 211 HOH HOH X . 
C 3 HOH 108 212 212 HOH HOH X . 
C 3 HOH 109 213 213 HOH HOH X . 
C 3 HOH 110 214 214 HOH HOH X . 
C 3 HOH 111 215 215 HOH HOH X . 
C 3 HOH 112 216 216 HOH HOH X . 
C 3 HOH 113 217 217 HOH HOH X . 
C 3 HOH 114 218 218 HOH HOH X . 
C 3 HOH 115 219 219 HOH HOH X . 
C 3 HOH 116 220 220 HOH HOH X . 
C 3 HOH 117 221 221 HOH HOH X . 
C 3 HOH 118 222 222 HOH HOH X . 
C 3 HOH 119 223 223 HOH HOH X . 
C 3 HOH 120 224 224 HOH HOH X . 
C 3 HOH 121 225 225 HOH HOH X . 
C 3 HOH 122 226 226 HOH HOH X . 
C 3 HOH 123 227 227 HOH HOH X . 
C 3 HOH 124 228 228 HOH HOH X . 
C 3 HOH 125 229 229 HOH HOH X . 
C 3 HOH 126 230 230 HOH HOH X . 
C 3 HOH 127 231 231 HOH HOH X . 
C 3 HOH 128 232 232 HOH HOH X . 
C 3 HOH 129 233 233 HOH HOH X . 
C 3 HOH 130 234 234 HOH HOH X . 
C 3 HOH 131 235 235 HOH HOH X . 
C 3 HOH 132 236 236 HOH HOH X . 
C 3 HOH 133 237 237 HOH HOH X . 
C 3 HOH 134 238 238 HOH HOH X . 
C 3 HOH 135 239 239 HOH HOH X . 
C 3 HOH 136 240 240 HOH HOH X . 
C 3 HOH 137 241 241 HOH HOH X . 
C 3 HOH 138 242 242 HOH HOH X . 
C 3 HOH 139 243 243 HOH HOH X . 
C 3 HOH 140 244 244 HOH HOH X . 
C 3 HOH 141 245 245 HOH HOH X . 
C 3 HOH 142 246 246 HOH HOH X . 
C 3 HOH 143 247 247 HOH HOH X . 
C 3 HOH 144 248 248 HOH HOH X . 
C 3 HOH 145 249 249 HOH HOH X . 
C 3 HOH 146 250 250 HOH HOH X . 
C 3 HOH 147 251 251 HOH HOH X . 
C 3 HOH 148 252 252 HOH HOH X . 
C 3 HOH 149 253 253 HOH HOH X . 
D 3 HOH 1   12  12  HOH HOH A . 
D 3 HOH 2   87  87  HOH HOH A . 
D 3 HOH 3   94  94  HOH HOH A . 
D 3 HOH 4   95  95  HOH HOH A . 
D 3 HOH 5   130 130 HOH HOH A . 
D 3 HOH 6   150 150 HOH HOH A . 
# 
loop_
_pdbx_unobs_or_zero_occ_atoms.id 
_pdbx_unobs_or_zero_occ_atoms.PDB_model_num 
_pdbx_unobs_or_zero_occ_atoms.polymer_flag 
_pdbx_unobs_or_zero_occ_atoms.occupancy_flag 
_pdbx_unobs_or_zero_occ_atoms.auth_asym_id 
_pdbx_unobs_or_zero_occ_atoms.auth_comp_id 
_pdbx_unobs_or_zero_occ_atoms.auth_seq_id 
_pdbx_unobs_or_zero_occ_atoms.PDB_ins_code 
_pdbx_unobs_or_zero_occ_atoms.auth_atom_id 
_pdbx_unobs_or_zero_occ_atoms.label_alt_id 
_pdbx_unobs_or_zero_occ_atoms.label_asym_id 
_pdbx_unobs_or_zero_occ_atoms.label_comp_id 
_pdbx_unobs_or_zero_occ_atoms.label_seq_id 
_pdbx_unobs_or_zero_occ_atoms.label_atom_id 
1  1 Y 1 A DU 2 ? P     ? B DU 2 P     
2  1 Y 1 A DU 2 ? OP1   ? B DU 2 OP1   
3  1 Y 1 A DU 2 ? OP2   ? B DU 2 OP2   
4  1 Y 1 A DU 2 ? "O5'" ? B DU 2 "O5'" 
5  1 Y 1 A DA 4 ? "C5'" ? B DA 4 "C5'" 
6  1 Y 1 A DA 4 ? "C4'" ? B DA 4 "C4'" 
7  1 Y 1 A DA 4 ? "O4'" ? B DA 4 "O4'" 
8  1 Y 1 A DA 4 ? "C3'" ? B DA 4 "C3'" 
9  1 Y 1 A DA 4 ? "O3'" ? B DA 4 "O3'" 
10 1 Y 1 A DA 4 ? "C2'" ? B DA 4 "C2'" 
11 1 Y 1 A DA 4 ? "C1'" ? B DA 4 "C1'" 
12 1 Y 1 A DA 4 ? N9    ? B DA 4 N9    
13 1 Y 1 A DA 4 ? C8    ? B DA 4 C8    
14 1 Y 1 A DA 4 ? N7    ? B DA 4 N7    
15 1 Y 1 A DA 4 ? C5    ? B DA 4 C5    
16 1 Y 1 A DA 4 ? C6    ? B DA 4 C6    
17 1 Y 1 A DA 4 ? N6    ? B DA 4 N6    
18 1 Y 1 A DA 4 ? N1    ? B DA 4 N1    
19 1 Y 1 A DA 4 ? C2    ? B DA 4 C2    
20 1 Y 1 A DA 4 ? N3    ? B DA 4 N3    
21 1 Y 1 A DA 4 ? C4    ? B DA 4 C4    
# 
loop_
_software.name 
_software.version 
_software.date 
_software.type 
_software.contact_author 
_software.contact_author_email 
_software.classification 
_software.location 
_software.language 
_software.citation_id 
_software.pdbx_ordinal 
SAINT       .        ?                package ?                 ?                        'data scaling'    
http://www.bruker-axs.de/index.html         ?          ? 1 
MOLREP      .        ?                other   'A. Vagin'        alexei@ysbl.york.ac.uk   phasing           
http://www.ccp4.ac.uk/dist/html/molrep.html Fortran_77 ? 2 
REFMAC      5.2.0005 ?                program 'Murshudov, G.N.' ccp4@dl.ac.uk            refinement        
http://www.ccp4.ac.uk/main.html             Fortran_77 ? 3 
PDB_EXTRACT 2.000    'April. 3, 2006' package PDB               sw-help@rcsb.rutgers.edu 'data extraction' 
http://pdb.rutgers.edu/software/            C++        ? 4 
SAINT       .        ?                ?       ?                 ?                        'data reduction'  ? ?          ? 5 
# 
_cell.entry_id           2I5S 
_cell.length_a           129.229 
_cell.length_b           26.101 
_cell.length_c           32.486 
_cell.angle_alpha        90.00 
_cell.angle_beta         90.00 
_cell.angle_gamma        90.00 
_cell.Z_PDB              4 
_cell.pdbx_unique_axis   ? 
_cell.length_a_esd       ? 
_cell.length_b_esd       ? 
_cell.length_c_esd       ? 
_cell.angle_alpha_esd    ? 
_cell.angle_beta_esd     ? 
_cell.angle_gamma_esd    ? 
# 
_symmetry.entry_id                         2I5S 
_symmetry.space_group_name_H-M             'P 21 21 2' 
_symmetry.pdbx_full_space_group_name_H-M   ? 
_symmetry.cell_setting                     ? 
_symmetry.Int_Tables_number                18 
_symmetry.space_group_name_Hall            ? 
# 
_exptl.crystals_number   1 
_exptl.entry_id          2I5S 
_exptl.method            'X-RAY DIFFRACTION' 
# 
_exptl_crystal.id                    1 
_exptl_crystal.density_percent_sol   41.186596 
_exptl_crystal.density_Matthews      1.9 
_exptl_crystal.density_meas          ? 
_exptl_crystal.description           ? 
_exptl_crystal.F_000                 ? 
_exptl_crystal.preparation           ? 
# 
_exptl_crystal_grow.crystal_id      1 
_exptl_crystal_grow.method          'VAPOR DIFFUSION, HANGING DROP' 
_exptl_crystal_grow.pH              ? 
_exptl_crystal_grow.temp            293 
_exptl_crystal_grow.pdbx_details    
;PROTEIN SOLUTION (10 MG/ML PROTEIN, 0.003 M SINGLE-STRANDED DNA OLIGOMER) MIXED IN A 1:1 RATIO WITH WELL SOLUTION (25% PEG 3350, 0.1 M HEPES PH 7.5) CRYO-PROTECTED WITH WELL SOLUTION SUPPLEMENTED WITH 20% ETHYLENE GLYCOL, VAPOR DIFFUSION, HANGING DROP, temperature 293K
;
_exptl_crystal_grow.temp_details    ? 
_exptl_crystal_grow.pdbx_pH_range   . 
# 
loop_
_exptl_crystal_grow_comp.crystal_id 
_exptl_crystal_grow_comp.id 
_exptl_crystal_grow_comp.sol_id 
_exptl_crystal_grow_comp.name 
_exptl_crystal_grow_comp.conc 
_exptl_crystal_grow_comp.volume 
_exptl_crystal_grow_comp.details 
1 1 1 'PEG 3350'        ? ? ? 
1 2 1 Hepes             ? ? ? 
1 3 1 'ethylene glycol' ? ? ? 
1 4 1 HOH               ? ? ? 
1 5 2 'PEG 3350'        ? ? ? 
1 6 2 Hepes             ? ? ? 
1 7 2 'ethylene glycol' ? ? ? 
1 8 2 HOH               ? ? ? 
# 
_diffrn.id                     1 
_diffrn.ambient_temp           100 
_diffrn.ambient_temp_details   ? 
_diffrn.crystal_id             1 
# 
_diffrn_detector.diffrn_id              1 
_diffrn_detector.detector               CCD 
_diffrn_detector.type                   'BRUKER SMART 6000' 
_diffrn_detector.pdbx_collection_date   2006-05-02 
_diffrn_detector.details                'MONTEL OPTICS' 
# 
_diffrn_radiation.diffrn_id                        1 
_diffrn_radiation.pdbx_diffrn_protocol             'SINGLE WAVELENGTH' 
_diffrn_radiation.monochromator                    'Graded Multilayer' 
_diffrn_radiation.wavelength_id                    1 
_diffrn_radiation.pdbx_monochromatic_or_laue_m_l   ? 
_diffrn_radiation.pdbx_scattering_type             x-ray 
# 
_diffrn_radiation_wavelength.id           1 
_diffrn_radiation_wavelength.wavelength   1.5418 
_diffrn_radiation_wavelength.wt           1.0 
# 
_diffrn_source.diffrn_id                   1 
_diffrn_source.source                      'ROTATING ANODE' 
_diffrn_source.type                        'BRUKER AXS MICROSTAR' 
_diffrn_source.pdbx_wavelength_list        1.5418 
_diffrn_source.pdbx_wavelength             ? 
_diffrn_source.pdbx_synchrotron_site       ? 
_diffrn_source.pdbx_synchrotron_beamline   ? 
# 
_reflns.entry_id                     2I5S 
_reflns.d_resolution_low             64.6145 
_reflns.d_resolution_high            1.9 
_reflns.number_obs                   9270 
_reflns.percent_possible_obs         99.7 
_reflns.pdbx_Rmerge_I_obs            0.1249 
_reflns.pdbx_chi_squared             ? 
_reflns.pdbx_redundancy              9.84 
_reflns.pdbx_scaling_rejects         ? 
_reflns.pdbx_netI_over_sigmaI        12.3 
_reflns.pdbx_Rsym_value              ? 
_reflns.observed_criterion_sigma_F   ? 
_reflns.observed_criterion_sigma_I   ? 
_reflns.number_all                   ? 
_reflns.B_iso_Wilson_estimate        ? 
_reflns.R_free_details               ? 
_reflns.pdbx_diffrn_id               1,2 
_reflns.pdbx_ordinal                 1 
# 
loop_
_reflns_shell.d_res_low 
_reflns_shell.d_res_high 
_reflns_shell.number_unique_all 
_reflns_shell.percent_possible_all 
_reflns_shell.Rmerge_I_obs 
_reflns_shell.pdbx_chi_squared 
_reflns_shell.pdbx_redundancy 
_reflns_shell.number_unique_obs 
_reflns_shell.meanI_over_sigI_obs 
_reflns_shell.pdbx_Rsym_value 
_reflns_shell.percent_possible_obs 
_reflns_shell.number_measured_all 
_reflns_shell.number_measured_obs 
_reflns_shell.pdbx_diffrn_id 
_reflns_shell.pdbx_ordinal 
1.95    1.9  624 95.9  0.5172 ? 3.32  ? 2.52  ? ? ? ? ? 1  
2.0     1.95 634 100.0 0.4597 ? 4.42  ? 3.26  ? ? ? ? ? 2  
2.05    2.0  556 100.0 0.3545 ? 4.53  ? 3.97  ? ? ? ? ? 3  
2.15    2.05 936 100.0 0.3193 ? 4.73  ? 4.38  ? ? ? ? ? 4  
2.25    2.15 797 100.0 0.2984 ? 5.13  ? 5.15  ? ? ? ? ? 5  
2.35    2.25 696 100.0 0.2637 ? 5.99  ? 6.7   ? ? ? ? ? 6  
2.45    2.35 562 100.0 0.2622 ? 6.98  ? 7.43  ? ? ? ? ? 7  
2.55    2.45 471 100.0 0.247  ? 7.92  ? 8.31  ? ? ? ? ? 8  
2.7     2.55 615 100.0 0.2308 ? 9.65  ? 10.22 ? ? ? ? ? 9  
2.85    2.7  471 100.0 0.2063 ? 11.2  ? 12.58 ? ? ? ? ? 10 
3.05    2.85 509 100.0 0.1752 ? 12.6  ? 14.74 ? ? ? ? ? 11 
3.3     3.05 490 100.0 0.1455 ? 15.09 ? 19.26 ? ? ? ? ? 12 
3.65    3.3  471 100.0 0.1155 ? 18.54 ? 27.01 ? ? ? ? ? 13 
4.25    3.65 497 100.0 0.0899 ? 20.65 ? 31.14 ? ? ? ? ? 14 
5.45    4.25 471 100.0 0.0763 ? 21.13 ? 32.72 ? ? ? ? ? 15 
64.6145 5.45 470 99.8  0.0795 ? 20.55 ? 30.84 ? ? ? ? ? 16 
# 
_refine.entry_id                                 2I5S 
_refine.ls_d_res_high                            1.900 
_refine.ls_d_res_low                             32.49 
_refine.pdbx_ls_sigma_F                          0.00 
_refine.ls_percent_reflns_obs                    99.719 
_refine.ls_number_reflns_obs                     9229 
_refine.pdbx_ls_cross_valid_method               THROUGHOUT 
_refine.pdbx_R_Free_selection_details            RANDOM 
_refine.details                                  'HYDROGENS HAVE BEEN ADDED IN THE RIDING POSITIONS' 
_refine.ls_R_factor_all                          0.181 
_refine.ls_R_factor_R_work                       0.178 
_refine.ls_wR_factor_R_work                      0.165 
_refine.ls_R_factor_R_free                       0.24 
_refine.ls_wR_factor_R_free                      0.211 
_refine.ls_percent_reflns_R_free                 4.778 
_refine.ls_number_reflns_R_free                  441 
_refine.B_iso_mean                               16.602 
_refine.aniso_B[1][1]                            -0.207 
_refine.aniso_B[2][2]                            -0.009 
_refine.aniso_B[3][3]                            0.216 
_refine.aniso_B[1][2]                            0.000 
_refine.aniso_B[1][3]                            0.000 
_refine.aniso_B[2][3]                            0.000 
_refine.correlation_coeff_Fo_to_Fc               0.947 
_refine.correlation_coeff_Fo_to_Fc_free          0.912 
_refine.pdbx_overall_ESU_R                       0.161 
_refine.pdbx_overall_ESU_R_Free                  0.158 
_refine.overall_SU_ML                            0.098 
_refine.overall_SU_B                             3.248 
_refine.solvent_model_details                    'BABINET MODEL PLUS MASK' 
_refine.pdbx_solvent_vdw_probe_radii             1.200 
_refine.pdbx_solvent_ion_probe_radii             0.800 
_refine.pdbx_solvent_shrinkage_radii             0.800 
_refine.pdbx_stereochemistry_target_values       'MAXIMUM LIKELIHOOD' 
_refine.pdbx_ls_sigma_I                          ? 
_refine.ls_number_reflns_all                     ? 
_refine.ls_R_factor_obs                          0.181 
_refine.ls_redundancy_reflns_obs                 ? 
_refine.pdbx_data_cutoff_high_absF               ? 
_refine.pdbx_data_cutoff_low_absF                ? 
_refine.ls_number_parameters                     ? 
_refine.ls_number_restraints                     ? 
_refine.ls_R_factor_R_free_error                 ? 
_refine.ls_R_factor_R_free_error_details         ? 
_refine.pdbx_method_to_determine_struct          ? 
_refine.pdbx_starting_model                      'PDB ENTRY 1ONC' 
_refine.pdbx_stereochem_target_val_spec_case     ? 
_refine.solvent_model_param_bsol                 ? 
_refine.solvent_model_param_ksol                 ? 
_refine.occupancy_max                            ? 
_refine.occupancy_min                            ? 
_refine.pdbx_isotropic_thermal_model             ? 
_refine.overall_SU_R_Cruickshank_DPI             ? 
_refine.overall_SU_R_free                        ? 
_refine.pdbx_data_cutoff_high_rms_absF           ? 
_refine.overall_FOM_free_R_set                   ? 
_refine.overall_FOM_work_R_set                   ? 
_refine.pdbx_overall_phase_error                 ? 
_refine.pdbx_refine_id                           'X-RAY DIFFRACTION' 
_refine.pdbx_diffrn_id                           1 
_refine.pdbx_TLS_residual_ADP_flag               ? 
_refine.pdbx_overall_SU_R_free_Cruickshank_DPI   ? 
_refine.pdbx_overall_SU_R_Blow_DPI               ? 
_refine.pdbx_overall_SU_R_free_Blow_DPI          ? 
# 
_refine_hist.pdbx_refine_id                   'X-RAY DIFFRACTION' 
_refine_hist.cycle_id                         LAST 
_refine_hist.pdbx_number_atoms_protein        826 
_refine_hist.pdbx_number_atoms_nucleic_acid   41 
_refine_hist.pdbx_number_atoms_ligand         0 
_refine_hist.number_atoms_solvent             155 
_refine_hist.number_atoms_total               1022 
_refine_hist.d_res_high                       1.900 
_refine_hist.d_res_low                        32.49 
# 
loop_
_refine_ls_restr.type 
_refine_ls_restr.number 
_refine_ls_restr.dev_ideal 
_refine_ls_restr.dev_ideal_target 
_refine_ls_restr.weight 
_refine_ls_restr.pdbx_refine_id 
_refine_ls_restr.pdbx_restraint_function 
r_bond_refined_d         893  0.013  0.022  ? 'X-RAY DIFFRACTION' ? 
r_angle_refined_deg      1218 1.415  2.008  ? 'X-RAY DIFFRACTION' ? 
r_dihedral_angle_1_deg   103  6.706  5.000  ? 'X-RAY DIFFRACTION' ? 
r_dihedral_angle_2_deg   35   32.533 24.571 ? 'X-RAY DIFFRACTION' ? 
r_dihedral_angle_3_deg   153  14.183 15.000 ? 'X-RAY DIFFRACTION' ? 
r_dihedral_angle_4_deg   3    20.535 15.000 ? 'X-RAY DIFFRACTION' ? 
r_chiral_restr           138  0.098  0.200  ? 'X-RAY DIFFRACTION' ? 
r_gen_planes_refined     642  0.006  0.020  ? 'X-RAY DIFFRACTION' ? 
r_nbd_refined            410  0.200  0.200  ? 'X-RAY DIFFRACTION' ? 
r_nbtor_refined          604  0.303  0.200  ? 'X-RAY DIFFRACTION' ? 
r_xyhbond_nbd_refined    125  0.135  0.200  ? 'X-RAY DIFFRACTION' ? 
r_symmetry_vdw_refined   16   0.150  0.200  ? 'X-RAY DIFFRACTION' ? 
r_symmetry_hbond_refined 20   0.089  0.200  ? 'X-RAY DIFFRACTION' ? 
r_mcbond_it              536  1.361  2.000  ? 'X-RAY DIFFRACTION' ? 
r_mcangle_it             858  2.209  4.000  ? 'X-RAY DIFFRACTION' ? 
r_scbond_it              417  4.173  6.000  ? 'X-RAY DIFFRACTION' ? 
r_scangle_it             360  5.990  8.000  ? 'X-RAY DIFFRACTION' ? 
# 
loop_
_refine_ls_shell.pdbx_total_number_of_bins_used 
_refine_ls_shell.d_res_low 
_refine_ls_shell.d_res_high 
_refine_ls_shell.number_reflns_all 
_refine_ls_shell.percent_reflns_obs 
_refine_ls_shell.number_reflns_R_work 
_refine_ls_shell.R_factor_R_work 
_refine_ls_shell.number_reflns_R_free 
_refine_ls_shell.R_factor_R_free 
_refine_ls_shell.number_reflns_obs 
_refine_ls_shell.R_factor_R_free_error 
_refine_ls_shell.percent_reflns_R_free 
_refine_ls_shell.redundancy_reflns_obs 
_refine_ls_shell.R_factor_all 
_refine_ls_shell.pdbx_refine_id 
20 1.949  1.900 643 95.956  591 0.208 26 0.343 . . . . . 'X-RAY DIFFRACTION' 
20 2.003  1.949 669 100.000 632 0.186 37 0.262 . . . . . 'X-RAY DIFFRACTION' 
20 2.061  2.003 621 100.000 592 0.178 29 0.29  . . . . . 'X-RAY DIFFRACTION' 
20 2.124  2.061 615 100.000 585 0.18  30 0.237 . . . . . 'X-RAY DIFFRACTION' 
20 2.194  2.124 627 100.000 597 0.188 30 0.235 . . . . . 'X-RAY DIFFRACTION' 
20 2.271  2.194 541 100.000 520 0.174 21 0.246 . . . . . 'X-RAY DIFFRACTION' 
20 2.356  2.271 577 100.000 537 0.178 40 0.241 . . . . . 'X-RAY DIFFRACTION' 
20 2.452  2.356 541 100.000 521 0.176 20 0.348 . . . . . 'X-RAY DIFFRACTION' 
20 2.561  2.452 515 100.000 491 0.179 24 0.289 . . . . . 'X-RAY DIFFRACTION' 
20 2.686  2.561 496 100.000 477 0.172 19 0.199 . . . . . 'X-RAY DIFFRACTION' 
20 2.831  2.686 477 100.000 458 0.175 19 0.272 . . . . . 'X-RAY DIFFRACTION' 
20 3.002  2.831 458 100.000 438 0.164 20 0.281 . . . . . 'X-RAY DIFFRACTION' 
20 3.209  3.002 437 100.000 411 0.17  26 0.223 . . . . . 'X-RAY DIFFRACTION' 
20 3.466  3.209 394 100.000 373 0.163 21 0.157 . . . . . 'X-RAY DIFFRACTION' 
20 3.795  3.466 378 100.000 361 0.162 17 0.203 . . . . . 'X-RAY DIFFRACTION' 
20 4.242  3.795 340 100.000 329 0.15  11 0.243 . . . . . 'X-RAY DIFFRACTION' 
20 4.894  4.242 297 100.000 279 0.16  18 0.196 . . . . . 'X-RAY DIFFRACTION' 
20 5.986  4.894 273 100.000 254 0.207 19 0.274 . . . . . 'X-RAY DIFFRACTION' 
20 8.429  5.986 225 100.000 218 0.245 7  0.35  . . . . . 'X-RAY DIFFRACTION' 
20 64.550 8.429 131 100.000 124 0.262 7  0.136 . . . . . 'X-RAY DIFFRACTION' 
# 
_struct.entry_id                  2I5S 
_struct.title                     'Crystal structure of onconase with bound nucleic acid' 
_struct.pdbx_model_details        ? 
_struct.pdbx_CASP_flag            ? 
_struct.pdbx_model_type_details   ? 
# 
_struct_keywords.entry_id        2I5S 
_struct_keywords.text            
;Onconase, P-30 protein, ribonuclease, anti-tumor, Structural Genomics, PSI-2, Protein Structure Initiative, Center for Eukaryotic Structural Genomics, CESG, HYDROLASE-DNA COMPLEX
;
_struct_keywords.pdbx_keywords   HYDROLASE/DNA 
# 
loop_
_struct_asym.id 
_struct_asym.pdbx_blank_PDB_chainid_flag 
_struct_asym.pdbx_modified 
_struct_asym.entity_id 
_struct_asym.details 
A N N 1 ? 
B N N 2 ? 
C N N 3 ? 
D N N 3 ? 
# 
loop_
_struct_ref.id 
_struct_ref.db_name 
_struct_ref.db_code 
_struct_ref.pdbx_db_accession 
_struct_ref.entity_id 
_struct_ref.pdbx_seq_one_letter_code 
_struct_ref.pdbx_align_begin 
_struct_ref.pdbx_db_isoform 
1 UNP RNP30_RANPI P22069 1 
;QDWLTFQKKHITNTRDVDCDNIMSTNLFHCKDKNTFIYSRPEPVKAICKGIIASKNVLTTSEFYLSDCNVTSRPCKYKLK
KSTNKFCVTCENQAPVHFVGVGSC
;
1 ? 
2 PDB 2I5S        2I5S   2 ? ? ? 
# 
loop_
_struct_ref_seq.align_id 
_struct_ref_seq.ref_id 
_struct_ref_seq.pdbx_PDB_id_code 
_struct_ref_seq.pdbx_strand_id 
_struct_ref_seq.seq_align_beg 
_struct_ref_seq.pdbx_seq_align_beg_ins_code 
_struct_ref_seq.seq_align_end 
_struct_ref_seq.pdbx_seq_align_end_ins_code 
_struct_ref_seq.pdbx_db_accession 
_struct_ref_seq.db_align_beg 
_struct_ref_seq.pdbx_db_align_beg_ins_code 
_struct_ref_seq.db_align_end 
_struct_ref_seq.pdbx_db_align_end_ins_code 
_struct_ref_seq.pdbx_auth_seq_align_beg 
_struct_ref_seq.pdbx_auth_seq_align_end 
1 1 2I5S X 1 ? 104 ? P22069 1 ? 104 ? 1 104 
2 2 2I5S A 1 ? 4   ? 2I5S   1 ? 4   ? 1 4   
# 
_pdbx_struct_assembly.id                   1 
_pdbx_struct_assembly.details              author_defined_assembly 
_pdbx_struct_assembly.method_details       ? 
_pdbx_struct_assembly.oligomeric_details   dimeric 
_pdbx_struct_assembly.oligomeric_count     2 
# 
_pdbx_struct_assembly_gen.assembly_id       1 
_pdbx_struct_assembly_gen.oper_expression   1 
_pdbx_struct_assembly_gen.asym_id_list      A,B,C,D 
# 
_pdbx_struct_oper_list.id                   1 
_pdbx_struct_oper_list.type                 'identity operation' 
_pdbx_struct_oper_list.name                 1_555 
_pdbx_struct_oper_list.symmetry_operation   x,y,z 
_pdbx_struct_oper_list.matrix[1][1]         1.0000000000 
_pdbx_struct_oper_list.matrix[1][2]         0.0000000000 
_pdbx_struct_oper_list.matrix[1][3]         0.0000000000 
_pdbx_struct_oper_list.vector[1]            0.0000000000 
_pdbx_struct_oper_list.matrix[2][1]         0.0000000000 
_pdbx_struct_oper_list.matrix[2][2]         1.0000000000 
_pdbx_struct_oper_list.matrix[2][3]         0.0000000000 
_pdbx_struct_oper_list.vector[2]            0.0000000000 
_pdbx_struct_oper_list.matrix[3][1]         0.0000000000 
_pdbx_struct_oper_list.matrix[3][2]         0.0000000000 
_pdbx_struct_oper_list.matrix[3][3]         1.0000000000 
_pdbx_struct_oper_list.vector[3]            0.0000000000 
# 
loop_
_struct_conf.conf_type_id 
_struct_conf.id 
_struct_conf.pdbx_PDB_helix_id 
_struct_conf.beg_label_comp_id 
_struct_conf.beg_label_asym_id 
_struct_conf.beg_label_seq_id 
_struct_conf.pdbx_beg_PDB_ins_code 
_struct_conf.end_label_comp_id 
_struct_conf.end_label_asym_id 
_struct_conf.end_label_seq_id 
_struct_conf.pdbx_end_PDB_ins_code 
_struct_conf.beg_auth_comp_id 
_struct_conf.beg_auth_asym_id 
_struct_conf.beg_auth_seq_id 
_struct_conf.end_auth_comp_id 
_struct_conf.end_auth_asym_id 
_struct_conf.end_auth_seq_id 
_struct_conf.pdbx_PDB_helix_class 
_struct_conf.details 
_struct_conf.pdbx_PDB_helix_length 
HELX_P HELX_P1 1 ASP A 2  ? HIS A 10 ? ASP X 2  HIS X 10 1 ? 9 
HELX_P HELX_P2 2 ASP A 18 ? MET A 23 ? ASP X 18 MET X 23 1 ? 6 
HELX_P HELX_P3 3 ARG A 40 ? ALA A 46 ? ARG X 40 ALA X 46 1 ? 7 
HELX_P HELX_P4 4 ILE A 47 ? LYS A 49 ? ILE X 47 LYS X 49 5 ? 3 
# 
_struct_conf_type.id          HELX_P 
_struct_conf_type.criteria    ? 
_struct_conf_type.reference   ? 
# 
loop_
_struct_conn.id 
_struct_conn.conn_type_id 
_struct_conn.pdbx_leaving_atom_flag 
_struct_conn.pdbx_PDB_id 
_struct_conn.ptnr1_label_asym_id 
_struct_conn.ptnr1_label_comp_id 
_struct_conn.ptnr1_label_seq_id 
_struct_conn.ptnr1_label_atom_id 
_struct_conn.pdbx_ptnr1_label_alt_id 
_struct_conn.pdbx_ptnr1_PDB_ins_code 
_struct_conn.pdbx_ptnr1_standard_comp_id 
_struct_conn.ptnr1_symmetry 
_struct_conn.ptnr2_label_asym_id 
_struct_conn.ptnr2_label_comp_id 
_struct_conn.ptnr2_label_seq_id 
_struct_conn.ptnr2_label_atom_id 
_struct_conn.pdbx_ptnr2_label_alt_id 
_struct_conn.pdbx_ptnr2_PDB_ins_code 
_struct_conn.ptnr1_auth_asym_id 
_struct_conn.ptnr1_auth_comp_id 
_struct_conn.ptnr1_auth_seq_id 
_struct_conn.ptnr2_auth_asym_id 
_struct_conn.ptnr2_auth_comp_id 
_struct_conn.ptnr2_auth_seq_id 
_struct_conn.ptnr2_symmetry 
_struct_conn.pdbx_ptnr3_label_atom_id 
_struct_conn.pdbx_ptnr3_label_seq_id 
_struct_conn.pdbx_ptnr3_label_comp_id 
_struct_conn.pdbx_ptnr3_label_asym_id 
_struct_conn.pdbx_ptnr3_label_alt_id 
_struct_conn.pdbx_ptnr3_PDB_ins_code 
_struct_conn.details 
_struct_conn.pdbx_dist_value 
_struct_conn.pdbx_value_order 
_struct_conn.pdbx_role 
disulf1 disulf ?    ? A CYS 19 SG ? ? ? 1_555 A CYS 68  SG ? ? X CYS 19 X CYS 68  1_555 ? ? ? ? ? ? ? 2.041 ? ? 
disulf2 disulf ?    ? A CYS 30 SG ? ? ? 1_555 A CYS 75  SG ? ? X CYS 30 X CYS 75  1_555 ? ? ? ? ? ? ? 2.039 ? ? 
disulf3 disulf ?    ? A CYS 48 SG ? ? ? 1_555 A CYS 90  SG ? ? X CYS 48 X CYS 90  1_555 ? ? ? ? ? ? ? 2.029 ? ? 
disulf4 disulf ?    ? A CYS 87 SG ? ? ? 1_555 A CYS 104 SG ? ? X CYS 87 X CYS 104 1_555 ? ? ? ? ? ? ? 2.041 ? ? 
covale1 covale both ? A PCA 1  C  ? ? ? 1_555 A ASP 2   N  ? ? X PCA 1  X ASP 2   1_555 ? ? ? ? ? ? ? 1.325 ? ? 
# 
loop_
_struct_conn_type.id 
_struct_conn_type.criteria 
_struct_conn_type.reference 
disulf ? ? 
covale ? ? 
# 
loop_
_pdbx_modification_feature.ordinal 
_pdbx_modification_feature.label_comp_id 
_pdbx_modification_feature.label_asym_id 
_pdbx_modification_feature.label_seq_id 
_pdbx_modification_feature.label_alt_id 
_pdbx_modification_feature.modified_residue_label_comp_id 
_pdbx_modification_feature.modified_residue_label_asym_id 
_pdbx_modification_feature.modified_residue_label_seq_id 
_pdbx_modification_feature.modified_residue_label_alt_id 
_pdbx_modification_feature.auth_comp_id 
_pdbx_modification_feature.auth_asym_id 
_pdbx_modification_feature.auth_seq_id 
_pdbx_modification_feature.PDB_ins_code 
_pdbx_modification_feature.symmetry 
_pdbx_modification_feature.modified_residue_auth_comp_id 
_pdbx_modification_feature.modified_residue_auth_asym_id 
_pdbx_modification_feature.modified_residue_auth_seq_id 
_pdbx_modification_feature.modified_residue_PDB_ins_code 
_pdbx_modification_feature.modified_residue_symmetry 
_pdbx_modification_feature.comp_id_linking_atom 
_pdbx_modification_feature.modified_residue_id_linking_atom 
_pdbx_modification_feature.modified_residue_id 
_pdbx_modification_feature.ref_pcm_id 
_pdbx_modification_feature.ref_comp_id 
_pdbx_modification_feature.type 
_pdbx_modification_feature.category 
1 PCA A 1  ? .   . .   . PCA X 1  ? 1_555 .   . .   . .     .  .  GLN 1 PCA 'Pyrrolidone carboxylic acid' 
'Named protein modification' 
2 CYS A 19 ? CYS A 68  ? CYS X 19 ? 1_555 CYS X 68  ? 1_555 SG SG .   . .   None                          'Disulfide bridge' 
3 CYS A 30 ? CYS A 75  ? CYS X 30 ? 1_555 CYS X 75  ? 1_555 SG SG .   . .   None                          'Disulfide bridge' 
4 CYS A 48 ? CYS A 90  ? CYS X 48 ? 1_555 CYS X 90  ? 1_555 SG SG .   . .   None                          'Disulfide bridge' 
5 CYS A 87 ? CYS A 104 ? CYS X 87 ? 1_555 CYS X 104 ? 1_555 SG SG .   . .   None                          'Disulfide bridge' 
# 
loop_
_struct_sheet.id 
_struct_sheet.type 
_struct_sheet.number_strands 
_struct_sheet.details 
A ? 4 ? 
B ? 3 ? 
# 
loop_
_struct_sheet_order.sheet_id 
_struct_sheet_order.range_id_1 
_struct_sheet_order.range_id_2 
_struct_sheet_order.offset 
_struct_sheet_order.sense 
A 1 2 ? parallel      
A 2 3 ? anti-parallel 
A 3 4 ? anti-parallel 
B 1 2 ? anti-parallel 
B 2 3 ? anti-parallel 
# 
loop_
_struct_sheet_range.sheet_id 
_struct_sheet_range.id 
_struct_sheet_range.beg_label_comp_id 
_struct_sheet_range.beg_label_asym_id 
_struct_sheet_range.beg_label_seq_id 
_struct_sheet_range.pdbx_beg_PDB_ins_code 
_struct_sheet_range.end_label_comp_id 
_struct_sheet_range.end_label_asym_id 
_struct_sheet_range.end_label_seq_id 
_struct_sheet_range.pdbx_end_PDB_ins_code 
_struct_sheet_range.beg_auth_comp_id 
_struct_sheet_range.beg_auth_asym_id 
_struct_sheet_range.beg_auth_seq_id 
_struct_sheet_range.end_auth_comp_id 
_struct_sheet_range.end_auth_asym_id 
_struct_sheet_range.end_auth_seq_id 
A 1 ILE A 11 ? THR A 12  ? ILE X 11 THR X 12  
A 2 LYS A 33 ? TYR A 38  ? LYS X 33 TYR X 38  
A 3 PHE A 63 ? VAL A 70  ? PHE X 63 VAL X 70  
A 4 TYR A 77 ? ASN A 84  ? TYR X 77 ASN X 84  
B 1 LYS A 55 ? LEU A 58  ? LYS X 55 LEU X 58  
B 2 PHE A 86 ? GLU A 91  ? PHE X 86 GLU X 91  
B 3 ALA A 94 ? VAL A 101 ? ALA X 94 VAL X 101 
# 
loop_
_pdbx_struct_sheet_hbond.sheet_id 
_pdbx_struct_sheet_hbond.range_id_1 
_pdbx_struct_sheet_hbond.range_id_2 
_pdbx_struct_sheet_hbond.range_1_label_atom_id 
_pdbx_struct_sheet_hbond.range_1_label_comp_id 
_pdbx_struct_sheet_hbond.range_1_label_asym_id 
_pdbx_struct_sheet_hbond.range_1_label_seq_id 
_pdbx_struct_sheet_hbond.range_1_PDB_ins_code 
_pdbx_struct_sheet_hbond.range_1_auth_atom_id 
_pdbx_struct_sheet_hbond.range_1_auth_comp_id 
_pdbx_struct_sheet_hbond.range_1_auth_asym_id 
_pdbx_struct_sheet_hbond.range_1_auth_seq_id 
_pdbx_struct_sheet_hbond.range_2_label_atom_id 
_pdbx_struct_sheet_hbond.range_2_label_comp_id 
_pdbx_struct_sheet_hbond.range_2_label_asym_id 
_pdbx_struct_sheet_hbond.range_2_label_seq_id 
_pdbx_struct_sheet_hbond.range_2_PDB_ins_code 
_pdbx_struct_sheet_hbond.range_2_auth_atom_id 
_pdbx_struct_sheet_hbond.range_2_auth_comp_id 
_pdbx_struct_sheet_hbond.range_2_auth_asym_id 
_pdbx_struct_sheet_hbond.range_2_auth_seq_id 
A 1 2 N THR A 12 ? N THR X 12 O ILE A 37  ? O ILE X 37  
A 2 3 N PHE A 36 ? N PHE X 36 O SER A 66  ? O SER X 66  
A 3 4 N LEU A 65 ? N LEU X 65 O SER A 82  ? O SER X 82  
B 1 2 N LYS A 55 ? N LYS X 55 O CYS A 90  ? O CYS X 90  
B 2 3 N CYS A 87 ? N CYS X 87 O GLY A 100 ? O GLY X 100 
# 
_pdbx_entry_details.entry_id                   2I5S 
_pdbx_entry_details.compound_details           ? 
_pdbx_entry_details.source_details             ? 
_pdbx_entry_details.nonpolymer_details         ? 
_pdbx_entry_details.sequence_details           ? 
_pdbx_entry_details.has_ligand_of_interest     ? 
_pdbx_entry_details.has_protein_modification   Y 
# 
_pdbx_validate_torsion.id              1 
_pdbx_validate_torsion.PDB_model_num   1 
_pdbx_validate_torsion.auth_comp_id    ILE 
_pdbx_validate_torsion.auth_asym_id    X 
_pdbx_validate_torsion.auth_seq_id     52 
_pdbx_validate_torsion.PDB_ins_code    ? 
_pdbx_validate_torsion.label_alt_id    ? 
_pdbx_validate_torsion.phi             -97.14 
_pdbx_validate_torsion.psi             -61.18 
# 
_pdbx_SG_project.id                    1 
_pdbx_SG_project.project_name          'PSI, Protein Structure Initiative' 
_pdbx_SG_project.full_name_of_center   'Center for Eukaryotic Structural Genomics' 
_pdbx_SG_project.initial_of_center     CESG 
# 
_pdbx_struct_mod_residue.id               1 
_pdbx_struct_mod_residue.label_asym_id    A 
_pdbx_struct_mod_residue.label_comp_id    PCA 
_pdbx_struct_mod_residue.label_seq_id     1 
_pdbx_struct_mod_residue.auth_asym_id     X 
_pdbx_struct_mod_residue.auth_comp_id     PCA 
_pdbx_struct_mod_residue.auth_seq_id      1 
_pdbx_struct_mod_residue.PDB_ins_code     ? 
_pdbx_struct_mod_residue.parent_comp_id   GLN 
_pdbx_struct_mod_residue.details          'PYROGLUTAMIC ACID' 
# 
_pdbx_struct_special_symmetry.id              1 
_pdbx_struct_special_symmetry.PDB_model_num   1 
_pdbx_struct_special_symmetry.auth_asym_id    X 
_pdbx_struct_special_symmetry.auth_comp_id    HOH 
_pdbx_struct_special_symmetry.auth_seq_id     252 
_pdbx_struct_special_symmetry.PDB_ins_code    ? 
_pdbx_struct_special_symmetry.label_asym_id   C 
_pdbx_struct_special_symmetry.label_comp_id   HOH 
_pdbx_struct_special_symmetry.label_seq_id    . 
# 
_pdbx_phasing_MR.entry_id                     2I5S 
_pdbx_phasing_MR.method_rotation              ? 
_pdbx_phasing_MR.method_translation           ? 
_pdbx_phasing_MR.model_details                ? 
_pdbx_phasing_MR.R_factor                     0.569 
_pdbx_phasing_MR.R_rigid_body                 ? 
_pdbx_phasing_MR.correlation_coeff_Fo_to_Fc   0.230 
_pdbx_phasing_MR.correlation_coeff_Io_to_Ic   ? 
_pdbx_phasing_MR.d_res_high_rotation          3.000 
_pdbx_phasing_MR.d_res_low_rotation           32.490 
_pdbx_phasing_MR.d_res_high_translation       3.000 
_pdbx_phasing_MR.d_res_low_translation        32.490 
_pdbx_phasing_MR.packing                      ? 
_pdbx_phasing_MR.reflns_percent_rotation      ? 
_pdbx_phasing_MR.reflns_percent_translation   ? 
_pdbx_phasing_MR.sigma_F_rotation             ? 
_pdbx_phasing_MR.sigma_F_translation          ? 
_pdbx_phasing_MR.sigma_I_rotation             ? 
_pdbx_phasing_MR.sigma_I_translation          ? 
# 
_pdbx_unobs_or_zero_occ_residues.id               1 
_pdbx_unobs_or_zero_occ_residues.PDB_model_num    1 
_pdbx_unobs_or_zero_occ_residues.polymer_flag     Y 
_pdbx_unobs_or_zero_occ_residues.occupancy_flag   1 
_pdbx_unobs_or_zero_occ_residues.auth_asym_id     A 
_pdbx_unobs_or_zero_occ_residues.auth_comp_id     DA 
_pdbx_unobs_or_zero_occ_residues.auth_seq_id      1 
_pdbx_unobs_or_zero_occ_residues.PDB_ins_code     ? 
_pdbx_unobs_or_zero_occ_residues.label_asym_id    B 
_pdbx_unobs_or_zero_occ_residues.label_comp_id    DA 
_pdbx_unobs_or_zero_occ_residues.label_seq_id     1 
# 
loop_
_chem_comp_atom.comp_id 
_chem_comp_atom.atom_id 
_chem_comp_atom.type_symbol 
_chem_comp_atom.pdbx_aromatic_flag 
_chem_comp_atom.pdbx_stereo_config 
_chem_comp_atom.pdbx_ordinal 
ALA N      N N N 1   
ALA CA     C N S 2   
ALA C      C N N 3   
ALA O      O N N 4   
ALA CB     C N N 5   
ALA OXT    O N N 6   
ALA H      H N N 7   
ALA H2     H N N 8   
ALA HA     H N N 9   
ALA HB1    H N N 10  
ALA HB2    H N N 11  
ALA HB3    H N N 12  
ALA HXT    H N N 13  
ARG N      N N N 14  
ARG CA     C N S 15  
ARG C      C N N 16  
ARG O      O N N 17  
ARG CB     C N N 18  
ARG CG     C N N 19  
ARG CD     C N N 20  
ARG NE     N N N 21  
ARG CZ     C N N 22  
ARG NH1    N N N 23  
ARG NH2    N N N 24  
ARG OXT    O N N 25  
ARG H      H N N 26  
ARG H2     H N N 27  
ARG HA     H N N 28  
ARG HB2    H N N 29  
ARG HB3    H N N 30  
ARG HG2    H N N 31  
ARG HG3    H N N 32  
ARG HD2    H N N 33  
ARG HD3    H N N 34  
ARG HE     H N N 35  
ARG HH11   H N N 36  
ARG HH12   H N N 37  
ARG HH21   H N N 38  
ARG HH22   H N N 39  
ARG HXT    H N N 40  
ASN N      N N N 41  
ASN CA     C N S 42  
ASN C      C N N 43  
ASN O      O N N 44  
ASN CB     C N N 45  
ASN CG     C N N 46  
ASN OD1    O N N 47  
ASN ND2    N N N 48  
ASN OXT    O N N 49  
ASN H      H N N 50  
ASN H2     H N N 51  
ASN HA     H N N 52  
ASN HB2    H N N 53  
ASN HB3    H N N 54  
ASN HD21   H N N 55  
ASN HD22   H N N 56  
ASN HXT    H N N 57  
ASP N      N N N 58  
ASP CA     C N S 59  
ASP C      C N N 60  
ASP O      O N N 61  
ASP CB     C N N 62  
ASP CG     C N N 63  
ASP OD1    O N N 64  
ASP OD2    O N N 65  
ASP OXT    O N N 66  
ASP H      H N N 67  
ASP H2     H N N 68  
ASP HA     H N N 69  
ASP HB2    H N N 70  
ASP HB3    H N N 71  
ASP HD2    H N N 72  
ASP HXT    H N N 73  
CYS N      N N N 74  
CYS CA     C N R 75  
CYS C      C N N 76  
CYS O      O N N 77  
CYS CB     C N N 78  
CYS SG     S N N 79  
CYS OXT    O N N 80  
CYS H      H N N 81  
CYS H2     H N N 82  
CYS HA     H N N 83  
CYS HB2    H N N 84  
CYS HB3    H N N 85  
CYS HG     H N N 86  
CYS HXT    H N N 87  
DA  OP3    O N N 88  
DA  P      P N N 89  
DA  OP1    O N N 90  
DA  OP2    O N N 91  
DA  "O5'"  O N N 92  
DA  "C5'"  C N N 93  
DA  "C4'"  C N R 94  
DA  "O4'"  O N N 95  
DA  "C3'"  C N S 96  
DA  "O3'"  O N N 97  
DA  "C2'"  C N N 98  
DA  "C1'"  C N R 99  
DA  N9     N Y N 100 
DA  C8     C Y N 101 
DA  N7     N Y N 102 
DA  C5     C Y N 103 
DA  C6     C Y N 104 
DA  N6     N N N 105 
DA  N1     N Y N 106 
DA  C2     C Y N 107 
DA  N3     N Y N 108 
DA  C4     C Y N 109 
DA  HOP3   H N N 110 
DA  HOP2   H N N 111 
DA  "H5'"  H N N 112 
DA  "H5''" H N N 113 
DA  "H4'"  H N N 114 
DA  "H3'"  H N N 115 
DA  "HO3'" H N N 116 
DA  "H2'"  H N N 117 
DA  "H2''" H N N 118 
DA  "H1'"  H N N 119 
DA  H8     H N N 120 
DA  H61    H N N 121 
DA  H62    H N N 122 
DA  H2     H N N 123 
DG  OP3    O N N 124 
DG  P      P N N 125 
DG  OP1    O N N 126 
DG  OP2    O N N 127 
DG  "O5'"  O N N 128 
DG  "C5'"  C N N 129 
DG  "C4'"  C N R 130 
DG  "O4'"  O N N 131 
DG  "C3'"  C N S 132 
DG  "O3'"  O N N 133 
DG  "C2'"  C N N 134 
DG  "C1'"  C N R 135 
DG  N9     N Y N 136 
DG  C8     C Y N 137 
DG  N7     N Y N 138 
DG  C5     C Y N 139 
DG  C6     C N N 140 
DG  O6     O N N 141 
DG  N1     N N N 142 
DG  C2     C N N 143 
DG  N2     N N N 144 
DG  N3     N N N 145 
DG  C4     C Y N 146 
DG  HOP3   H N N 147 
DG  HOP2   H N N 148 
DG  "H5'"  H N N 149 
DG  "H5''" H N N 150 
DG  "H4'"  H N N 151 
DG  "H3'"  H N N 152 
DG  "HO3'" H N N 153 
DG  "H2'"  H N N 154 
DG  "H2''" H N N 155 
DG  "H1'"  H N N 156 
DG  H8     H N N 157 
DG  H1     H N N 158 
DG  H21    H N N 159 
DG  H22    H N N 160 
DU  OP3    O N N 161 
DU  P      P N N 162 
DU  OP1    O N N 163 
DU  OP2    O N N 164 
DU  "O5'"  O N N 165 
DU  "C5'"  C N N 166 
DU  "C4'"  C N R 167 
DU  "O4'"  O N N 168 
DU  "C3'"  C N S 169 
DU  "O3'"  O N N 170 
DU  "C2'"  C N N 171 
DU  "C1'"  C N R 172 
DU  N1     N N N 173 
DU  C2     C N N 174 
DU  O2     O N N 175 
DU  N3     N N N 176 
DU  C4     C N N 177 
DU  O4     O N N 178 
DU  C5     C N N 179 
DU  C6     C N N 180 
DU  HOP3   H N N 181 
DU  HOP2   H N N 182 
DU  "H5'"  H N N 183 
DU  "H5''" H N N 184 
DU  "H4'"  H N N 185 
DU  "H3'"  H N N 186 
DU  "HO3'" H N N 187 
DU  "H2'"  H N N 188 
DU  "H2''" H N N 189 
DU  "H1'"  H N N 190 
DU  H3     H N N 191 
DU  H5     H N N 192 
DU  H6     H N N 193 
GLN N      N N N 194 
GLN CA     C N S 195 
GLN C      C N N 196 
GLN O      O N N 197 
GLN CB     C N N 198 
GLN CG     C N N 199 
GLN CD     C N N 200 
GLN OE1    O N N 201 
GLN NE2    N N N 202 
GLN OXT    O N N 203 
GLN H      H N N 204 
GLN H2     H N N 205 
GLN HA     H N N 206 
GLN HB2    H N N 207 
GLN HB3    H N N 208 
GLN HG2    H N N 209 
GLN HG3    H N N 210 
GLN HE21   H N N 211 
GLN HE22   H N N 212 
GLN HXT    H N N 213 
GLU N      N N N 214 
GLU CA     C N S 215 
GLU C      C N N 216 
GLU O      O N N 217 
GLU CB     C N N 218 
GLU CG     C N N 219 
GLU CD     C N N 220 
GLU OE1    O N N 221 
GLU OE2    O N N 222 
GLU OXT    O N N 223 
GLU H      H N N 224 
GLU H2     H N N 225 
GLU HA     H N N 226 
GLU HB2    H N N 227 
GLU HB3    H N N 228 
GLU HG2    H N N 229 
GLU HG3    H N N 230 
GLU HE2    H N N 231 
GLU HXT    H N N 232 
GLY N      N N N 233 
GLY CA     C N N 234 
GLY C      C N N 235 
GLY O      O N N 236 
GLY OXT    O N N 237 
GLY H      H N N 238 
GLY H2     H N N 239 
GLY HA2    H N N 240 
GLY HA3    H N N 241 
GLY HXT    H N N 242 
HIS N      N N N 243 
HIS CA     C N S 244 
HIS C      C N N 245 
HIS O      O N N 246 
HIS CB     C N N 247 
HIS CG     C Y N 248 
HIS ND1    N Y N 249 
HIS CD2    C Y N 250 
HIS CE1    C Y N 251 
HIS NE2    N Y N 252 
HIS OXT    O N N 253 
HIS H      H N N 254 
HIS H2     H N N 255 
HIS HA     H N N 256 
HIS HB2    H N N 257 
HIS HB3    H N N 258 
HIS HD1    H N N 259 
HIS HD2    H N N 260 
HIS HE1    H N N 261 
HIS HE2    H N N 262 
HIS HXT    H N N 263 
HOH O      O N N 264 
HOH H1     H N N 265 
HOH H2     H N N 266 
ILE N      N N N 267 
ILE CA     C N S 268 
ILE C      C N N 269 
ILE O      O N N 270 
ILE CB     C N S 271 
ILE CG1    C N N 272 
ILE CG2    C N N 273 
ILE CD1    C N N 274 
ILE OXT    O N N 275 
ILE H      H N N 276 
ILE H2     H N N 277 
ILE HA     H N N 278 
ILE HB     H N N 279 
ILE HG12   H N N 280 
ILE HG13   H N N 281 
ILE HG21   H N N 282 
ILE HG22   H N N 283 
ILE HG23   H N N 284 
ILE HD11   H N N 285 
ILE HD12   H N N 286 
ILE HD13   H N N 287 
ILE HXT    H N N 288 
LEU N      N N N 289 
LEU CA     C N S 290 
LEU C      C N N 291 
LEU O      O N N 292 
LEU CB     C N N 293 
LEU CG     C N N 294 
LEU CD1    C N N 295 
LEU CD2    C N N 296 
LEU OXT    O N N 297 
LEU H      H N N 298 
LEU H2     H N N 299 
LEU HA     H N N 300 
LEU HB2    H N N 301 
LEU HB3    H N N 302 
LEU HG     H N N 303 
LEU HD11   H N N 304 
LEU HD12   H N N 305 
LEU HD13   H N N 306 
LEU HD21   H N N 307 
LEU HD22   H N N 308 
LEU HD23   H N N 309 
LEU HXT    H N N 310 
LYS N      N N N 311 
LYS CA     C N S 312 
LYS C      C N N 313 
LYS O      O N N 314 
LYS CB     C N N 315 
LYS CG     C N N 316 
LYS CD     C N N 317 
LYS CE     C N N 318 
LYS NZ     N N N 319 
LYS OXT    O N N 320 
LYS H      H N N 321 
LYS H2     H N N 322 
LYS HA     H N N 323 
LYS HB2    H N N 324 
LYS HB3    H N N 325 
LYS HG2    H N N 326 
LYS HG3    H N N 327 
LYS HD2    H N N 328 
LYS HD3    H N N 329 
LYS HE2    H N N 330 
LYS HE3    H N N 331 
LYS HZ1    H N N 332 
LYS HZ2    H N N 333 
LYS HZ3    H N N 334 
LYS HXT    H N N 335 
MET N      N N N 336 
MET CA     C N S 337 
MET C      C N N 338 
MET O      O N N 339 
MET CB     C N N 340 
MET CG     C N N 341 
MET SD     S N N 342 
MET CE     C N N 343 
MET OXT    O N N 344 
MET H      H N N 345 
MET H2     H N N 346 
MET HA     H N N 347 
MET HB2    H N N 348 
MET HB3    H N N 349 
MET HG2    H N N 350 
MET HG3    H N N 351 
MET HE1    H N N 352 
MET HE2    H N N 353 
MET HE3    H N N 354 
MET HXT    H N N 355 
PCA N      N N N 356 
PCA CA     C N S 357 
PCA CB     C N N 358 
PCA CG     C N N 359 
PCA CD     C N N 360 
PCA OE     O N N 361 
PCA C      C N N 362 
PCA O      O N N 363 
PCA OXT    O N N 364 
PCA H      H N N 365 
PCA HA     H N N 366 
PCA HB2    H N N 367 
PCA HB3    H N N 368 
PCA HG2    H N N 369 
PCA HG3    H N N 370 
PCA HXT    H N N 371 
PHE N      N N N 372 
PHE CA     C N S 373 
PHE C      C N N 374 
PHE O      O N N 375 
PHE CB     C N N 376 
PHE CG     C Y N 377 
PHE CD1    C Y N 378 
PHE CD2    C Y N 379 
PHE CE1    C Y N 380 
PHE CE2    C Y N 381 
PHE CZ     C Y N 382 
PHE OXT    O N N 383 
PHE H      H N N 384 
PHE H2     H N N 385 
PHE HA     H N N 386 
PHE HB2    H N N 387 
PHE HB3    H N N 388 
PHE HD1    H N N 389 
PHE HD2    H N N 390 
PHE HE1    H N N 391 
PHE HE2    H N N 392 
PHE HZ     H N N 393 
PHE HXT    H N N 394 
PRO N      N N N 395 
PRO CA     C N S 396 
PRO C      C N N 397 
PRO O      O N N 398 
PRO CB     C N N 399 
PRO CG     C N N 400 
PRO CD     C N N 401 
PRO OXT    O N N 402 
PRO H      H N N 403 
PRO HA     H N N 404 
PRO HB2    H N N 405 
PRO HB3    H N N 406 
PRO HG2    H N N 407 
PRO HG3    H N N 408 
PRO HD2    H N N 409 
PRO HD3    H N N 410 
PRO HXT    H N N 411 
SER N      N N N 412 
SER CA     C N S 413 
SER C      C N N 414 
SER O      O N N 415 
SER CB     C N N 416 
SER OG     O N N 417 
SER OXT    O N N 418 
SER H      H N N 419 
SER H2     H N N 420 
SER HA     H N N 421 
SER HB2    H N N 422 
SER HB3    H N N 423 
SER HG     H N N 424 
SER HXT    H N N 425 
THR N      N N N 426 
THR CA     C N S 427 
THR C      C N N 428 
THR O      O N N 429 
THR CB     C N R 430 
THR OG1    O N N 431 
THR CG2    C N N 432 
THR OXT    O N N 433 
THR H      H N N 434 
THR H2     H N N 435 
THR HA     H N N 436 
THR HB     H N N 437 
THR HG1    H N N 438 
THR HG21   H N N 439 
THR HG22   H N N 440 
THR HG23   H N N 441 
THR HXT    H N N 442 
TRP N      N N N 443 
TRP CA     C N S 444 
TRP C      C N N 445 
TRP O      O N N 446 
TRP CB     C N N 447 
TRP CG     C Y N 448 
TRP CD1    C Y N 449 
TRP CD2    C Y N 450 
TRP NE1    N Y N 451 
TRP CE2    C Y N 452 
TRP CE3    C Y N 453 
TRP CZ2    C Y N 454 
TRP CZ3    C Y N 455 
TRP CH2    C Y N 456 
TRP OXT    O N N 457 
TRP H      H N N 458 
TRP H2     H N N 459 
TRP HA     H N N 460 
TRP HB2    H N N 461 
TRP HB3    H N N 462 
TRP HD1    H N N 463 
TRP HE1    H N N 464 
TRP HE3    H N N 465 
TRP HZ2    H N N 466 
TRP HZ3    H N N 467 
TRP HH2    H N N 468 
TRP HXT    H N N 469 
TYR N      N N N 470 
TYR CA     C N S 471 
TYR C      C N N 472 
TYR O      O N N 473 
TYR CB     C N N 474 
TYR CG     C Y N 475 
TYR CD1    C Y N 476 
TYR CD2    C Y N 477 
TYR CE1    C Y N 478 
TYR CE2    C Y N 479 
TYR CZ     C Y N 480 
TYR OH     O N N 481 
TYR OXT    O N N 482 
TYR H      H N N 483 
TYR H2     H N N 484 
TYR HA     H N N 485 
TYR HB2    H N N 486 
TYR HB3    H N N 487 
TYR HD1    H N N 488 
TYR HD2    H N N 489 
TYR HE1    H N N 490 
TYR HE2    H N N 491 
TYR HH     H N N 492 
TYR HXT    H N N 493 
VAL N      N N N 494 
VAL CA     C N S 495 
VAL C      C N N 496 
VAL O      O N N 497 
VAL CB     C N N 498 
VAL CG1    C N N 499 
VAL CG2    C N N 500 
VAL OXT    O N N 501 
VAL H      H N N 502 
VAL H2     H N N 503 
VAL HA     H N N 504 
VAL HB     H N N 505 
VAL HG11   H N N 506 
VAL HG12   H N N 507 
VAL HG13   H N N 508 
VAL HG21   H N N 509 
VAL HG22   H N N 510 
VAL HG23   H N N 511 
VAL HXT    H N N 512 
# 
loop_
_chem_comp_bond.comp_id 
_chem_comp_bond.atom_id_1 
_chem_comp_bond.atom_id_2 
_chem_comp_bond.value_order 
_chem_comp_bond.pdbx_aromatic_flag 
_chem_comp_bond.pdbx_stereo_config 
_chem_comp_bond.pdbx_ordinal 
ALA N     CA     sing N N 1   
ALA N     H      sing N N 2   
ALA N     H2     sing N N 3   
ALA CA    C      sing N N 4   
ALA CA    CB     sing N N 5   
ALA CA    HA     sing N N 6   
ALA C     O      doub N N 7   
ALA C     OXT    sing N N 8   
ALA CB    HB1    sing N N 9   
ALA CB    HB2    sing N N 10  
ALA CB    HB3    sing N N 11  
ALA OXT   HXT    sing N N 12  
ARG N     CA     sing N N 13  
ARG N     H      sing N N 14  
ARG N     H2     sing N N 15  
ARG CA    C      sing N N 16  
ARG CA    CB     sing N N 17  
ARG CA    HA     sing N N 18  
ARG C     O      doub N N 19  
ARG C     OXT    sing N N 20  
ARG CB    CG     sing N N 21  
ARG CB    HB2    sing N N 22  
ARG CB    HB3    sing N N 23  
ARG CG    CD     sing N N 24  
ARG CG    HG2    sing N N 25  
ARG CG    HG3    sing N N 26  
ARG CD    NE     sing N N 27  
ARG CD    HD2    sing N N 28  
ARG CD    HD3    sing N N 29  
ARG NE    CZ     sing N N 30  
ARG NE    HE     sing N N 31  
ARG CZ    NH1    sing N N 32  
ARG CZ    NH2    doub N N 33  
ARG NH1   HH11   sing N N 34  
ARG NH1   HH12   sing N N 35  
ARG NH2   HH21   sing N N 36  
ARG NH2   HH22   sing N N 37  
ARG OXT   HXT    sing N N 38  
ASN N     CA     sing N N 39  
ASN N     H      sing N N 40  
ASN N     H2     sing N N 41  
ASN CA    C      sing N N 42  
ASN CA    CB     sing N N 43  
ASN CA    HA     sing N N 44  
ASN C     O      doub N N 45  
ASN C     OXT    sing N N 46  
ASN CB    CG     sing N N 47  
ASN CB    HB2    sing N N 48  
ASN CB    HB3    sing N N 49  
ASN CG    OD1    doub N N 50  
ASN CG    ND2    sing N N 51  
ASN ND2   HD21   sing N N 52  
ASN ND2   HD22   sing N N 53  
ASN OXT   HXT    sing N N 54  
ASP N     CA     sing N N 55  
ASP N     H      sing N N 56  
ASP N     H2     sing N N 57  
ASP CA    C      sing N N 58  
ASP CA    CB     sing N N 59  
ASP CA    HA     sing N N 60  
ASP C     O      doub N N 61  
ASP C     OXT    sing N N 62  
ASP CB    CG     sing N N 63  
ASP CB    HB2    sing N N 64  
ASP CB    HB3    sing N N 65  
ASP CG    OD1    doub N N 66  
ASP CG    OD2    sing N N 67  
ASP OD2   HD2    sing N N 68  
ASP OXT   HXT    sing N N 69  
CYS N     CA     sing N N 70  
CYS N     H      sing N N 71  
CYS N     H2     sing N N 72  
CYS CA    C      sing N N 73  
CYS CA    CB     sing N N 74  
CYS CA    HA     sing N N 75  
CYS C     O      doub N N 76  
CYS C     OXT    sing N N 77  
CYS CB    SG     sing N N 78  
CYS CB    HB2    sing N N 79  
CYS CB    HB3    sing N N 80  
CYS SG    HG     sing N N 81  
CYS OXT   HXT    sing N N 82  
DA  OP3   P      sing N N 83  
DA  OP3   HOP3   sing N N 84  
DA  P     OP1    doub N N 85  
DA  P     OP2    sing N N 86  
DA  P     "O5'"  sing N N 87  
DA  OP2   HOP2   sing N N 88  
DA  "O5'" "C5'"  sing N N 89  
DA  "C5'" "C4'"  sing N N 90  
DA  "C5'" "H5'"  sing N N 91  
DA  "C5'" "H5''" sing N N 92  
DA  "C4'" "O4'"  sing N N 93  
DA  "C4'" "C3'"  sing N N 94  
DA  "C4'" "H4'"  sing N N 95  
DA  "O4'" "C1'"  sing N N 96  
DA  "C3'" "O3'"  sing N N 97  
DA  "C3'" "C2'"  sing N N 98  
DA  "C3'" "H3'"  sing N N 99  
DA  "O3'" "HO3'" sing N N 100 
DA  "C2'" "C1'"  sing N N 101 
DA  "C2'" "H2'"  sing N N 102 
DA  "C2'" "H2''" sing N N 103 
DA  "C1'" N9     sing N N 104 
DA  "C1'" "H1'"  sing N N 105 
DA  N9    C8     sing Y N 106 
DA  N9    C4     sing Y N 107 
DA  C8    N7     doub Y N 108 
DA  C8    H8     sing N N 109 
DA  N7    C5     sing Y N 110 
DA  C5    C6     sing Y N 111 
DA  C5    C4     doub Y N 112 
DA  C6    N6     sing N N 113 
DA  C6    N1     doub Y N 114 
DA  N6    H61    sing N N 115 
DA  N6    H62    sing N N 116 
DA  N1    C2     sing Y N 117 
DA  C2    N3     doub Y N 118 
DA  C2    H2     sing N N 119 
DA  N3    C4     sing Y N 120 
DG  OP3   P      sing N N 121 
DG  OP3   HOP3   sing N N 122 
DG  P     OP1    doub N N 123 
DG  P     OP2    sing N N 124 
DG  P     "O5'"  sing N N 125 
DG  OP2   HOP2   sing N N 126 
DG  "O5'" "C5'"  sing N N 127 
DG  "C5'" "C4'"  sing N N 128 
DG  "C5'" "H5'"  sing N N 129 
DG  "C5'" "H5''" sing N N 130 
DG  "C4'" "O4'"  sing N N 131 
DG  "C4'" "C3'"  sing N N 132 
DG  "C4'" "H4'"  sing N N 133 
DG  "O4'" "C1'"  sing N N 134 
DG  "C3'" "O3'"  sing N N 135 
DG  "C3'" "C2'"  sing N N 136 
DG  "C3'" "H3'"  sing N N 137 
DG  "O3'" "HO3'" sing N N 138 
DG  "C2'" "C1'"  sing N N 139 
DG  "C2'" "H2'"  sing N N 140 
DG  "C2'" "H2''" sing N N 141 
DG  "C1'" N9     sing N N 142 
DG  "C1'" "H1'"  sing N N 143 
DG  N9    C8     sing Y N 144 
DG  N9    C4     sing Y N 145 
DG  C8    N7     doub Y N 146 
DG  C8    H8     sing N N 147 
DG  N7    C5     sing Y N 148 
DG  C5    C6     sing N N 149 
DG  C5    C4     doub Y N 150 
DG  C6    O6     doub N N 151 
DG  C6    N1     sing N N 152 
DG  N1    C2     sing N N 153 
DG  N1    H1     sing N N 154 
DG  C2    N2     sing N N 155 
DG  C2    N3     doub N N 156 
DG  N2    H21    sing N N 157 
DG  N2    H22    sing N N 158 
DG  N3    C4     sing N N 159 
DU  OP3   P      sing N N 160 
DU  OP3   HOP3   sing N N 161 
DU  P     OP1    doub N N 162 
DU  P     OP2    sing N N 163 
DU  P     "O5'"  sing N N 164 
DU  OP2   HOP2   sing N N 165 
DU  "O5'" "C5'"  sing N N 166 
DU  "C5'" "C4'"  sing N N 167 
DU  "C5'" "H5'"  sing N N 168 
DU  "C5'" "H5''" sing N N 169 
DU  "C4'" "O4'"  sing N N 170 
DU  "C4'" "C3'"  sing N N 171 
DU  "C4'" "H4'"  sing N N 172 
DU  "O4'" "C1'"  sing N N 173 
DU  "C3'" "O3'"  sing N N 174 
DU  "C3'" "C2'"  sing N N 175 
DU  "C3'" "H3'"  sing N N 176 
DU  "O3'" "HO3'" sing N N 177 
DU  "C2'" "C1'"  sing N N 178 
DU  "C2'" "H2'"  sing N N 179 
DU  "C2'" "H2''" sing N N 180 
DU  "C1'" N1     sing N N 181 
DU  "C1'" "H1'"  sing N N 182 
DU  N1    C2     sing N N 183 
DU  N1    C6     sing N N 184 
DU  C2    O2     doub N N 185 
DU  C2    N3     sing N N 186 
DU  N3    C4     sing N N 187 
DU  N3    H3     sing N N 188 
DU  C4    O4     doub N N 189 
DU  C4    C5     sing N N 190 
DU  C5    C6     doub N N 191 
DU  C5    H5     sing N N 192 
DU  C6    H6     sing N N 193 
GLN N     CA     sing N N 194 
GLN N     H      sing N N 195 
GLN N     H2     sing N N 196 
GLN CA    C      sing N N 197 
GLN CA    CB     sing N N 198 
GLN CA    HA     sing N N 199 
GLN C     O      doub N N 200 
GLN C     OXT    sing N N 201 
GLN CB    CG     sing N N 202 
GLN CB    HB2    sing N N 203 
GLN CB    HB3    sing N N 204 
GLN CG    CD     sing N N 205 
GLN CG    HG2    sing N N 206 
GLN CG    HG3    sing N N 207 
GLN CD    OE1    doub N N 208 
GLN CD    NE2    sing N N 209 
GLN NE2   HE21   sing N N 210 
GLN NE2   HE22   sing N N 211 
GLN OXT   HXT    sing N N 212 
GLU N     CA     sing N N 213 
GLU N     H      sing N N 214 
GLU N     H2     sing N N 215 
GLU CA    C      sing N N 216 
GLU CA    CB     sing N N 217 
GLU CA    HA     sing N N 218 
GLU C     O      doub N N 219 
GLU C     OXT    sing N N 220 
GLU CB    CG     sing N N 221 
GLU CB    HB2    sing N N 222 
GLU CB    HB3    sing N N 223 
GLU CG    CD     sing N N 224 
GLU CG    HG2    sing N N 225 
GLU CG    HG3    sing N N 226 
GLU CD    OE1    doub N N 227 
GLU CD    OE2    sing N N 228 
GLU OE2   HE2    sing N N 229 
GLU OXT   HXT    sing N N 230 
GLY N     CA     sing N N 231 
GLY N     H      sing N N 232 
GLY N     H2     sing N N 233 
GLY CA    C      sing N N 234 
GLY CA    HA2    sing N N 235 
GLY CA    HA3    sing N N 236 
GLY C     O      doub N N 237 
GLY C     OXT    sing N N 238 
GLY OXT   HXT    sing N N 239 
HIS N     CA     sing N N 240 
HIS N     H      sing N N 241 
HIS N     H2     sing N N 242 
HIS CA    C      sing N N 243 
HIS CA    CB     sing N N 244 
HIS CA    HA     sing N N 245 
HIS C     O      doub N N 246 
HIS C     OXT    sing N N 247 
HIS CB    CG     sing N N 248 
HIS CB    HB2    sing N N 249 
HIS CB    HB3    sing N N 250 
HIS CG    ND1    sing Y N 251 
HIS CG    CD2    doub Y N 252 
HIS ND1   CE1    doub Y N 253 
HIS ND1   HD1    sing N N 254 
HIS CD2   NE2    sing Y N 255 
HIS CD2   HD2    sing N N 256 
HIS CE1   NE2    sing Y N 257 
HIS CE1   HE1    sing N N 258 
HIS NE2   HE2    sing N N 259 
HIS OXT   HXT    sing N N 260 
HOH O     H1     sing N N 261 
HOH O     H2     sing N N 262 
ILE N     CA     sing N N 263 
ILE N     H      sing N N 264 
ILE N     H2     sing N N 265 
ILE CA    C      sing N N 266 
ILE CA    CB     sing N N 267 
ILE CA    HA     sing N N 268 
ILE C     O      doub N N 269 
ILE C     OXT    sing N N 270 
ILE CB    CG1    sing N N 271 
ILE CB    CG2    sing N N 272 
ILE CB    HB     sing N N 273 
ILE CG1   CD1    sing N N 274 
ILE CG1   HG12   sing N N 275 
ILE CG1   HG13   sing N N 276 
ILE CG2   HG21   sing N N 277 
ILE CG2   HG22   sing N N 278 
ILE CG2   HG23   sing N N 279 
ILE CD1   HD11   sing N N 280 
ILE CD1   HD12   sing N N 281 
ILE CD1   HD13   sing N N 282 
ILE OXT   HXT    sing N N 283 
LEU N     CA     sing N N 284 
LEU N     H      sing N N 285 
LEU N     H2     sing N N 286 
LEU CA    C      sing N N 287 
LEU CA    CB     sing N N 288 
LEU CA    HA     sing N N 289 
LEU C     O      doub N N 290 
LEU C     OXT    sing N N 291 
LEU CB    CG     sing N N 292 
LEU CB    HB2    sing N N 293 
LEU CB    HB3    sing N N 294 
LEU CG    CD1    sing N N 295 
LEU CG    CD2    sing N N 296 
LEU CG    HG     sing N N 297 
LEU CD1   HD11   sing N N 298 
LEU CD1   HD12   sing N N 299 
LEU CD1   HD13   sing N N 300 
LEU CD2   HD21   sing N N 301 
LEU CD2   HD22   sing N N 302 
LEU CD2   HD23   sing N N 303 
LEU OXT   HXT    sing N N 304 
LYS N     CA     sing N N 305 
LYS N     H      sing N N 306 
LYS N     H2     sing N N 307 
LYS CA    C      sing N N 308 
LYS CA    CB     sing N N 309 
LYS CA    HA     sing N N 310 
LYS C     O      doub N N 311 
LYS C     OXT    sing N N 312 
LYS CB    CG     sing N N 313 
LYS CB    HB2    sing N N 314 
LYS CB    HB3    sing N N 315 
LYS CG    CD     sing N N 316 
LYS CG    HG2    sing N N 317 
LYS CG    HG3    sing N N 318 
LYS CD    CE     sing N N 319 
LYS CD    HD2    sing N N 320 
LYS CD    HD3    sing N N 321 
LYS CE    NZ     sing N N 322 
LYS CE    HE2    sing N N 323 
LYS CE    HE3    sing N N 324 
LYS NZ    HZ1    sing N N 325 
LYS NZ    HZ2    sing N N 326 
LYS NZ    HZ3    sing N N 327 
LYS OXT   HXT    sing N N 328 
MET N     CA     sing N N 329 
MET N     H      sing N N 330 
MET N     H2     sing N N 331 
MET CA    C      sing N N 332 
MET CA    CB     sing N N 333 
MET CA    HA     sing N N 334 
MET C     O      doub N N 335 
MET C     OXT    sing N N 336 
MET CB    CG     sing N N 337 
MET CB    HB2    sing N N 338 
MET CB    HB3    sing N N 339 
MET CG    SD     sing N N 340 
MET CG    HG2    sing N N 341 
MET CG    HG3    sing N N 342 
MET SD    CE     sing N N 343 
MET CE    HE1    sing N N 344 
MET CE    HE2    sing N N 345 
MET CE    HE3    sing N N 346 
MET OXT   HXT    sing N N 347 
PCA N     CA     sing N N 348 
PCA N     CD     sing N N 349 
PCA N     H      sing N N 350 
PCA CA    CB     sing N N 351 
PCA CA    C      sing N N 352 
PCA CA    HA     sing N N 353 
PCA CB    CG     sing N N 354 
PCA CB    HB2    sing N N 355 
PCA CB    HB3    sing N N 356 
PCA CG    CD     sing N N 357 
PCA CG    HG2    sing N N 358 
PCA CG    HG3    sing N N 359 
PCA CD    OE     doub N N 360 
PCA C     O      doub N N 361 
PCA C     OXT    sing N N 362 
PCA OXT   HXT    sing N N 363 
PHE N     CA     sing N N 364 
PHE N     H      sing N N 365 
PHE N     H2     sing N N 366 
PHE CA    C      sing N N 367 
PHE CA    CB     sing N N 368 
PHE CA    HA     sing N N 369 
PHE C     O      doub N N 370 
PHE C     OXT    sing N N 371 
PHE CB    CG     sing N N 372 
PHE CB    HB2    sing N N 373 
PHE CB    HB3    sing N N 374 
PHE CG    CD1    doub Y N 375 
PHE CG    CD2    sing Y N 376 
PHE CD1   CE1    sing Y N 377 
PHE CD1   HD1    sing N N 378 
PHE CD2   CE2    doub Y N 379 
PHE CD2   HD2    sing N N 380 
PHE CE1   CZ     doub Y N 381 
PHE CE1   HE1    sing N N 382 
PHE CE2   CZ     sing Y N 383 
PHE CE2   HE2    sing N N 384 
PHE CZ    HZ     sing N N 385 
PHE OXT   HXT    sing N N 386 
PRO N     CA     sing N N 387 
PRO N     CD     sing N N 388 
PRO N     H      sing N N 389 
PRO CA    C      sing N N 390 
PRO CA    CB     sing N N 391 
PRO CA    HA     sing N N 392 
PRO C     O      doub N N 393 
PRO C     OXT    sing N N 394 
PRO CB    CG     sing N N 395 
PRO CB    HB2    sing N N 396 
PRO CB    HB3    sing N N 397 
PRO CG    CD     sing N N 398 
PRO CG    HG2    sing N N 399 
PRO CG    HG3    sing N N 400 
PRO CD    HD2    sing N N 401 
PRO CD    HD3    sing N N 402 
PRO OXT   HXT    sing N N 403 
SER N     CA     sing N N 404 
SER N     H      sing N N 405 
SER N     H2     sing N N 406 
SER CA    C      sing N N 407 
SER CA    CB     sing N N 408 
SER CA    HA     sing N N 409 
SER C     O      doub N N 410 
SER C     OXT    sing N N 411 
SER CB    OG     sing N N 412 
SER CB    HB2    sing N N 413 
SER CB    HB3    sing N N 414 
SER OG    HG     sing N N 415 
SER OXT   HXT    sing N N 416 
THR N     CA     sing N N 417 
THR N     H      sing N N 418 
THR N     H2     sing N N 419 
THR CA    C      sing N N 420 
THR CA    CB     sing N N 421 
THR CA    HA     sing N N 422 
THR C     O      doub N N 423 
THR C     OXT    sing N N 424 
THR CB    OG1    sing N N 425 
THR CB    CG2    sing N N 426 
THR CB    HB     sing N N 427 
THR OG1   HG1    sing N N 428 
THR CG2   HG21   sing N N 429 
THR CG2   HG22   sing N N 430 
THR CG2   HG23   sing N N 431 
THR OXT   HXT    sing N N 432 
TRP N     CA     sing N N 433 
TRP N     H      sing N N 434 
TRP N     H2     sing N N 435 
TRP CA    C      sing N N 436 
TRP CA    CB     sing N N 437 
TRP CA    HA     sing N N 438 
TRP C     O      doub N N 439 
TRP C     OXT    sing N N 440 
TRP CB    CG     sing N N 441 
TRP CB    HB2    sing N N 442 
TRP CB    HB3    sing N N 443 
TRP CG    CD1    doub Y N 444 
TRP CG    CD2    sing Y N 445 
TRP CD1   NE1    sing Y N 446 
TRP CD1   HD1    sing N N 447 
TRP CD2   CE2    doub Y N 448 
TRP CD2   CE3    sing Y N 449 
TRP NE1   CE2    sing Y N 450 
TRP NE1   HE1    sing N N 451 
TRP CE2   CZ2    sing Y N 452 
TRP CE3   CZ3    doub Y N 453 
TRP CE3   HE3    sing N N 454 
TRP CZ2   CH2    doub Y N 455 
TRP CZ2   HZ2    sing N N 456 
TRP CZ3   CH2    sing Y N 457 
TRP CZ3   HZ3    sing N N 458 
TRP CH2   HH2    sing N N 459 
TRP OXT   HXT    sing N N 460 
TYR N     CA     sing N N 461 
TYR N     H      sing N N 462 
TYR N     H2     sing N N 463 
TYR CA    C      sing N N 464 
TYR CA    CB     sing N N 465 
TYR CA    HA     sing N N 466 
TYR C     O      doub N N 467 
TYR C     OXT    sing N N 468 
TYR CB    CG     sing N N 469 
TYR CB    HB2    sing N N 470 
TYR CB    HB3    sing N N 471 
TYR CG    CD1    doub Y N 472 
TYR CG    CD2    sing Y N 473 
TYR CD1   CE1    sing Y N 474 
TYR CD1   HD1    sing N N 475 
TYR CD2   CE2    doub Y N 476 
TYR CD2   HD2    sing N N 477 
TYR CE1   CZ     doub Y N 478 
TYR CE1   HE1    sing N N 479 
TYR CE2   CZ     sing Y N 480 
TYR CE2   HE2    sing N N 481 
TYR CZ    OH     sing N N 482 
TYR OH    HH     sing N N 483 
TYR OXT   HXT    sing N N 484 
VAL N     CA     sing N N 485 
VAL N     H      sing N N 486 
VAL N     H2     sing N N 487 
VAL CA    C      sing N N 488 
VAL CA    CB     sing N N 489 
VAL CA    HA     sing N N 490 
VAL C     O      doub N N 491 
VAL C     OXT    sing N N 492 
VAL CB    CG1    sing N N 493 
VAL CB    CG2    sing N N 494 
VAL CB    HB     sing N N 495 
VAL CG1   HG11   sing N N 496 
VAL CG1   HG12   sing N N 497 
VAL CG1   HG13   sing N N 498 
VAL CG2   HG21   sing N N 499 
VAL CG2   HG22   sing N N 500 
VAL CG2   HG23   sing N N 501 
VAL OXT   HXT    sing N N 502 
# 
_pdbx_initial_refinement_model.id               1 
_pdbx_initial_refinement_model.entity_id_list   ? 
_pdbx_initial_refinement_model.type             'experimental model' 
_pdbx_initial_refinement_model.source_name      PDB 
_pdbx_initial_refinement_model.accession_code   1ONC 
_pdbx_initial_refinement_model.details          'PDB ENTRY 1ONC' 
# 
_atom_sites.entry_id                    2I5S 
_atom_sites.fract_transf_matrix[1][1]   -0.00330688 
_atom_sites.fract_transf_matrix[1][2]   0.00051620 
_atom_sites.fract_transf_matrix[1][3]   0.00697673 
_atom_sites.fract_transf_matrix[2][1]   -0.03428200 
_atom_sites.fract_transf_matrix[2][2]   0.00426934 
_atom_sites.fract_transf_matrix[2][3]   -0.01656513 
_atom_sites.fract_transf_matrix[3][1]   -0.00398052 
_atom_sites.fract_transf_matrix[3][2]   -0.03052129 
_atom_sites.fract_transf_matrix[3][3]   0.00037153 
_atom_sites.fract_transf_vector[1]      0.133238 
_atom_sites.fract_transf_vector[2]      0.071481 
_atom_sites.fract_transf_vector[3]      0.419219 
# 
loop_
_atom_type.symbol 
C 
N 
O 
P 
S 
# 
loop_
_atom_site.group_PDB 
_atom_site.id 
_atom_site.type_symbol 
_atom_site.label_atom_id 
_atom_site.label_alt_id 
_atom_site.label_comp_id 
_atom_site.label_asym_id 
_atom_site.label_entity_id 
_atom_site.label_seq_id 
_atom_site.pdbx_PDB_ins_code 
_atom_site.Cartn_x 
_atom_site.Cartn_y 
_atom_site.Cartn_z 
_atom_site.occupancy 
_atom_site.B_iso_or_equiv 
_atom_site.pdbx_formal_charge 
_atom_site.auth_seq_id 
_atom_site.auth_comp_id 
_atom_site.auth_asym_id 
_atom_site.auth_atom_id 
_atom_site.pdbx_PDB_model_num 
HETATM 1    N N     . PCA A 1 1   ? -7.699  4.832   5.822   1.00 9.87  ? 1   PCA X N     1 
HETATM 2    C CA    . PCA A 1 1   ? -8.741  5.233   6.760   1.00 8.72  ? 1   PCA X CA    1 
HETATM 3    C CB    . PCA A 1 1   ? -9.290  6.609   6.367   1.00 10.59 ? 1   PCA X CB    1 
HETATM 4    C CG    . PCA A 1 1   ? -8.835  6.847   4.928   1.00 12.77 ? 1   PCA X CG    1 
HETATM 5    C CD    . PCA A 1 1   ? -7.738  5.807   4.770   1.00 9.07  ? 1   PCA X CD    1 
HETATM 6    O OE    . PCA A 1 1   ? -6.932  5.801   3.815   1.00 9.97  ? 1   PCA X OE    1 
HETATM 7    C C     . PCA A 1 1   ? -9.858  4.192   6.741   1.00 6.68  ? 1   PCA X C     1 
HETATM 8    O O     . PCA A 1 1   ? -10.540 3.994   7.741   1.00 6.15  ? 1   PCA X O     1 
ATOM   9    N N     . ASP A 1 2   ? -10.043 3.546   5.598   1.00 6.75  ? 2   ASP X N     1 
ATOM   10   C CA    . ASP A 1 2   ? -11.065 2.511   5.441   1.00 6.57  ? 2   ASP X CA    1 
ATOM   11   C C     . ASP A 1 2   ? -10.668 1.663   4.258   1.00 7.26  ? 2   ASP X C     1 
ATOM   12   O O     . ASP A 1 2   ? -9.707  1.993   3.500   1.00 6.56  ? 2   ASP X O     1 
ATOM   13   C CB    . ASP A 1 2   ? -12.497 3.124   5.259   1.00 7.52  ? 2   ASP X CB    1 
ATOM   14   C CG    . ASP A 1 2   ? -12.571 4.144   4.142   1.00 11.81 ? 2   ASP X CG    1 
ATOM   15   O OD1   . ASP A 1 2   ? -11.996 3.934   3.056   1.00 7.46  ? 2   ASP X OD1   1 
ATOM   16   O OD2   . ASP A 1 2   ? -13.197 5.188   4.358   1.00 11.90 ? 2   ASP X OD2   1 
ATOM   17   N N     . TRP A 1 3   ? -11.382 0.565   4.080   1.00 5.87  ? 3   TRP X N     1 
ATOM   18   C CA    . TRP A 1 3   ? -10.927 -0.424  3.099   1.00 7.30  ? 3   TRP X CA    1 
ATOM   19   C C     . TRP A 1 3   ? -11.136 0.089   1.677   1.00 6.81  ? 3   TRP X C     1 
ATOM   20   O O     . TRP A 1 3   ? -10.306 -0.099  0.814   1.00 8.46  ? 3   TRP X O     1 
ATOM   21   C CB    . TRP A 1 3   ? -11.621 -1.767  3.363   1.00 5.63  ? 3   TRP X CB    1 
ATOM   22   C CG    . TRP A 1 3   ? -11.516 -2.838  2.308   1.00 8.66  ? 3   TRP X CG    1 
ATOM   23   C CD1   . TRP A 1 3   ? -12.588 -3.490  1.709   1.00 9.98  ? 3   TRP X CD1   1 
ATOM   24   C CD2   . TRP A 1 3   ? -10.327 -3.446  1.765   1.00 10.08 ? 3   TRP X CD2   1 
ATOM   25   N NE1   . TRP A 1 3   ? -12.131 -4.454  0.832   1.00 7.94  ? 3   TRP X NE1   1 
ATOM   26   C CE2   . TRP A 1 3   ? -10.754 -4.434  0.826   1.00 12.33 ? 3   TRP X CE2   1 
ATOM   27   C CE3   . TRP A 1 3   ? -8.934  -3.249  1.960   1.00 8.96  ? 3   TRP X CE3   1 
ATOM   28   C CZ2   . TRP A 1 3   ? -9.854  -5.198  0.078   1.00 8.61  ? 3   TRP X CZ2   1 
ATOM   29   C CZ3   . TRP A 1 3   ? -8.036  -4.028  1.218   1.00 5.04  ? 3   TRP X CZ3   1 
ATOM   30   C CH2   . TRP A 1 3   ? -8.505  -5.005  0.291   1.00 11.85 ? 3   TRP X CH2   1 
ATOM   31   N N     . LEU A 1 4   ? -12.225 0.793   1.435   1.00 8.26  ? 4   LEU X N     1 
ATOM   32   C CA    . LEU A 1 4   ? -12.442 1.377   0.101   1.00 8.93  ? 4   LEU X CA    1 
ATOM   33   C C     . LEU A 1 4   ? -11.274 2.269   -0.288  1.00 7.91  ? 4   LEU X C     1 
ATOM   34   O O     . LEU A 1 4   ? -10.789 2.228   -1.420  1.00 7.35  ? 4   LEU X O     1 
ATOM   35   C CB    . LEU A 1 4   ? -13.715 2.233   0.081   1.00 9.93  ? 4   LEU X CB    1 
ATOM   36   C CG    . LEU A 1 4   ? -14.150 2.793   -1.279  1.00 14.23 ? 4   LEU X CG    1 
ATOM   37   C CD1   . LEU A 1 4   ? -14.582 1.657   -2.225  1.00 20.80 ? 4   LEU X CD1   1 
ATOM   38   C CD2   . LEU A 1 4   ? -15.307 3.784   -1.108  1.00 13.39 ? 4   LEU X CD2   1 
ATOM   39   N N     . THR A 1 5   ? -10.827 3.096   0.645   1.00 7.52  ? 5   THR X N     1 
ATOM   40   C CA    . THR A 1 5   ? -9.732  4.026   0.355   1.00 9.44  ? 5   THR X CA    1 
ATOM   41   C C     . THR A 1 5   ? -8.357  3.366   0.306   1.00 9.62  ? 5   THR X C     1 
ATOM   42   O O     . THR A 1 5   ? -7.485  3.762   -0.508  1.00 9.25  ? 5   THR X O     1 
ATOM   43   C CB    . THR A 1 5   ? -9.714  5.185   1.387   1.00 9.09  ? 5   THR X CB    1 
ATOM   44   O OG1   . THR A 1 5   ? -11.031 5.750   1.469   1.00 11.95 ? 5   THR X OG1   1 
ATOM   45   C CG2   . THR A 1 5   ? -8.686  6.246   1.006   1.00 10.03 ? 5   THR X CG2   1 
ATOM   46   N N     . PHE A 1 6   ? -8.162  2.363   1.173   1.00 9.10  ? 6   PHE X N     1 
ATOM   47   C CA    . PHE A 1 6   ? -6.934  1.549   1.156   1.00 7.25  ? 6   PHE X CA    1 
ATOM   48   C C     . PHE A 1 6   ? -6.720  0.935   -0.220  1.00 7.69  ? 6   PHE X C     1 
ATOM   49   O O     . PHE A 1 6   ? -5.603  0.985   -0.766  1.00 6.73  ? 6   PHE X O     1 
ATOM   50   C CB    . PHE A 1 6   ? -6.975  0.479   2.255   1.00 5.57  ? 6   PHE X CB    1 
ATOM   51   C CG    . PHE A 1 6   ? -5.749  -0.389  2.292   1.00 5.96  ? 6   PHE X CG    1 
ATOM   52   C CD1   . PHE A 1 6   ? -5.566  -1.434  1.363   1.00 5.06  ? 6   PHE X CD1   1 
ATOM   53   C CD2   . PHE A 1 6   ? -4.762  -0.136  3.236   1.00 7.07  ? 6   PHE X CD2   1 
ATOM   54   C CE1   . PHE A 1 6   ? -4.383  -2.205  1.410   1.00 7.26  ? 6   PHE X CE1   1 
ATOM   55   C CE2   . PHE A 1 6   ? -3.600  -0.894  3.280   1.00 7.48  ? 6   PHE X CE2   1 
ATOM   56   C CZ    . PHE A 1 6   ? -3.427  -1.940  2.389   1.00 10.27 ? 6   PHE X CZ    1 
ATOM   57   N N     . GLN A 1 7   ? -7.782  0.366   -0.808  1.00 7.66  ? 7   GLN X N     1 
ATOM   58   C CA    . GLN A 1 7   ? -7.657  -0.167  -2.156  1.00 8.87  ? 7   GLN X CA    1 
ATOM   59   C C     . GLN A 1 7   ? -7.181  0.866   -3.171  1.00 8.83  ? 7   GLN X C     1 
ATOM   60   O O     . GLN A 1 7   ? -6.341  0.552   -4.018  1.00 9.69  ? 7   GLN X O     1 
ATOM   61   C CB    . GLN A 1 7   ? -8.969  -0.782  -2.642  1.00 10.32 ? 7   GLN X CB    1 
ATOM   62   C CG    . GLN A 1 7   ? -9.457  -1.980  -1.851  1.00 12.75 ? 7   GLN X CG    1 
ATOM   63   C CD    . GLN A 1 7   ? -10.902 -2.246  -2.188  1.00 18.45 ? 7   GLN X CD    1 
ATOM   64   O OE1   . GLN A 1 7   ? -11.204 -2.744  -3.268  1.00 18.30 ? 7   GLN X OE1   1 
ATOM   65   N NE2   . GLN A 1 7   ? -11.803 -1.875  -1.293  1.00 14.65 ? 7   GLN X NE2   1 
ATOM   66   N N     . LYS A 1 8   ? -7.744  2.082   -3.102  1.00 9.96  ? 8   LYS X N     1 
ATOM   67   C CA    . LYS A 1 8   ? -7.430  3.125   -4.068  1.00 10.68 ? 8   LYS X CA    1 
ATOM   68   C C     . LYS A 1 8   ? -5.979  3.561   -3.877  1.00 10.95 ? 8   LYS X C     1 
ATOM   69   O O     . LYS A 1 8   ? -5.282  3.858   -4.854  1.00 10.69 ? 8   LYS X O     1 
ATOM   70   C CB    . LYS A 1 8   ? -8.364  4.343   -3.904  1.00 9.66  ? 8   LYS X CB    1 
ATOM   71   C CG    . LYS A 1 8   ? -9.859  4.034   -4.155  1.00 13.02 ? 8   LYS X CG    1 
ATOM   72   C CD    . LYS A 1 8   ? -10.721 5.290   -4.020  1.00 13.25 ? 8   LYS X CD    1 
ATOM   73   C CE    . LYS A 1 8   ? -12.220 5.006   -4.151  1.00 20.44 ? 8   LYS X CE    1 
ATOM   74   N NZ    . LYS A 1 8   ? -12.569 3.995   -5.222  1.00 21.58 ? 8   LYS X NZ    1 
ATOM   75   N N     . LYS A 1 9   ? -5.535  3.597   -2.620  1.00 9.82  ? 9   LYS X N     1 
ATOM   76   C CA    . LYS A 1 9   ? -4.226  4.104   -2.281  1.00 10.11 ? 9   LYS X CA    1 
ATOM   77   C C     . LYS A 1 9   ? -3.111  3.064   -2.415  1.00 8.66  ? 9   LYS X C     1 
ATOM   78   O O     . LYS A 1 9   ? -1.960  3.422   -2.686  1.00 9.57  ? 9   LYS X O     1 
ATOM   79   C CB    . LYS A 1 9   ? -4.208  4.665   -0.840  1.00 8.86  ? 9   LYS X CB    1 
ATOM   80   C CG    . LYS A 1 9   ? -4.995  5.959   -0.572  1.00 9.83  ? 9   LYS X CG    1 
ATOM   81   C CD    . LYS A 1 9   ? -4.640  6.456   0.849   1.00 12.00 ? 9   LYS X CD    1 
ATOM   82   C CE    . LYS A 1 9   ? -5.374  7.709   1.303   1.00 12.92 ? 9   LYS X CE    1 
ATOM   83   N NZ    . LYS A 1 9   ? -5.346  7.818   2.803   1.00 15.66 ? 9   LYS X NZ    1 
ATOM   84   N N     . HIS A 1 10  ? -3.429  1.799   -2.164  1.00 6.46  ? 10  HIS X N     1 
ATOM   85   C CA    . HIS A 1 10  ? -2.363  0.794   -1.972  1.00 7.18  ? 10  HIS X CA    1 
ATOM   86   C C     . HIS A 1 10  ? -2.421  -0.484  -2.821  1.00 8.51  ? 10  HIS X C     1 
ATOM   87   O O     . HIS A 1 10  ? -1.545  -1.326  -2.688  1.00 10.57 ? 10  HIS X O     1 
ATOM   88   C CB    . HIS A 1 10  ? -2.247  0.429   -0.483  1.00 4.27  ? 10  HIS X CB    1 
ATOM   89   C CG    . HIS A 1 10  ? -1.886  1.594   0.395   1.00 7.45  ? 10  HIS X CG    1 
ATOM   90   N ND1   . HIS A 1 10  ? -0.654  2.204   0.353   1.00 9.70  ? 10  HIS X ND1   1 
ATOM   91   C CD2   . HIS A 1 10  ? -2.602  2.263   1.337   1.00 6.18  ? 10  HIS X CD2   1 
ATOM   92   C CE1   . HIS A 1 10  ? -0.617  3.193   1.227   1.00 11.16 ? 10  HIS X CE1   1 
ATOM   93   N NE2   . HIS A 1 10  ? -1.792  3.264   1.827   1.00 9.45  ? 10  HIS X NE2   1 
ATOM   94   N N     . ILE A 1 11  ? -3.412  -0.637  -3.704  1.00 9.04  ? 11  ILE X N     1 
ATOM   95   C CA    . ILE A 1 11  ? -3.492  -1.866  -4.514  1.00 10.21 ? 11  ILE X CA    1 
ATOM   96   C C     . ILE A 1 11  ? -3.354  -1.493  -5.970  1.00 11.84 ? 11  ILE X C     1 
ATOM   97   O O     . ILE A 1 11  ? -4.004  -0.546  -6.441  1.00 12.31 ? 11  ILE X O     1 
ATOM   98   C CB    . ILE A 1 11  ? -4.774  -2.691  -4.244  1.00 12.46 ? 11  ILE X CB    1 
ATOM   99   C CG1   . ILE A 1 11  ? -4.829  -3.079  -2.763  1.00 13.21 ? 11  ILE X CG1   1 
ATOM   100  C CG2   . ILE A 1 11  ? -4.788  -3.963  -5.115  1.00 17.74 ? 11  ILE X CG2   1 
ATOM   101  C CD1   . ILE A 1 11  ? -6.037  -3.917  -2.392  1.00 13.84 ? 11  ILE X CD1   1 
ATOM   102  N N     . THR A 1 12  ? -2.433  -2.164  -6.655  1.00 11.01 ? 12  THR X N     1 
ATOM   103  C CA    . THR A 1 12  ? -2.153  -1.825  -8.041  1.00 13.17 ? 12  THR X CA    1 
ATOM   104  C C     . THR A 1 12  ? -2.295  -3.057  -8.913  1.00 13.18 ? 12  THR X C     1 
ATOM   105  O O     . THR A 1 12  ? -2.017  -4.170  -8.492  1.00 15.02 ? 12  THR X O     1 
ATOM   106  C CB    . THR A 1 12  ? -0.762  -1.097  -8.232  1.00 11.48 ? 12  THR X CB    1 
ATOM   107  O OG1   . THR A 1 12  ? -0.618  -0.662  -9.596  1.00 16.16 ? 12  THR X OG1   1 
ATOM   108  C CG2   . THR A 1 12  ? 0.417   -2.001  -7.836  1.00 12.95 ? 12  THR X CG2   1 
ATOM   109  N N     . ASN A 1 13  ? -2.766  -2.856  -10.135 1.00 16.45 ? 13  ASN X N     1 
ATOM   110  C CA    . ASN A 1 13  ? -2.810  -3.967  -11.064 1.00 16.93 ? 13  ASN X CA    1 
ATOM   111  C C     . ASN A 1 13  ? -1.648  -3.902  -12.048 1.00 16.59 ? 13  ASN X C     1 
ATOM   112  O O     . ASN A 1 13  ? -1.618  -4.651  -13.025 1.00 18.38 ? 13  ASN X O     1 
ATOM   113  C CB    . ASN A 1 13  ? -4.161  -4.034  -11.764 1.00 20.53 ? 13  ASN X CB    1 
ATOM   114  C CG    . ASN A 1 13  ? -4.419  -2.846  -12.657 1.00 21.62 ? 13  ASN X CG    1 
ATOM   115  O OD1   . ASN A 1 13  ? -3.612  -1.916  -12.749 1.00 24.78 ? 13  ASN X OD1   1 
ATOM   116  N ND2   . ASN A 1 13  ? -5.560  -2.873  -13.342 1.00 34.16 ? 13  ASN X ND2   1 
ATOM   117  N N     . THR A 1 14  ? -0.699  -2.996  -11.792 1.00 14.66 ? 14  THR X N     1 
ATOM   118  C CA    . THR A 1 14  ? 0.579   -2.972  -12.510 1.00 14.96 ? 14  THR X CA    1 
ATOM   119  C C     . THR A 1 14  ? 1.740   -2.693  -11.542 1.00 15.80 ? 14  THR X C     1 
ATOM   120  O O     . THR A 1 14  ? 1.599   -1.874  -10.626 1.00 15.15 ? 14  THR X O     1 
ATOM   121  C CB    . THR A 1 14  ? 0.602   -1.946  -13.691 1.00 15.78 ? 14  THR X CB    1 
ATOM   122  O OG1   . THR A 1 14  ? 1.919   -1.893  -14.270 1.00 18.11 ? 14  THR X OG1   1 
ATOM   123  C CG2   . THR A 1 14  ? 0.210   -0.518  -13.234 1.00 15.43 ? 14  THR X CG2   1 
ATOM   124  N N     . ARG A 1 15  ? 2.877   -3.372  -11.743 1.00 14.06 ? 15  ARG X N     1 
ATOM   125  C CA    . ARG A 1 15  ? 4.085   -3.045  -10.986 1.00 13.18 ? 15  ARG X CA    1 
ATOM   126  C C     . ARG A 1 15  ? 4.646   -1.696  -11.402 1.00 14.44 ? 15  ARG X C     1 
ATOM   127  O O     . ARG A 1 15  ? 5.324   -1.033  -10.599 1.00 12.62 ? 15  ARG X O     1 
ATOM   128  C CB    . ARG A 1 15  ? 5.182   -4.114  -11.119 1.00 13.83 ? 15  ARG X CB    1 
ATOM   129  C CG    . ARG A 1 15  ? 4.825   -5.440  -10.474 1.00 12.42 ? 15  ARG X CG    1 
ATOM   130  C CD    . ARG A 1 15  ? 6.084   -6.211  -10.081 1.00 16.71 ? 15  ARG X CD    1 
ATOM   131  N NE    . ARG A 1 15  ? 6.579   -5.757  -8.779  1.00 13.43 ? 15  ARG X NE    1 
ATOM   132  C CZ    . ARG A 1 15  ? 7.751   -6.092  -8.254  1.00 14.28 ? 15  ARG X CZ    1 
ATOM   133  N NH1   . ARG A 1 15  ? 8.603   -6.895  -8.903  1.00 16.86 ? 15  ARG X NH1   1 
ATOM   134  N NH2   . ARG A 1 15  ? 8.077   -5.629  -7.060  1.00 14.38 ? 15  ARG X NH2   1 
ATOM   135  N N     . ASP A 1 16  ? 4.379   -1.298  -12.649 1.00 15.69 ? 16  ASP X N     1 
ATOM   136  C CA    . ASP A 1 16  ? 4.904   -0.047  -13.207 1.00 17.95 ? 16  ASP X CA    1 
ATOM   137  C C     . ASP A 1 16  ? 3.963   1.130   -12.951 1.00 18.48 ? 16  ASP X C     1 
ATOM   138  O O     . ASP A 1 16  ? 3.389   1.723   -13.872 1.00 16.61 ? 16  ASP X O     1 
ATOM   139  C CB    . ASP A 1 16  ? 5.218   -0.205  -14.701 1.00 18.68 ? 16  ASP X CB    1 
ATOM   140  C CG    . ASP A 1 16  ? 6.274   -1.254  -14.953 1.00 16.45 ? 16  ASP X CG    1 
ATOM   141  O OD1   . ASP A 1 16  ? 7.272   -1.299  -14.211 1.00 19.49 ? 16  ASP X OD1   1 
ATOM   142  O OD2   . ASP A 1 16  ? 6.111   -2.026  -15.896 1.00 21.91 ? 16  ASP X OD2   1 
ATOM   143  N N     . VAL A 1 17  ? 3.820   1.464   -11.673 1.00 17.69 ? 17  VAL X N     1 
ATOM   144  C CA    . VAL A 1 17  ? 2.894   2.510   -11.269 1.00 17.18 ? 17  VAL X CA    1 
ATOM   145  C C     . VAL A 1 17  ? 3.343   3.817   -11.876 1.00 16.27 ? 17  VAL X C     1 
ATOM   146  O O     . VAL A 1 17  ? 4.521   4.122   -11.869 1.00 15.82 ? 17  VAL X O     1 
ATOM   147  C CB    . VAL A 1 17  ? 2.852   2.626   -9.726  1.00 16.34 ? 17  VAL X CB    1 
ATOM   148  C CG1   . VAL A 1 17  ? 1.919   3.752   -9.298  1.00 18.38 ? 17  VAL X CG1   1 
ATOM   149  C CG2   . VAL A 1 17  ? 2.410   1.301   -9.137  1.00 16.91 ? 17  VAL X CG2   1 
ATOM   150  N N     . ASP A 1 18  ? 2.398   4.575   -12.420 1.00 17.38 ? 18  ASP X N     1 
ATOM   151  C CA    . ASP A 1 18  ? 2.714   5.875   -13.017 1.00 18.13 ? 18  ASP X CA    1 
ATOM   152  C C     . ASP A 1 18  ? 2.750   6.908   -11.900 1.00 16.40 ? 18  ASP X C     1 
ATOM   153  O O     . ASP A 1 18  ? 1.803   7.677   -11.720 1.00 18.22 ? 18  ASP X O     1 
ATOM   154  C CB    . ASP A 1 18  ? 1.678   6.218   -14.094 1.00 19.96 ? 18  ASP X CB    1 
ATOM   155  C CG    . ASP A 1 18  ? 2.000   7.508   -14.857 1.00 18.29 ? 18  ASP X CG    1 
ATOM   156  O OD1   . ASP A 1 18  ? 3.079   8.114   -14.678 1.00 23.51 ? 18  ASP X OD1   1 
ATOM   157  O OD2   . ASP A 1 18  ? 1.131   7.930   -15.634 1.00 23.50 ? 18  ASP X OD2   1 
ATOM   158  N N     . CYS A 1 19  ? 3.845   6.878   -11.142 1.00 15.12 ? 19  CYS X N     1 
ATOM   159  C CA    . CYS A 1 19  ? 4.030   7.647   -9.926  1.00 16.21 ? 19  CYS X CA    1 
ATOM   160  C C     . CYS A 1 19  ? 3.760   9.136   -10.132 1.00 17.29 ? 19  CYS X C     1 
ATOM   161  O O     . CYS A 1 19  ? 2.942   9.714   -9.423  1.00 14.96 ? 19  CYS X O     1 
ATOM   162  C CB    . CYS A 1 19  ? 5.457   7.482   -9.392  1.00 14.86 ? 19  CYS X CB    1 
ATOM   163  S SG    . CYS A 1 19  ? 5.914   5.866   -8.742  1.00 15.82 ? 19  CYS X SG    1 
ATOM   164  N N     . ASP A 1 20  ? 4.457   9.746   -11.096 1.00 17.99 ? 20  ASP X N     1 
ATOM   165  C CA    . ASP A 1 20  ? 4.319   11.186  -11.372 1.00 18.14 ? 20  ASP X CA    1 
ATOM   166  C C     . ASP A 1 20  ? 2.888   11.655  -11.674 1.00 18.14 ? 20  ASP X C     1 
ATOM   167  O O     . ASP A 1 20  ? 2.531   12.811  -11.417 1.00 17.97 ? 20  ASP X O     1 
ATOM   168  C CB    . ASP A 1 20  ? 5.287   11.622  -12.495 1.00 18.30 ? 20  ASP X CB    1 
ATOM   169  C CG    . ASP A 1 20  ? 6.759   11.532  -12.088 1.00 23.00 ? 20  ASP X CG    1 
ATOM   170  O OD1   . ASP A 1 20  ? 7.080   11.111  -10.949 1.00 16.88 ? 20  ASP X OD1   1 
ATOM   171  O OD2   . ASP A 1 20  ? 7.616   11.905  -12.916 1.00 25.23 ? 20  ASP X OD2   1 
ATOM   172  N N     . ASN A 1 21  ? 2.082   10.791  -12.263 1.00 19.11 ? 21  ASN X N     1 
ATOM   173  C CA    . ASN A 1 21  ? 0.656   11.048  -12.412 1.00 19.65 ? 21  ASN X CA    1 
ATOM   174  C C     . ASN A 1 21  ? -0.097  10.800  -11.103 1.00 18.56 ? 21  ASN X C     1 
ATOM   175  O O     . ASN A 1 21  ? -0.706  11.724  -10.552 1.00 18.52 ? 21  ASN X O     1 
ATOM   176  C CB    . ASN A 1 21  ? 0.066   10.176  -13.539 1.00 20.48 ? 21  ASN X CB    1 
ATOM   177  C CG    . ASN A 1 21  ? -1.429  10.409  -13.764 1.00 28.17 ? 21  ASN X CG    1 
ATOM   178  O OD1   . ASN A 1 21  ? -2.246  10.327  -12.837 1.00 36.70 ? 21  ASN X OD1   1 
ATOM   179  N ND2   . ASN A 1 21  ? -1.796  10.672  -15.013 1.00 35.53 ? 21  ASN X ND2   1 
ATOM   180  N N     . ILE A 1 22  ? -0.079  9.561   -10.612 1.00 17.01 ? 22  ILE X N     1 
ATOM   181  C CA    . ILE A 1 22  ? -0.938  9.213   -9.465  1.00 16.18 ? 22  ILE X CA    1 
ATOM   182  C C     . ILE A 1 22  ? -0.588  9.982   -8.159  1.00 13.93 ? 22  ILE X C     1 
ATOM   183  O O     . ILE A 1 22  ? -1.484  10.386  -7.414  1.00 13.66 ? 22  ILE X O     1 
ATOM   184  C CB    . ILE A 1 22  ? -1.004  7.668   -9.236  1.00 16.54 ? 22  ILE X CB    1 
ATOM   185  C CG1   . ILE A 1 22  ? -2.092  7.315   -8.216  1.00 20.22 ? 22  ILE X CG1   1 
ATOM   186  C CG2   . ILE A 1 22  ? 0.349   7.135   -8.804  1.00 15.25 ? 22  ILE X CG2   1 
ATOM   187  C CD1   . ILE A 1 22  ? -2.647  5.909   -8.363  1.00 27.37 ? 22  ILE X CD1   1 
ATOM   188  N N     . MET A 1 23  ? 0.699   10.188  -7.907  1.00 13.64 ? 23  MET X N     1 
ATOM   189  C CA    . MET A 1 23  ? 1.139   10.831  -6.675  1.00 12.11 ? 23  MET X CA    1 
ATOM   190  C C     . MET A 1 23  ? 0.736   12.309  -6.641  1.00 13.61 ? 23  MET X C     1 
ATOM   191  O O     . MET A 1 23  ? 0.634   12.874  -5.563  1.00 12.54 ? 23  MET X O     1 
ATOM   192  C CB    . MET A 1 23  ? 2.645   10.659  -6.464  1.00 11.67 ? 23  MET X CB    1 
ATOM   193  C CG    . MET A 1 23  ? 3.106   9.182   -6.269  1.00 10.32 ? 23  MET X CG    1 
ATOM   194  S SD    . MET A 1 23  ? 2.379   8.455   -4.786  1.00 12.54 ? 23  MET X SD    1 
ATOM   195  C CE    . MET A 1 23  ? 3.302   9.330   -3.509  1.00 15.31 ? 23  MET X CE    1 
ATOM   196  N N     . SER A 1 24  ? 0.495   12.907  -7.818  1.00 13.71 ? 24  SER X N     1 
ATOM   197  C CA    . SER A 1 24  ? 0.070   14.292  -7.934  1.00 16.92 ? 24  SER X CA    1 
ATOM   198  C C     . SER A 1 24  ? -1.434  14.523  -7.711  1.00 19.02 ? 24  SER X C     1 
ATOM   199  O O     . SER A 1 24  ? -1.866  15.674  -7.546  1.00 20.70 ? 24  SER X O     1 
ATOM   200  C CB    . SER A 1 24  ? 0.510   14.893  -9.284  1.00 18.28 ? 24  SER X CB    1 
ATOM   201  O OG    . SER A 1 24  ? -0.327  14.445  -10.349 1.00 22.30 ? 24  SER X OG    1 
ATOM   202  N N     . THR A 1 25  ? -2.219  13.447  -7.693  1.00 16.51 ? 25  THR X N     1 
ATOM   203  C CA    . THR A 1 25  ? -3.666  13.545  -7.506  1.00 17.29 ? 25  THR X CA    1 
ATOM   204  C C     . THR A 1 25  ? -4.006  13.941  -6.080  1.00 17.78 ? 25  THR X C     1 
ATOM   205  O O     . THR A 1 25  ? -3.132  13.938  -5.204  1.00 16.30 ? 25  THR X O     1 
ATOM   206  C CB    . THR A 1 25  ? -4.385  12.224  -7.860  1.00 16.17 ? 25  THR X CB    1 
ATOM   207  O OG1   . THR A 1 25  ? -4.062  11.241  -6.871  1.00 16.35 ? 25  THR X OG1   1 
ATOM   208  C CG2   . THR A 1 25  ? -3.957  11.721  -9.251  1.00 20.42 ? 25  THR X CG2   1 
ATOM   209  N N     . ASN A 1 26  ? -5.281  14.245  -5.829  1.00 18.47 ? 26  ASN X N     1 
ATOM   210  C CA    . ASN A 1 26  ? -5.702  14.675  -4.501  1.00 19.10 ? 26  ASN X CA    1 
ATOM   211  C C     . ASN A 1 26  ? -5.630  13.559  -3.483  1.00 19.57 ? 26  ASN X C     1 
ATOM   212  O O     . ASN A 1 26  ? -5.629  13.801  -2.277  1.00 20.48 ? 26  ASN X O     1 
ATOM   213  C CB    . ASN A 1 26  ? -7.077  15.340  -4.538  1.00 21.05 ? 26  ASN X CB    1 
ATOM   214  C CG    . ASN A 1 26  ? -7.020  16.741  -5.130  1.00 26.49 ? 26  ASN X CG    1 
ATOM   215  O OD1   . ASN A 1 26  ? -6.011  17.450  -5.005  1.00 28.85 ? 26  ASN X OD1   1 
ATOM   216  N ND2   . ASN A 1 26  ? -8.109  17.149  -5.794  1.00 30.16 ? 26  ASN X ND2   1 
ATOM   217  N N     . LEU A 1 27  ? -5.505  12.326  -3.966  1.00 17.12 ? 27  LEU X N     1 
ATOM   218  C CA    . LEU A 1 27  ? -5.370  11.197  -3.063  1.00 17.00 ? 27  LEU X CA    1 
ATOM   219  C C     . LEU A 1 27  ? -4.047  11.255  -2.252  1.00 16.56 ? 27  LEU X C     1 
ATOM   220  O O     . LEU A 1 27  ? -4.017  10.843  -1.086  1.00 15.86 ? 27  LEU X O     1 
ATOM   221  C CB    . LEU A 1 27  ? -5.491  9.889   -3.862  1.00 16.66 ? 27  LEU X CB    1 
ATOM   222  C CG    . LEU A 1 27  ? -5.746  8.570   -3.140  1.00 20.87 ? 27  LEU X CG    1 
ATOM   223  C CD1   . LEU A 1 27  ? -7.014  8.628   -2.313  1.00 16.90 ? 27  LEU X CD1   1 
ATOM   224  C CD2   . LEU A 1 27  ? -5.827  7.443   -4.154  1.00 15.89 ? 27  LEU X CD2   1 
ATOM   225  N N     . PHE A 1 28  ? -2.987  11.801  -2.864  1.00 13.43 ? 28  PHE X N     1 
ATOM   226  C CA    . PHE A 1 28  ? -1.637  11.811  -2.285  1.00 12.76 ? 28  PHE X CA    1 
ATOM   227  C C     . PHE A 1 28  ? -0.950  13.165  -2.077  1.00 13.85 ? 28  PHE X C     1 
ATOM   228  O O     . PHE A 1 28  ? -0.004  13.278  -1.290  1.00 13.95 ? 28  PHE X O     1 
ATOM   229  C CB    . PHE A 1 28  ? -0.742  10.953  -3.157  1.00 12.63 ? 28  PHE X CB    1 
ATOM   230  C CG    . PHE A 1 28  ? -1.144  9.529   -3.158  1.00 12.88 ? 28  PHE X CG    1 
ATOM   231  C CD1   . PHE A 1 28  ? -1.092  8.803   -1.987  1.00 11.18 ? 28  PHE X CD1   1 
ATOM   232  C CD2   . PHE A 1 28  ? -1.595  8.931   -4.307  1.00 12.19 ? 28  PHE X CD2   1 
ATOM   233  C CE1   . PHE A 1 28  ? -1.477  7.476   -1.954  1.00 15.18 ? 28  PHE X CE1   1 
ATOM   234  C CE2   . PHE A 1 28  ? -1.986  7.593   -4.293  1.00 12.14 ? 28  PHE X CE2   1 
ATOM   235  C CZ    . PHE A 1 28  ? -1.914  6.872   -3.121  1.00 10.53 ? 28  PHE X CZ    1 
ATOM   236  N N     . HIS A 1 29  ? -1.401  14.175  -2.806  1.00 13.11 ? 29  HIS X N     1 
ATOM   237  C CA    . HIS A 1 29  ? -0.827  15.543  -2.708  1.00 14.88 ? 29  HIS X CA    1 
ATOM   238  C C     . HIS A 1 29  ? 0.693   15.616  -2.807  1.00 15.15 ? 29  HIS X C     1 
ATOM   239  O O     . HIS A 1 29  ? 1.340   16.335  -2.027  1.00 14.63 ? 29  HIS X O     1 
ATOM   240  C CB    . HIS A 1 29  ? -1.279  16.236  -1.418  1.00 16.07 ? 29  HIS X CB    1 
ATOM   241  C CG    . HIS A 1 29  ? -2.742  16.536  -1.367  1.00 19.36 ? 29  HIS X CG    1 
ATOM   242  N ND1   . HIS A 1 29  ? -3.431  17.053  -2.443  1.00 22.92 ? 29  HIS X ND1   1 
ATOM   243  C CD2   . HIS A 1 29  ? -3.642  16.425  -0.358  1.00 15.25 ? 29  HIS X CD2   1 
ATOM   244  C CE1   . HIS A 1 29  ? -4.696  17.236  -2.102  1.00 19.54 ? 29  HIS X CE1   1 
ATOM   245  N NE2   . HIS A 1 29  ? -4.849  16.859  -0.847  1.00 21.88 ? 29  HIS X NE2   1 
ATOM   246  N N     . CYS A 1 30  ? 1.275   14.849  -3.728  1.00 15.44 ? 30  CYS X N     1 
ATOM   247  C CA    . CYS A 1 30  ? 2.735   14.886  -3.954  1.00 15.48 ? 30  CYS X CA    1 
ATOM   248  C C     . CYS A 1 30  ? 3.553   14.597  -2.685  1.00 16.18 ? 30  CYS X C     1 
ATOM   249  O O     . CYS A 1 30  ? 4.624   15.191  -2.474  1.00 15.59 ? 30  CYS X O     1 
ATOM   250  C CB    . CYS A 1 30  ? 3.149   16.258  -4.507  1.00 14.67 ? 30  CYS X CB    1 
ATOM   251  S SG    . CYS A 1 30  ? 2.458   16.717  -6.107  1.00 23.11 ? 30  CYS X SG    1 
ATOM   252  N N     . LYS A 1 31  ? 3.033   13.734  -1.814  1.00 15.25 ? 31  LYS X N     1 
ATOM   253  C CA    . LYS A 1 31  ? 3.756   13.357  -0.598  1.00 16.54 ? 31  LYS X CA    1 
ATOM   254  C C     . LYS A 1 31  ? 5.012   12.540  -0.949  1.00 16.25 ? 31  LYS X C     1 
ATOM   255  O O     . LYS A 1 31  ? 5.175   12.120  -2.103  1.00 15.12 ? 31  LYS X O     1 
ATOM   256  C CB    . LYS A 1 31  ? 2.842   12.592  0.365   1.00 17.26 ? 31  LYS X CB    1 
ATOM   257  C CG    . LYS A 1 31  ? 2.589   11.133  -0.066  1.00 17.71 ? 31  LYS X CG    1 
ATOM   258  C CD    . LYS A 1 31  ? 1.352   10.538  0.558   1.00 21.03 ? 31  LYS X CD    1 
ATOM   259  C CE    . LYS A 1 31  ? 1.489   10.360  2.054   1.00 21.44 ? 31  LYS X CE    1 
ATOM   260  N NZ    . LYS A 1 31  ? 2.529   9.389   2.405   1.00 16.23 ? 31  LYS X NZ    1 
ATOM   261  N N     . ASP A 1 32  ? 5.884   12.324  0.039   1.00 16.79 ? 32  ASP X N     1 
ATOM   262  C CA    . ASP A 1 32  ? 7.215   11.708  -0.190  1.00 17.11 ? 32  ASP X CA    1 
ATOM   263  C C     . ASP A 1 32  ? 7.229   10.253  -0.673  1.00 17.81 ? 32  ASP X C     1 
ATOM   264  O O     . ASP A 1 32  ? 8.037   9.895   -1.542  1.00 15.50 ? 32  ASP X O     1 
ATOM   265  C CB    . ASP A 1 32  ? 8.072   11.794  1.065   1.00 17.47 ? 32  ASP X CB    1 
ATOM   266  C CG    . ASP A 1 32  ? 8.643   13.193  1.292   1.00 21.10 ? 32  ASP X CG    1 
ATOM   267  O OD1   . ASP A 1 32  ? 8.269   14.152  0.581   1.00 19.38 ? 32  ASP X OD1   1 
ATOM   268  O OD2   . ASP A 1 32  ? 9.464   13.325  2.210   1.00 29.82 ? 32  ASP X OD2   1 
ATOM   269  N N     . LYS A 1 33  ? 6.337   9.441   -0.111  1.00 16.49 ? 33  LYS X N     1 
ATOM   270  C CA    . LYS A 1 33  ? 6.350   8.000   -0.332  1.00 17.01 ? 33  LYS X CA    1 
ATOM   271  C C     . LYS A 1 33  ? 4.947   7.408   -0.297  1.00 15.34 ? 33  LYS X C     1 
ATOM   272  O O     . LYS A 1 33  ? 4.110   7.799   0.534   1.00 14.53 ? 33  LYS X O     1 
ATOM   273  C CB    . LYS A 1 33  ? 7.197   7.290   0.732   1.00 17.70 ? 33  LYS X CB    1 
ATOM   274  C CG    . LYS A 1 33  ? 7.319   5.764   0.523   1.00 24.36 ? 33  LYS X CG    1 
ATOM   275  C CD    . LYS A 1 33  ? 8.291   5.158   1.501   1.00 29.47 ? 33  LYS X CD    1 
ATOM   276  C CE    . LYS A 1 33  ? 8.745   3.797   1.042   1.00 32.11 ? 33  LYS X CE    1 
ATOM   277  N NZ    . LYS A 1 33  ? 9.583   3.179   2.101   1.00 34.24 ? 33  LYS X NZ    1 
ATOM   278  N N     . ASN A 1 34  ? 4.709   6.453   -1.192  1.00 11.55 ? 34  ASN X N     1 
ATOM   279  C CA    . ASN A 1 34  ? 3.565   5.578   -1.060  1.00 11.62 ? 34  ASN X CA    1 
ATOM   280  C C     . ASN A 1 34  ? 3.855   4.175   -1.604  1.00 11.34 ? 34  ASN X C     1 
ATOM   281  O O     . ASN A 1 34  ? 4.453   4.024   -2.683  1.00 13.33 ? 34  ASN X O     1 
ATOM   282  C CB    . ASN A 1 34  ? 2.319   6.154   -1.752  1.00 9.45  ? 34  ASN X CB    1 
ATOM   283  C CG    . ASN A 1 34  ? 1.079   5.303   -1.474  1.00 11.55 ? 34  ASN X CG    1 
ATOM   284  O OD1   . ASN A 1 34  ? 0.554   5.319   -0.366  1.00 11.46 ? 34  ASN X OD1   1 
ATOM   285  N ND2   . ASN A 1 34  ? 0.633   4.545   -2.463  1.00 9.83  ? 34  ASN X ND2   1 
ATOM   286  N N     . THR A 1 35  ? 3.429   3.163   -0.847  1.00 10.07 ? 35  THR X N     1 
ATOM   287  C CA    . THR A 1 35  ? 3.636   1.760   -1.219  1.00 9.60  ? 35  THR X CA    1 
ATOM   288  C C     . THR A 1 35  ? 2.407   1.206   -1.953  1.00 10.02 ? 35  THR X C     1 
ATOM   289  O O     . THR A 1 35  ? 1.290   1.182   -1.410  1.00 8.17  ? 35  THR X O     1 
ATOM   290  C CB    . THR A 1 35  ? 3.959   0.862   0.000   1.00 9.37  ? 35  THR X CB    1 
ATOM   291  O OG1   . THR A 1 35  ? 5.058   1.418   0.722   1.00 12.62 ? 35  THR X OG1   1 
ATOM   292  C CG2   . THR A 1 35  ? 4.303   -0.614  -0.422  1.00 5.69  ? 35  THR X CG2   1 
ATOM   293  N N     . PHE A 1 36  ? 2.623   0.754   -3.186  1.00 10.13 ? 36  PHE X N     1 
ATOM   294  C CA    . PHE A 1 36  ? 1.575   0.028   -3.915  1.00 9.72  ? 36  PHE X CA    1 
ATOM   295  C C     . PHE A 1 36  ? 1.861   -1.481  -3.903  1.00 11.42 ? 36  PHE X C     1 
ATOM   296  O O     . PHE A 1 36  ? 2.995   -1.928  -4.152  1.00 13.27 ? 36  PHE X O     1 
ATOM   297  C CB    . PHE A 1 36  ? 1.444   0.519   -5.360  1.00 10.54 ? 36  PHE X CB    1 
ATOM   298  C CG    . PHE A 1 36  ? 1.121   1.991   -5.490  1.00 9.58  ? 36  PHE X CG    1 
ATOM   299  C CD1   . PHE A 1 36  ? 2.134   2.949   -5.435  1.00 9.93  ? 36  PHE X CD1   1 
ATOM   300  C CD2   . PHE A 1 36  ? -0.207  2.409   -5.635  1.00 14.20 ? 36  PHE X CD2   1 
ATOM   301  C CE1   . PHE A 1 36  ? 1.835   4.328   -5.565  1.00 11.57 ? 36  PHE X CE1   1 
ATOM   302  C CE2   . PHE A 1 36  ? -0.529  3.785   -5.745  1.00 13.84 ? 36  PHE X CE2   1 
ATOM   303  C CZ    . PHE A 1 36  ? 0.488   4.736   -5.720  1.00 9.11  ? 36  PHE X CZ    1 
ATOM   304  N N     . ILE A 1 37  ? 0.809   -2.255  -3.649  1.00 11.37 ? 37  ILE X N     1 
ATOM   305  C CA    . ILE A 1 37  ? 0.843   -3.711  -3.606  1.00 9.74  ? 37  ILE X CA    1 
ATOM   306  C C     . ILE A 1 37  ? 0.260   -4.272  -4.902  1.00 10.17 ? 37  ILE X C     1 
ATOM   307  O O     . ILE A 1 37  ? -0.889  -4.000  -5.249  1.00 9.03  ? 37  ILE X O     1 
ATOM   308  C CB    . ILE A 1 37  ? -0.053  -4.244  -2.455  1.00 9.68  ? 37  ILE X CB    1 
ATOM   309  C CG1   . ILE A 1 37  ? 0.221   -3.492  -1.149  1.00 9.13  ? 37  ILE X CG1   1 
ATOM   310  C CG2   . ILE A 1 37  ? 0.150   -5.755  -2.276  1.00 10.05 ? 37  ILE X CG2   1 
ATOM   311  C CD1   . ILE A 1 37  ? -0.935  -3.562  -0.131  1.00 10.73 ? 37  ILE X CD1   1 
ATOM   312  N N     . TYR A 1 38  ? 1.065   -5.057  -5.612  1.00 10.44 ? 38  TYR X N     1 
ATOM   313  C CA    . TYR A 1 38  ? 0.638   -5.599  -6.890  1.00 11.47 ? 38  TYR X CA    1 
ATOM   314  C C     . TYR A 1 38  ? -0.033  -6.938  -6.573  1.00 11.55 ? 38  TYR X C     1 
ATOM   315  O O     . TYR A 1 38  ? 0.640   -7.942  -6.282  1.00 10.26 ? 38  TYR X O     1 
ATOM   316  C CB    . TYR A 1 38  ? 1.835   -5.749  -7.828  1.00 11.23 ? 38  TYR X CB    1 
ATOM   317  C CG    . TYR A 1 38  ? 1.536   -6.512  -9.114  1.00 15.87 ? 38  TYR X CG    1 
ATOM   318  C CD1   . TYR A 1 38  ? 0.672   -6.009  -10.082 1.00 14.57 ? 38  TYR X CD1   1 
ATOM   319  C CD2   . TYR A 1 38  ? 2.132   -7.741  -9.347  1.00 22.92 ? 38  TYR X CD2   1 
ATOM   320  C CE1   . TYR A 1 38  ? 0.408   -6.738  -11.259 1.00 20.09 ? 38  TYR X CE1   1 
ATOM   321  C CE2   . TYR A 1 38  ? 1.883   -8.457  -10.497 1.00 23.61 ? 38  TYR X CE2   1 
ATOM   322  C CZ    . TYR A 1 38  ? 1.034   -7.965  -11.445 1.00 24.07 ? 38  TYR X CZ    1 
ATOM   323  O OH    . TYR A 1 38  ? 0.816   -8.738  -12.583 1.00 28.62 ? 38  TYR X OH    1 
ATOM   324  N N     . SER A 1 39  ? -1.366  -6.916  -6.576  1.00 12.44 ? 39  SER X N     1 
ATOM   325  C CA    . SER A 1 39  ? -2.156  -8.074  -6.157  1.00 14.54 ? 39  SER X CA    1 
ATOM   326  C C     . SER A 1 39  ? -3.599  -7.803  -6.492  1.00 14.95 ? 39  SER X C     1 
ATOM   327  O O     . SER A 1 39  ? -4.016  -6.651  -6.678  1.00 12.68 ? 39  SER X O     1 
ATOM   328  C CB    . SER A 1 39  ? -2.005  -8.285  -4.633  1.00 15.02 ? 39  SER X CB    1 
ATOM   329  O OG    . SER A 1 39  ? -2.960  -9.199  -4.114  1.00 15.18 ? 39  SER X OG    1 
ATOM   330  N N     . ARG A 1 40  ? -4.367  -8.873  -6.608  1.00 15.59 ? 40  ARG X N     1 
ATOM   331  C CA    . ARG A 1 40  ? -5.800  -8.735  -6.626  1.00 16.55 ? 40  ARG X CA    1 
ATOM   332  C C     . ARG A 1 40  ? -6.210  -8.335  -5.214  1.00 17.06 ? 40  ARG X C     1 
ATOM   333  O O     . ARG A 1 40  ? -5.487  -8.622  -4.273  1.00 18.89 ? 40  ARG X O     1 
ATOM   334  C CB    . ARG A 1 40  ? -6.432  -10.079 -6.993  1.00 17.65 ? 40  ARG X CB    1 
ATOM   335  C CG    . ARG A 1 40  ? -6.391  -10.379 -8.494  1.00 21.24 ? 40  ARG X CG    1 
ATOM   336  C CD    . ARG A 1 40  ? -7.090  -11.696 -8.790  1.00 33.56 ? 40  ARG X CD    1 
ATOM   337  N NE    . ARG A 1 40  ? -8.534  -11.612 -8.536  1.00 40.65 ? 40  ARG X NE    1 
ATOM   338  C CZ    . ARG A 1 40  ? -9.430  -11.102 -9.380  1.00 42.59 ? 40  ARG X CZ    1 
ATOM   339  N NH1   . ARG A 1 40  ? -9.045  -10.609 -10.552 1.00 43.21 ? 40  ARG X NH1   1 
ATOM   340  N NH2   . ARG A 1 40  ? -10.719 -11.081 -9.047  1.00 41.98 ? 40  ARG X NH2   1 
ATOM   341  N N     . PRO A 1 41  ? -7.376  -7.704  -5.055  1.00 16.25 ? 41  PRO X N     1 
ATOM   342  C CA    . PRO A 1 41  ? -7.774  -7.266  -3.715  1.00 17.79 ? 41  PRO X CA    1 
ATOM   343  C C     . PRO A 1 41  ? -8.135  -8.373  -2.714  1.00 18.09 ? 41  PRO X C     1 
ATOM   344  O O     . PRO A 1 41  ? -7.919  -8.190  -1.521  1.00 17.93 ? 41  PRO X O     1 
ATOM   345  C CB    . PRO A 1 41  ? -8.995  -6.388  -3.982  1.00 17.87 ? 41  PRO X CB    1 
ATOM   346  C CG    . PRO A 1 41  ? -9.574  -6.959  -5.271  1.00 18.62 ? 41  PRO X CG    1 
ATOM   347  C CD    . PRO A 1 41  ? -8.371  -7.358  -6.079  1.00 17.23 ? 41  PRO X CD    1 
ATOM   348  N N     . GLU A 1 42  ? -8.708  -9.494  -3.169  1.00 18.75 ? 42  GLU X N     1 
ATOM   349  C CA    . GLU A 1 42  ? -9.143  -10.530 -2.212  1.00 17.74 ? 42  GLU X CA    1 
ATOM   350  C C     . GLU A 1 42  ? -8.015  -11.059 -1.316  1.00 15.62 ? 42  GLU X C     1 
ATOM   351  O O     . GLU A 1 42  ? -8.212  -11.141 -0.093  1.00 14.42 ? 42  GLU X O     1 
ATOM   352  C CB    . GLU A 1 42  ? -9.898  -11.682 -2.910  1.00 18.85 ? 42  GLU X CB    1 
ATOM   353  C CG    . GLU A 1 42  ? -10.981 -11.224 -3.909  1.00 25.39 ? 42  GLU X CG    1 
ATOM   354  C CD    . GLU A 1 42  ? -10.441 -10.555 -5.210  1.00 33.05 ? 42  GLU X CD    1 
ATOM   355  O OE1   . GLU A 1 42  ? -9.246  -10.701 -5.566  1.00 26.41 ? 42  GLU X OE1   1 
ATOM   356  O OE2   . GLU A 1 42  ? -11.236 -9.863  -5.887  1.00 37.37 ? 42  GLU X OE2   1 
ATOM   357  N N     . PRO A 1 43  ? -6.837  -11.439 -1.897  1.00 14.62 ? 43  PRO X N     1 
ATOM   358  C CA    . PRO A 1 43  ? -5.723  -11.921 -1.049  1.00 13.71 ? 43  PRO X CA    1 
ATOM   359  C C     . PRO A 1 43  ? -5.281  -10.850 -0.069  1.00 13.19 ? 43  PRO X C     1 
ATOM   360  O O     . PRO A 1 43  ? -4.812  -11.175 1.040   1.00 14.25 ? 43  PRO X O     1 
ATOM   361  C CB    . PRO A 1 43  ? -4.582  -12.202 -2.053  1.00 14.23 ? 43  PRO X CB    1 
ATOM   362  C CG    . PRO A 1 43  ? -5.270  -12.327 -3.394  1.00 14.07 ? 43  PRO X CG    1 
ATOM   363  C CD    . PRO A 1 43  ? -6.479  -11.459 -3.332  1.00 15.37 ? 43  PRO X CD    1 
ATOM   364  N N     . VAL A 1 44  ? -5.437  -9.591  -0.470  1.00 12.57 ? 44  VAL X N     1 
ATOM   365  C CA    . VAL A 1 44  ? -5.040  -8.468  0.397   1.00 10.95 ? 44  VAL X CA    1 
ATOM   366  C C     . VAL A 1 44  ? -6.075  -8.326  1.521   1.00 9.45  ? 44  VAL X C     1 
ATOM   367  O O     . VAL A 1 44  ? -5.709  -8.241  2.681   1.00 9.50  ? 44  VAL X O     1 
ATOM   368  C CB    . VAL A 1 44  ? -4.830  -7.135  -0.362  1.00 10.60 ? 44  VAL X CB    1 
ATOM   369  C CG1   . VAL A 1 44  ? -4.606  -5.962  0.645   1.00 7.72  ? 44  VAL X CG1   1 
ATOM   370  C CG2   . VAL A 1 44  ? -3.643  -7.250  -1.375  1.00 12.59 ? 44  VAL X CG2   1 
ATOM   371  N N     . LYS A 1 45  ? -7.369  -8.293  1.201   1.00 11.24 ? 45  LYS X N     1 
ATOM   372  C CA    . LYS A 1 45  ? -8.362  -8.250  2.279   1.00 10.79 ? 45  LYS X CA    1 
ATOM   373  C C     . LYS A 1 45  ? -8.158  -9.413  3.252   1.00 10.00 ? 45  LYS X C     1 
ATOM   374  O O     . LYS A 1 45  ? -8.342  -9.245  4.472   1.00 9.39  ? 45  LYS X O     1 
ATOM   375  C CB    . LYS A 1 45  ? -9.797  -8.291  1.759   1.00 12.47 ? 45  LYS X CB    1 
ATOM   376  C CG    . LYS A 1 45  ? -10.768 -7.642  2.731   1.00 12.17 ? 45  LYS X CG    1 
ATOM   377  C CD    . LYS A 1 45  ? -12.190 -7.945  2.398   1.00 13.58 ? 45  LYS X CD    1 
ATOM   378  C CE    . LYS A 1 45  ? -13.143 -7.123  3.265   1.00 21.86 ? 45  LYS X CE    1 
ATOM   379  N NZ    . LYS A 1 45  ? -14.531 -7.718  3.203   1.00 23.54 ? 45  LYS X NZ    1 
ATOM   380  N N     . ALA A 1 46  ? -7.760  -10.571 2.719   1.00 10.85 ? 46  ALA X N     1 
ATOM   381  C CA    . ALA A 1 46  ? -7.731  -11.793 3.509   1.00 11.64 ? 46  ALA X CA    1 
ATOM   382  C C     . ALA A 1 46  ? -6.617  -11.735 4.572   1.00 10.91 ? 46  ALA X C     1 
ATOM   383  O O     . ALA A 1 46  ? -6.639  -12.502 5.527   1.00 11.23 ? 46  ALA X O     1 
ATOM   384  C CB    . ALA A 1 46  ? -7.605  -13.040 2.612   1.00 12.16 ? 46  ALA X CB    1 
ATOM   385  N N     . ILE A 1 47  ? -5.657  -10.815 4.433   1.00 9.69  ? 47  ILE X N     1 
ATOM   386  C CA    . ILE A 1 47  ? -4.706  -10.583 5.528   1.00 8.55  ? 47  ILE X CA    1 
ATOM   387  C C     . ILE A 1 47  ? -5.465  -10.435 6.849   1.00 9.41  ? 47  ILE X C     1 
ATOM   388  O O     . ILE A 1 47  ? -5.000  -10.897 7.912   1.00 9.09  ? 47  ILE X O     1 
ATOM   389  C CB    . ILE A 1 47  ? -3.887  -9.262  5.295   1.00 7.36  ? 47  ILE X CB    1 
ATOM   390  C CG1   . ILE A 1 47  ? -3.023  -9.386  4.022   1.00 8.23  ? 47  ILE X CG1   1 
ATOM   391  C CG2   . ILE A 1 47  ? -3.055  -8.900  6.542   1.00 6.43  ? 47  ILE X CG2   1 
ATOM   392  C CD1   . ILE A 1 47  ? -2.636  -8.004  3.419   1.00 11.17 ? 47  ILE X CD1   1 
ATOM   393  N N     . CYS A 1 48  ? -6.629  -9.773  6.776   1.00 7.94  ? 48  CYS X N     1 
ATOM   394  C CA    . CYS A 1 48  ? -7.354  -9.386  7.999   1.00 9.29  ? 48  CYS X CA    1 
ATOM   395  C C     . CYS A 1 48  ? -8.441  -10.355 8.425   1.00 12.13 ? 48  CYS X C     1 
ATOM   396  O O     . CYS A 1 48  ? -9.248  -10.054 9.324   1.00 10.94 ? 48  CYS X O     1 
ATOM   397  C CB    . CYS A 1 48  ? -7.921  -7.967  7.846   1.00 7.58  ? 48  CYS X CB    1 
ATOM   398  S SG    . CYS A 1 48  ? -6.599  -6.762  7.689   1.00 9.15  ? 48  CYS X SG    1 
ATOM   399  N N     . LYS A 1 49  ? -8.422  -11.555 7.847   1.00 13.68 ? 49  LYS X N     1 
ATOM   400  C CA    . LYS A 1 49  ? -9.500  -12.516 8.131   1.00 14.66 ? 49  LYS X CA    1 
ATOM   401  C C     . LYS A 1 49  ? -9.646  -12.794 9.621   1.00 13.14 ? 49  LYS X C     1 
ATOM   402  O O     . LYS A 1 49  ? -8.675  -13.158 10.318  1.00 14.29 ? 49  LYS X O     1 
ATOM   403  C CB    . LYS A 1 49  ? -9.301  -13.805 7.332   1.00 16.26 ? 49  LYS X CB    1 
ATOM   404  C CG    . LYS A 1 49  ? -10.511 -14.175 6.500   1.00 28.34 ? 49  LYS X CG    1 
ATOM   405  C CD    . LYS A 1 49  ? -11.417 -15.142 7.236   1.00 37.14 ? 49  LYS X CD    1 
ATOM   406  C CE    . LYS A 1 49  ? -12.808 -15.174 6.600   1.00 43.52 ? 49  LYS X CE    1 
ATOM   407  N NZ    . LYS A 1 49  ? -13.622 -16.329 7.088   1.00 44.39 ? 49  LYS X NZ    1 
ATOM   408  N N     . GLY A 1 50  ? -10.857 -12.589 10.136  1.00 12.81 ? 50  GLY X N     1 
ATOM   409  C CA    . GLY A 1 50  ? -11.128 -12.842 11.569  1.00 14.01 ? 50  GLY X CA    1 
ATOM   410  C C     . GLY A 1 50  ? -10.582 -11.812 12.545  1.00 14.02 ? 50  GLY X C     1 
ATOM   411  O O     . GLY A 1 50  ? -10.686 -11.982 13.773  1.00 15.74 ? 50  GLY X O     1 
ATOM   412  N N     . ILE A 1 51  ? -10.004 -10.736 12.019  1.00 11.62 ? 51  ILE X N     1 
ATOM   413  C CA    . ILE A 1 51  ? -9.466  -9.658  12.856  1.00 11.22 ? 51  ILE X CA    1 
ATOM   414  C C     . ILE A 1 51  ? -10.486 -8.515  12.882  1.00 11.79 ? 51  ILE X C     1 
ATOM   415  O O     . ILE A 1 51  ? -10.614 -7.776  11.902  1.00 11.84 ? 51  ILE X O     1 
ATOM   416  C CB    . ILE A 1 51  ? -8.089  -9.150  12.360  1.00 9.78  ? 51  ILE X CB    1 
ATOM   417  C CG1   . ILE A 1 51  ? -7.105  -10.295 12.124  1.00 9.36  ? 51  ILE X CG1   1 
ATOM   418  C CG2   . ILE A 1 51  ? -7.483  -8.149  13.374  1.00 10.52 ? 51  ILE X CG2   1 
ATOM   419  C CD1   . ILE A 1 51  ? -6.810  -11.100 13.373  1.00 18.41 ? 51  ILE X CD1   1 
ATOM   420  N N     . ILE A 1 52  ? -11.235 -8.403  13.982  1.00 11.25 ? 52  ILE X N     1 
ATOM   421  C CA    . ILE A 1 52  ? -12.301 -7.397  14.093  1.00 10.66 ? 52  ILE X CA    1 
ATOM   422  C C     . ILE A 1 52  ? -11.865 -6.134  14.827  1.00 9.55  ? 52  ILE X C     1 
ATOM   423  O O     . ILE A 1 52  ? -11.906 -5.039  14.245  1.00 9.75  ? 52  ILE X O     1 
ATOM   424  C CB    . ILE A 1 52  ? -13.585 -7.988  14.760  1.00 10.40 ? 52  ILE X CB    1 
ATOM   425  C CG1   . ILE A 1 52  ? -14.120 -9.152  13.889  1.00 11.27 ? 52  ILE X CG1   1 
ATOM   426  C CG2   . ILE A 1 52  ? -14.645 -6.853  14.970  1.00 10.57 ? 52  ILE X CG2   1 
ATOM   427  C CD1   . ILE A 1 52  ? -15.170 -10.040 14.556  1.00 16.99 ? 52  ILE X CD1   1 
ATOM   428  N N     . ALA A 1 53  ? -11.470 -6.281  16.097  1.00 7.12  ? 53  ALA X N     1 
ATOM   429  C CA    . ALA A 1 53  ? -10.888 -5.157  16.864  1.00 7.06  ? 53  ALA X CA    1 
ATOM   430  C C     . ALA A 1 53  ? -9.603  -4.701  16.179  1.00 9.43  ? 53  ALA X C     1 
ATOM   431  O O     . ALA A 1 53  ? -8.870  -5.544  15.627  1.00 7.53  ? 53  ALA X O     1 
ATOM   432  C CB    . ALA A 1 53  ? -10.581 -5.579  18.304  1.00 7.81  ? 53  ALA X CB    1 
ATOM   433  N N     . SER A 1 54  ? -9.357  -3.384  16.192  1.00 7.95  ? 54  SER X N     1 
ATOM   434  C CA    . SER A 1 54  ? -8.256  -2.770  15.446  1.00 7.83  ? 54  SER X CA    1 
ATOM   435  C C     . SER A 1 54  ? -6.907  -3.366  15.866  1.00 9.23  ? 54  SER X C     1 
ATOM   436  O O     . SER A 1 54  ? -6.579  -3.377  17.041  1.00 9.17  ? 54  SER X O     1 
ATOM   437  C CB    . SER A 1 54  ? -8.228  -1.254  15.667  1.00 7.91  ? 54  SER X CB    1 
ATOM   438  O OG    . SER A 1 54  ? -7.214  -0.637  14.890  1.00 10.00 ? 54  SER X OG    1 
ATOM   439  N N     . LYS A 1 55  ? -6.153  -3.881  14.899  1.00 7.80  ? 55  LYS X N     1 
ATOM   440  C CA    . LYS A 1 55  ? -4.933  -4.597  15.213  1.00 8.27  ? 55  LYS X CA    1 
ATOM   441  C C     . LYS A 1 55  ? -4.026  -4.545  14.001  1.00 9.87  ? 55  LYS X C     1 
ATOM   442  O O     . LYS A 1 55  ? -4.498  -4.654  12.868  1.00 10.01 ? 55  LYS X O     1 
ATOM   443  C CB    . LYS A 1 55  ? -5.236  -6.047  15.596  1.00 9.09  ? 55  LYS X CB    1 
ATOM   444  C CG    . LYS A 1 55  ? -4.023  -6.815  16.107  1.00 7.55  ? 55  LYS X CG    1 
ATOM   445  C CD    . LYS A 1 55  ? -4.368  -8.264  16.407  1.00 12.03 ? 55  LYS X CD    1 
ATOM   446  C CE    . LYS A 1 55  ? -3.100  -8.963  16.868  1.00 22.95 ? 55  LYS X CE    1 
ATOM   447  N NZ    . LYS A 1 55  ? -3.371  -10.373 17.206  1.00 21.38 ? 55  LYS X NZ    1 
ATOM   448  N N     . ASN A 1 56  ? -2.729  -4.357  14.249  1.00 7.97  ? 56  ASN X N     1 
ATOM   449  C CA    . ASN A 1 56  ? -1.730  -4.381  13.169  1.00 7.71  ? 56  ASN X CA    1 
ATOM   450  C C     . ASN A 1 56  ? -1.326  -5.815  12.875  1.00 9.26  ? 56  ASN X C     1 
ATOM   451  O O     . ASN A 1 56  ? -1.086  -6.596  13.800  1.00 9.92  ? 56  ASN X O     1 
ATOM   452  C CB    . ASN A 1 56  ? -0.529  -3.468  13.511  1.00 7.88  ? 56  ASN X CB    1 
ATOM   453  C CG    . ASN A 1 56  ? -0.859  -1.990  13.355  1.00 11.23 ? 56  ASN X CG    1 
ATOM   454  O OD1   . ASN A 1 56  ? -1.984  -1.611  13.022  1.00 10.61 ? 56  ASN X OD1   1 
ATOM   455  N ND2   . ASN A 1 56  ? 0.108   -1.147  13.628  1.00 6.47  ? 56  ASN X ND2   1 
ATOM   456  N N     . VAL A 1 57  ? -1.303  -6.182  11.590  1.00 8.32  ? 57  VAL X N     1 
ATOM   457  C CA    . VAL A 1 57  ? -1.078  -7.562  11.177  1.00 8.11  ? 57  VAL X CA    1 
ATOM   458  C C     . VAL A 1 57  ? -0.065  -7.642  10.048  1.00 8.28  ? 57  VAL X C     1 
ATOM   459  O O     . VAL A 1 57  ? -0.242  -6.983  9.042   1.00 6.84  ? 57  VAL X O     1 
ATOM   460  C CB    . VAL A 1 57  ? -2.398  -8.200  10.667  1.00 8.04  ? 57  VAL X CB    1 
ATOM   461  C CG1   . VAL A 1 57  ? -2.145  -9.593  10.212  1.00 12.06 ? 57  VAL X CG1   1 
ATOM   462  C CG2   . VAL A 1 57  ? -3.481  -8.150  11.769  1.00 7.62  ? 57  VAL X CG2   1 
ATOM   463  N N     . LEU A 1 58  ? 0.981   -8.464  10.200  1.00 7.76  ? 58  LEU X N     1 
ATOM   464  C CA    . LEU A 1 58  ? 1.988   -8.612  9.125   1.00 9.53  ? 58  LEU X CA    1 
ATOM   465  C C     . LEU A 1 58  ? 1.564   -9.714  8.141   1.00 11.38 ? 58  LEU X C     1 
ATOM   466  O O     . LEU A 1 58  ? 1.006   -10.759 8.564   1.00 12.84 ? 58  LEU X O     1 
ATOM   467  C CB    . LEU A 1 58  ? 3.387   -8.862  9.724   1.00 9.85  ? 58  LEU X CB    1 
ATOM   468  C CG    . LEU A 1 58  ? 4.604   -9.098  8.808   1.00 10.06 ? 58  LEU X CG    1 
ATOM   469  C CD1   . LEU A 1 58  ? 5.019   -7.819  8.082   1.00 10.63 ? 58  LEU X CD1   1 
ATOM   470  C CD2   . LEU A 1 58  ? 5.788   -9.720  9.613   1.00 10.47 ? 58  LEU X CD2   1 
ATOM   471  N N     . THR A 1 59  ? 1.775   -9.501  6.836   1.00 10.49 ? 59  THR X N     1 
ATOM   472  C CA    . THR A 1 59  ? 1.367   -10.515 5.848   1.00 9.90  ? 59  THR X CA    1 
ATOM   473  C C     . THR A 1 59  ? 2.143   -11.810 6.145   1.00 11.16 ? 59  THR X C     1 
ATOM   474  O O     . THR A 1 59  ? 3.291   -11.754 6.610   1.00 10.37 ? 59  THR X O     1 
ATOM   475  C CB    . THR A 1 59  ? 1.613   -10.091 4.378   1.00 9.85  ? 59  THR X CB    1 
ATOM   476  O OG1   . THR A 1 59  ? 3.010   -9.761  4.189   1.00 9.98  ? 59  THR X OG1   1 
ATOM   477  C CG2   . THR A 1 59  ? 0.747   -8.873  3.995   1.00 3.50  ? 59  THR X CG2   1 
ATOM   478  N N     . THR A 1 60  ? 1.510   -12.953 5.884   1.00 12.13 ? 60  THR X N     1 
ATOM   479  C CA    . THR A 1 60  ? 2.193   -14.231 6.072   1.00 14.65 ? 60  THR X CA    1 
ATOM   480  C C     . THR A 1 60  ? 3.151   -14.539 4.920   1.00 16.00 ? 60  THR X C     1 
ATOM   481  O O     . THR A 1 60  ? 4.174   -15.220 5.117   1.00 17.21 ? 60  THR X O     1 
ATOM   482  C CB    . THR A 1 60  ? 1.204   -15.396 6.361   1.00 14.70 ? 60  THR X CB    1 
ATOM   483  O OG1   . THR A 1 60  ? 0.158   -15.418 5.382   1.00 22.90 ? 60  THR X OG1   1 
ATOM   484  C CG2   . THR A 1 60  ? 0.550   -15.174 7.689   1.00 8.84  ? 60  THR X CG2   1 
ATOM   485  N N     . SER A 1 61  ? 2.839   -14.005 3.743   1.00 14.54 ? 61  SER X N     1 
ATOM   486  C CA    . SER A 1 61  ? 3.638   -14.232 2.522   1.00 15.93 ? 61  SER X CA    1 
ATOM   487  C C     . SER A 1 61  ? 4.222   -12.902 2.045   1.00 15.08 ? 61  SER X C     1 
ATOM   488  O O     . SER A 1 61  ? 3.683   -11.833 2.383   1.00 11.51 ? 61  SER X O     1 
ATOM   489  C CB    . SER A 1 61  ? 2.743   -14.771 1.393   1.00 15.99 ? 61  SER X CB    1 
ATOM   490  O OG    . SER A 1 61  ? 2.183   -16.057 1.666   1.00 21.40 ? 61  SER X OG    1 
ATOM   491  N N     . GLU A 1 62  ? 5.279   -12.965 1.211   1.00 14.15 ? 62  GLU X N     1 
ATOM   492  C CA    . GLU A 1 62  ? 5.809   -11.754 0.558   1.00 15.14 ? 62  GLU X CA    1 
ATOM   493  C C     . GLU A 1 62  ? 4.965   -11.380 -0.651  1.00 14.50 ? 62  GLU X C     1 
ATOM   494  O O     . GLU A 1 62  ? 4.387   -12.255 -1.335  1.00 15.98 ? 62  GLU X O     1 
ATOM   495  C CB    . GLU A 1 62  ? 7.282   -11.941 0.128   1.00 13.27 ? 62  GLU X CB    1 
ATOM   496  C CG    . GLU A 1 62  ? 8.198   -12.175 1.322   1.00 17.26 ? 62  GLU X CG    1 
ATOM   497  C CD    . GLU A 1 62  ? 9.674   -12.339 0.978   1.00 19.01 ? 62  GLU X CD    1 
ATOM   498  O OE1   . GLU A 1 62  ? 10.041  -12.582 -0.181  1.00 21.80 ? 62  GLU X OE1   1 
ATOM   499  O OE2   . GLU A 1 62  ? 10.475  -12.252 1.911   1.00 26.61 ? 62  GLU X OE2   1 
ATOM   500  N N     . PHE A 1 63  ? 4.906   -10.082 -0.925  1.00 13.86 ? 63  PHE X N     1 
ATOM   501  C CA    . PHE A 1 63  ? 4.169   -9.586  -2.071  1.00 11.98 ? 63  PHE X CA    1 
ATOM   502  C C     . PHE A 1 63  ? 5.110   -8.777  -2.951  1.00 10.20 ? 63  PHE X C     1 
ATOM   503  O O     . PHE A 1 63  ? 6.141   -8.363  -2.512  1.00 9.31  ? 63  PHE X O     1 
ATOM   504  C CB    . PHE A 1 63  ? 3.061   -8.656  -1.594  1.00 11.58 ? 63  PHE X CB    1 
ATOM   505  C CG    . PHE A 1 63  ? 1.839   -9.366  -1.044  1.00 11.90 ? 63  PHE X CG    1 
ATOM   506  C CD1   . PHE A 1 63  ? 1.880   -10.022 0.192   1.00 10.91 ? 63  PHE X CD1   1 
ATOM   507  C CD2   . PHE A 1 63  ? 0.640   -9.306  -1.730  1.00 13.18 ? 63  PHE X CD2   1 
ATOM   508  C CE1   . PHE A 1 63  ? 0.726   -10.660 0.713   1.00 7.49  ? 63  PHE X CE1   1 
ATOM   509  C CE2   . PHE A 1 63  ? -0.517  -9.935  -1.220  1.00 12.75 ? 63  PHE X CE2   1 
ATOM   510  C CZ    . PHE A 1 63  ? -0.449  -10.624 0.007   1.00 9.36  ? 63  PHE X CZ    1 
ATOM   511  N N     . TYR A 1 64  ? 4.706   -8.529  -4.190  1.00 12.20 ? 64  TYR X N     1 
ATOM   512  C CA    . TYR A 1 64  ? 5.389   -7.615  -5.068  1.00 11.44 ? 64  TYR X CA    1 
ATOM   513  C C     . TYR A 1 64  ? 4.939   -6.206  -4.697  1.00 10.57 ? 64  TYR X C     1 
ATOM   514  O O     . TYR A 1 64  ? 3.769   -5.868  -4.798  1.00 8.55  ? 64  TYR X O     1 
ATOM   515  C CB    . TYR A 1 64  ? 4.956   -7.886  -6.505  1.00 14.31 ? 64  TYR X CB    1 
ATOM   516  C CG    . TYR A 1 64  ? 5.707   -8.957  -7.245  1.00 18.47 ? 64  TYR X CG    1 
ATOM   517  C CD1   . TYR A 1 64  ? 7.097   -9.046  -7.176  1.00 20.98 ? 64  TYR X CD1   1 
ATOM   518  C CD2   . TYR A 1 64  ? 5.031   -9.846  -8.074  1.00 23.46 ? 64  TYR X CD2   1 
ATOM   519  C CE1   . TYR A 1 64  ? 7.798   -10.005 -7.910  1.00 22.02 ? 64  TYR X CE1   1 
ATOM   520  C CE2   . TYR A 1 64  ? 5.717   -10.809 -8.810  1.00 26.53 ? 64  TYR X CE2   1 
ATOM   521  C CZ    . TYR A 1 64  ? 7.096   -10.878 -8.724  1.00 24.98 ? 64  TYR X CZ    1 
ATOM   522  O OH    . TYR A 1 64  ? 7.777   -11.837 -9.452  1.00 25.96 ? 64  TYR X OH    1 
ATOM   523  N N     . LEU A 1 65  ? 5.892   -5.383  -4.266  1.00 10.10 ? 65  LEU X N     1 
ATOM   524  C CA    . LEU A 1 65  ? 5.587   -4.000  -3.894  1.00 10.13 ? 65  LEU X CA    1 
ATOM   525  C C     . LEU A 1 65  ? 6.232   -3.038  -4.891  1.00 10.88 ? 65  LEU X C     1 
ATOM   526  O O     . LEU A 1 65  ? 7.300   -3.337  -5.432  1.00 10.07 ? 65  LEU X O     1 
ATOM   527  C CB    . LEU A 1 65  ? 6.086   -3.744  -2.462  1.00 9.10  ? 65  LEU X CB    1 
ATOM   528  C CG    . LEU A 1 65  ? 5.611   -4.749  -1.391  1.00 10.67 ? 65  LEU X CG    1 
ATOM   529  C CD1   . LEU A 1 65  ? 6.296   -4.567  -0.023  1.00 10.96 ? 65  LEU X CD1   1 
ATOM   530  C CD2   . LEU A 1 65  ? 4.094   -4.730  -1.214  1.00 11.71 ? 65  LEU X CD2   1 
ATOM   531  N N     . SER A 1 66  ? 5.562   -1.913  -5.161  1.00 10.06 ? 66  SER X N     1 
ATOM   532  C CA    . SER A 1 66  ? 6.131   -0.800  -5.912  1.00 12.36 ? 66  SER X CA    1 
ATOM   533  C C     . SER A 1 66  ? 6.039   0.456   -5.062  1.00 12.01 ? 66  SER X C     1 
ATOM   534  O O     . SER A 1 66  ? 4.953   0.855   -4.660  1.00 10.12 ? 66  SER X O     1 
ATOM   535  C CB    . SER A 1 66  ? 5.372   -0.613  -7.218  1.00 12.40 ? 66  SER X CB    1 
ATOM   536  O OG    . SER A 1 66  ? 5.617   -1.743  -8.072  1.00 14.14 ? 66  SER X OG    1 
ATOM   537  N N     . ASP A 1 67  ? 7.179   1.051   -4.749  1.00 12.64 ? 67  ASP X N     1 
ATOM   538  C CA    . ASP A 1 67  ? 7.191   2.288   -3.968  1.00 13.98 ? 67  ASP X CA    1 
ATOM   539  C C     . ASP A 1 67  ? 7.443   3.460   -4.896  1.00 13.87 ? 67  ASP X C     1 
ATOM   540  O O     . ASP A 1 67  ? 8.341   3.398   -5.738  1.00 13.21 ? 67  ASP X O     1 
ATOM   541  C CB    . ASP A 1 67  ? 8.307   2.278   -2.914  1.00 14.56 ? 67  ASP X CB    1 
ATOM   542  C CG    . ASP A 1 67  ? 7.963   1.487   -1.659  1.00 22.34 ? 67  ASP X CG    1 
ATOM   543  O OD1   . ASP A 1 67  ? 6.839   1.592   -1.140  1.00 22.66 ? 67  ASP X OD1   1 
ATOM   544  O OD2   . ASP A 1 67  ? 8.863   0.792   -1.147  1.00 29.52 ? 67  ASP X OD2   1 
ATOM   545  N N     . CYS A 1 68  ? 6.635   4.507   -4.757  1.00 12.96 ? 68  CYS X N     1 
ATOM   546  C CA    . CYS A 1 68  ? 6.903   5.791   -5.384  1.00 14.10 ? 68  CYS X CA    1 
ATOM   547  C C     . CYS A 1 68  ? 7.638   6.614   -4.333  1.00 13.67 ? 68  CYS X C     1 
ATOM   548  O O     . CYS A 1 68  ? 7.065   6.953   -3.300  1.00 14.17 ? 68  CYS X O     1 
ATOM   549  C CB    . CYS A 1 68  ? 5.599   6.483   -5.815  1.00 13.23 ? 68  CYS X CB    1 
ATOM   550  S SG    . CYS A 1 68  ? 4.679   5.621   -7.135  1.00 12.61 ? 68  CYS X SG    1 
ATOM   551  N N     . ASN A 1 69  ? 8.919   6.878   -4.577  1.00 13.64 ? 69  ASN X N     1 
ATOM   552  C CA    . ASN A 1 69  ? 9.738   7.676   -3.655  1.00 14.78 ? 69  ASN X CA    1 
ATOM   553  C C     . ASN A 1 69  ? 10.130  8.977   -4.321  1.00 14.78 ? 69  ASN X C     1 
ATOM   554  O O     . ASN A 1 69  ? 10.663  8.975   -5.448  1.00 15.20 ? 69  ASN X O     1 
ATOM   555  C CB    . ASN A 1 69  ? 11.003  6.926   -3.218  1.00 15.65 ? 69  ASN X CB    1 
ATOM   556  C CG    . ASN A 1 69  ? 10.709  5.596   -2.518  1.00 18.56 ? 69  ASN X CG    1 
ATOM   557  O OD1   . ASN A 1 69  ? 9.843   5.502   -1.660  1.00 24.45 ? 69  ASN X OD1   1 
ATOM   558  N ND2   . ASN A 1 69  ? 11.447  4.561   -2.896  1.00 17.13 ? 69  ASN X ND2   1 
ATOM   559  N N     . VAL A 1 70  ? 9.890   10.097  -3.637  1.00 14.19 ? 70  VAL X N     1 
ATOM   560  C CA    . VAL A 1 70  ? 10.085  11.410  -4.271  1.00 14.28 ? 70  VAL X CA    1 
ATOM   561  C C     . VAL A 1 70  ? 11.577  11.663  -4.509  1.00 15.19 ? 70  VAL X C     1 
ATOM   562  O O     . VAL A 1 70  ? 12.415  11.294  -3.684  1.00 15.23 ? 70  VAL X O     1 
ATOM   563  C CB    . VAL A 1 70  ? 9.429   12.567  -3.437  1.00 14.91 ? 70  VAL X CB    1 
ATOM   564  C CG1   . VAL A 1 70  ? 10.194  12.822  -2.173  1.00 15.09 ? 70  VAL X CG1   1 
ATOM   565  C CG2   . VAL A 1 70  ? 9.252   13.839  -4.292  1.00 14.42 ? 70  VAL X CG2   1 
ATOM   566  N N     . THR A 1 71  ? 11.888  12.254  -5.655  1.00 17.93 ? 71  THR X N     1 
ATOM   567  C CA    . THR A 1 71  ? 13.257  12.672  -5.959  1.00 19.55 ? 71  THR X CA    1 
ATOM   568  C C     . THR A 1 71  ? 13.522  14.051  -5.334  1.00 21.24 ? 71  THR X C     1 
ATOM   569  O O     . THR A 1 71  ? 12.723  14.565  -4.534  1.00 19.70 ? 71  THR X O     1 
ATOM   570  C CB    . THR A 1 71  ? 13.516  12.754  -7.467  1.00 19.85 ? 71  THR X CB    1 
ATOM   571  O OG1   . THR A 1 71  ? 12.767  13.835  -8.026  1.00 24.01 ? 71  THR X OG1   1 
ATOM   572  C CG2   . THR A 1 71  ? 13.158  11.435  -8.189  1.00 22.25 ? 71  THR X CG2   1 
ATOM   573  N N     . SER A 1 72  ? 14.660  14.642  -5.690  1.00 22.09 ? 72  SER X N     1 
ATOM   574  C CA    . SER A 1 72  ? 14.991  16.009  -5.272  1.00 22.08 ? 72  SER X CA    1 
ATOM   575  C C     . SER A 1 72  ? 14.106  17.058  -5.933  1.00 21.45 ? 72  SER X C     1 
ATOM   576  O O     . SER A 1 72  ? 14.135  18.223  -5.557  1.00 23.58 ? 72  SER X O     1 
ATOM   577  C CB    . SER A 1 72  ? 16.468  16.279  -5.572  1.00 20.89 ? 72  SER X CB    1 
ATOM   578  O OG    . SER A 1 72  ? 17.251  15.731  -4.530  1.00 29.12 ? 72  SER X OG    1 
ATOM   579  N N     . ARG A 1 73  ? 13.354  16.637  -6.948  1.00 19.59 ? 73  ARG X N     1 
ATOM   580  C CA    . ARG A 1 73  ? 12.427  17.475  -7.646  1.00 21.77 ? 73  ARG X CA    1 
ATOM   581  C C     . ARG A 1 73  ? 11.036  17.189  -7.061  1.00 20.13 ? 73  ARG X C     1 
ATOM   582  O O     . ARG A 1 73  ? 10.520  16.078  -7.232  1.00 19.70 ? 73  ARG X O     1 
ATOM   583  C CB    . ARG A 1 73  ? 12.469  17.144  -9.148  1.00 21.08 ? 73  ARG X CB    1 
ATOM   584  C CG    . ARG A 1 73  ? 13.732  17.662  -9.889  1.00 28.37 ? 73  ARG X CG    1 
ATOM   585  C CD    . ARG A 1 73  ? 13.796  17.154  -11.348 1.00 27.81 ? 73  ARG X CD    1 
ATOM   586  N NE    . ARG A 1 73  ? 14.915  17.729  -12.110 1.00 46.96 ? 73  ARG X NE    1 
ATOM   587  C CZ    . ARG A 1 73  ? 15.599  17.103  -13.076 1.00 50.41 ? 73  ARG X CZ    1 
ATOM   588  N NH1   . ARG A 1 73  ? 15.318  15.846  -13.419 1.00 50.93 ? 73  ARG X NH1   1 
ATOM   589  N NH2   . ARG A 1 73  ? 16.590  17.738  -13.698 1.00 53.70 ? 73  ARG X NH2   1 
ATOM   590  N N     . PRO A 1 74  ? 10.446  18.168  -6.335  1.00 19.57 ? 74  PRO X N     1 
ATOM   591  C CA    . PRO A 1 74  ? 9.103   17.984  -5.760  1.00 18.57 ? 74  PRO X CA    1 
ATOM   592  C C     . PRO A 1 74  ? 8.092   17.385  -6.726  1.00 19.06 ? 74  PRO X C     1 
ATOM   593  O O     . PRO A 1 74  ? 7.985   17.829  -7.870  1.00 19.36 ? 74  PRO X O     1 
ATOM   594  C CB    . PRO A 1 74  ? 8.712   19.407  -5.332  1.00 17.95 ? 74  PRO X CB    1 
ATOM   595  C CG    . PRO A 1 74  ? 10.002  19.978  -4.882  1.00 17.44 ? 74  PRO X CG    1 
ATOM   596  C CD    . PRO A 1 74  ? 11.024  19.466  -5.922  1.00 17.57 ? 74  PRO X CD    1 
ATOM   597  N N     . CYS A 1 75  ? 7.368   16.369  -6.253  1.00 20.68 ? 75  CYS X N     1 
ATOM   598  C CA    . CYS A 1 75  ? 6.361   15.642  -7.050  1.00 20.85 ? 75  CYS X CA    1 
ATOM   599  C C     . CYS A 1 75  ? 6.909   14.874  -8.271  1.00 21.08 ? 75  CYS X C     1 
ATOM   600  O O     . CYS A 1 75  ? 6.171   14.556  -9.210  1.00 20.73 ? 75  CYS X O     1 
ATOM   601  C CB    . CYS A 1 75  ? 5.194   16.550  -7.454  1.00 23.13 ? 75  CYS X CB    1 
ATOM   602  S SG    . CYS A 1 75  ? 3.583   15.676  -7.452  1.00 23.85 ? 75  CYS X SG    1 
ATOM   603  N N     . LYS A 1 76  ? 8.204   14.571  -8.249  1.00 20.87 ? 76  LYS X N     1 
ATOM   604  C CA    . LYS A 1 76  ? 8.805   13.736  -9.293  1.00 20.70 ? 76  LYS X CA    1 
ATOM   605  C C     . LYS A 1 76  ? 9.427   12.571  -8.566  1.00 19.31 ? 76  LYS X C     1 
ATOM   606  O O     . LYS A 1 76  ? 10.102  12.761  -7.546  1.00 19.28 ? 76  LYS X O     1 
ATOM   607  C CB    . LYS A 1 76  ? 9.851   14.500  -10.130 1.00 21.61 ? 76  LYS X CB    1 
ATOM   608  C CG    . LYS A 1 76  ? 9.298   15.713  -10.898 1.00 25.76 ? 76  LYS X CG    1 
ATOM   609  C CD    . LYS A 1 76  ? 8.201   15.334  -11.872 1.00 32.40 ? 76  LYS X CD    1 
ATOM   610  C CE    . LYS A 1 76  ? 7.137   16.428  -11.979 1.00 39.24 ? 76  LYS X CE    1 
ATOM   611  N NZ    . LYS A 1 76  ? 6.029   16.082  -12.943 1.00 41.80 ? 76  LYS X NZ    1 
ATOM   612  N N     . TYR A 1 77  ? 9.181   11.372  -9.087  1.00 17.04 ? 77  TYR X N     1 
ATOM   613  C CA    . TYR A 1 77  ? 9.415   10.146  -8.325  1.00 15.53 ? 77  TYR X CA    1 
ATOM   614  C C     . TYR A 1 77  ? 10.305  9.177   -9.057  1.00 14.78 ? 77  TYR X C     1 
ATOM   615  O O     . TYR A 1 77  ? 10.396  9.221   -10.283 1.00 14.99 ? 77  TYR X O     1 
ATOM   616  C CB    . TYR A 1 77  ? 8.080   9.444   -8.033  1.00 14.39 ? 77  TYR X CB    1 
ATOM   617  C CG    . TYR A 1 77  ? 7.225   10.256  -7.091  1.00 10.99 ? 77  TYR X CG    1 
ATOM   618  C CD1   . TYR A 1 77  ? 6.379   11.250  -7.583  1.00 13.53 ? 77  TYR X CD1   1 
ATOM   619  C CD2   . TYR A 1 77  ? 7.272   10.047  -5.719  1.00 9.94  ? 77  TYR X CD2   1 
ATOM   620  C CE1   . TYR A 1 77  ? 5.629   12.040  -6.720  1.00 8.26  ? 77  TYR X CE1   1 
ATOM   621  C CE2   . TYR A 1 77  ? 6.500   10.845  -4.838  1.00 12.14 ? 77  TYR X CE2   1 
ATOM   622  C CZ    . TYR A 1 77  ? 5.692   11.818  -5.354  1.00 10.22 ? 77  TYR X CZ    1 
ATOM   623  O OH    . TYR A 1 77  ? 4.929   12.613  -4.520  1.00 14.72 ? 77  TYR X OH    1 
ATOM   624  N N     . LYS A 1 78  ? 10.922  8.307   -8.272  1.00 16.58 ? 78  LYS X N     1 
ATOM   625  C CA    . LYS A 1 78  ? 11.485  7.030   -8.733  1.00 16.58 ? 78  LYS X CA    1 
ATOM   626  C C     . LYS A 1 78  ? 10.598  5.914   -8.231  1.00 16.58 ? 78  LYS X C     1 
ATOM   627  O O     . LYS A 1 78  ? 10.104  5.968   -7.103  1.00 16.55 ? 78  LYS X O     1 
ATOM   628  C CB    . LYS A 1 78  ? 12.872  6.818   -8.137  1.00 17.06 ? 78  LYS X CB    1 
ATOM   629  C CG    . LYS A 1 78  ? 13.886  7.831   -8.626  1.00 26.12 ? 78  LYS X CG    1 
ATOM   630  C CD    . LYS A 1 78  ? 15.317  7.333   -8.454  1.00 32.62 ? 78  LYS X CD    1 
ATOM   631  C CE    . LYS A 1 78  ? 16.186  7.757   -9.642  1.00 37.14 ? 78  LYS X CE    1 
ATOM   632  N NZ    . LYS A 1 78  ? 15.790  9.068   -10.260 1.00 38.87 ? 78  LYS X NZ    1 
ATOM   633  N N     . LEU A 1 79  ? 10.399  4.917   -9.093  1.00 15.99 ? 79  LEU X N     1 
ATOM   634  C CA    . LEU A 1 79  ? 9.666   3.713   -8.750  1.00 16.13 ? 79  LEU X CA    1 
ATOM   635  C C     . LEU A 1 79  ? 10.690  2.705   -8.225  1.00 16.88 ? 79  LEU X C     1 
ATOM   636  O O     . LEU A 1 79  ? 11.620  2.326   -8.946  1.00 16.45 ? 79  LEU X O     1 
ATOM   637  C CB    . LEU A 1 79  ? 8.988   3.172   -9.996  1.00 14.95 ? 79  LEU X CB    1 
ATOM   638  C CG    . LEU A 1 79  ? 8.201   1.878   -9.820  1.00 17.85 ? 79  LEU X CG    1 
ATOM   639  C CD1   . LEU A 1 79  ? 7.002   2.125   -8.951  1.00 19.55 ? 79  LEU X CD1   1 
ATOM   640  C CD2   . LEU A 1 79  ? 7.756   1.394   -11.195 1.00 23.45 ? 79  LEU X CD2   1 
ATOM   641  N N     . LYS A 1 80  ? 10.530  2.287   -6.977  1.00 14.85 ? 80  LYS X N     1 
ATOM   642  C CA    . LYS A 1 80  ? 11.402  1.276   -6.399  1.00 15.41 ? 80  LYS X CA    1 
ATOM   643  C C     . LYS A 1 80  ? 10.644  -0.065  -6.187  1.00 15.57 ? 80  LYS X C     1 
ATOM   644  O O     . LYS A 1 80  ? 9.670   -0.135  -5.423  1.00 14.15 ? 80  LYS X O     1 
ATOM   645  C CB    . LYS A 1 80  ? 12.028  1.799   -5.106  1.00 14.70 ? 80  LYS X CB    1 
ATOM   646  C CG    . LYS A 1 80  ? 12.853  0.753   -4.327  1.00 23.98 ? 80  LYS X CG    1 
ATOM   647  C CD    . LYS A 1 80  ? 14.104  0.349   -5.092  1.00 31.97 ? 80  LYS X CD    1 
ATOM   648  C CE    . LYS A 1 80  ? 14.878  -0.716  -4.356  1.00 37.95 ? 80  LYS X CE    1 
ATOM   649  N NZ    . LYS A 1 80  ? 16.319  -0.552  -4.686  1.00 44.09 ? 80  LYS X NZ    1 
ATOM   650  N N     . LYS A 1 81  ? 11.084  -1.123  -6.869  1.00 14.91 ? 81  LYS X N     1 
ATOM   651  C CA    . LYS A 1 81  ? 10.395  -2.417  -6.757  1.00 13.24 ? 81  LYS X CA    1 
ATOM   652  C C     . LYS A 1 81  ? 11.077  -3.333  -5.769  1.00 15.60 ? 81  LYS X C     1 
ATOM   653  O O     . LYS A 1 81  ? 12.301  -3.490  -5.793  1.00 15.13 ? 81  LYS X O     1 
ATOM   654  C CB    . LYS A 1 81  ? 10.318  -3.119  -8.105  1.00 13.08 ? 81  LYS X CB    1 
ATOM   655  C CG    . LYS A 1 81  ? 9.430   -2.390  -9.115  1.00 9.24  ? 81  LYS X CG    1 
ATOM   656  C CD    . LYS A 1 81  ? 9.614   -2.987  -10.489 1.00 14.05 ? 81  LYS X CD    1 
ATOM   657  C CE    . LYS A 1 81  ? 8.821   -2.216  -11.530 1.00 15.45 ? 81  LYS X CE    1 
ATOM   658  N NZ    . LYS A 1 81  ? 8.817   -2.859  -12.893 1.00 17.59 ? 81  LYS X NZ    1 
ATOM   659  N N     . SER A 1 82  ? 10.275  -3.950  -4.907  1.00 14.20 ? 82  SER X N     1 
ATOM   660  C CA    . SER A 1 82  ? 10.764  -4.904  -3.947  1.00 12.68 ? 82  SER X CA    1 
ATOM   661  C C     . SER A 1 82  ? 9.774   -6.071  -3.772  1.00 12.50 ? 82  SER X C     1 
ATOM   662  O O     . SER A 1 82  ? 8.629   -5.975  -4.172  1.00 11.24 ? 82  SER X O     1 
ATOM   663  C CB    . SER A 1 82  ? 11.067  -4.238  -2.605  1.00 15.13 ? 82  SER X CB    1 
ATOM   664  O OG    . SER A 1 82  ? 9.889   -3.931  -1.877  1.00 9.98  ? 82  SER X OG    1 
ATOM   665  N N     . THR A 1 83  ? 10.258  -7.177  -3.224  1.00 12.76 ? 83  THR X N     1 
ATOM   666  C CA    . THR A 1 83  ? 9.420   -8.286  -2.809  1.00 12.80 ? 83  THR X CA    1 
ATOM   667  C C     . THR A 1 83  ? 9.551   -8.397  -1.276  1.00 13.30 ? 83  THR X C     1 
ATOM   668  O O     . THR A 1 83  ? 10.657  -8.600  -0.744  1.00 14.24 ? 83  THR X O     1 
ATOM   669  C CB    . THR A 1 83  ? 9.871   -9.579  -3.538  1.00 15.06 ? 83  THR X CB    1 
ATOM   670  O OG1   . THR A 1 83  ? 9.730   -9.366  -4.947  1.00 15.21 ? 83  THR X OG1   1 
ATOM   671  C CG2   . THR A 1 83  ? 9.034   -10.797 -3.117  1.00 12.75 ? 83  THR X CG2   1 
ATOM   672  N N     . ASN A 1 84  ? 8.438   -8.234  -0.554  1.00 11.58 ? 84  ASN X N     1 
ATOM   673  C CA    . ASN A 1 84  ? 8.519   -8.211  0.907   1.00 11.78 ? 84  ASN X CA    1 
ATOM   674  C C     . ASN A 1 84  ? 7.156   -8.465  1.542   1.00 10.37 ? 84  ASN X C     1 
ATOM   675  O O     . ASN A 1 84  ? 6.119   -8.322  0.898   1.00 9.68  ? 84  ASN X O     1 
ATOM   676  C CB    . ASN A 1 84  ? 9.078   -6.874  1.389   1.00 15.25 ? 84  ASN X CB    1 
ATOM   677  C CG    . ASN A 1 84  ? 9.949   -6.997  2.655   1.00 21.43 ? 84  ASN X CG    1 
ATOM   678  O OD1   . ASN A 1 84  ? 9.888   -7.983  3.430   1.00 28.34 ? 84  ASN X OD1   1 
ATOM   679  N ND2   . ASN A 1 84  ? 10.758  -5.969  2.878   1.00 26.45 ? 84  ASN X ND2   1 
ATOM   680  N N     . LYS A 1 85  ? 7.176   -8.816  2.815   1.00 9.76  ? 85  LYS X N     1 
ATOM   681  C CA    . LYS A 1 85  ? 5.967   -8.808  3.622   1.00 9.40  ? 85  LYS X CA    1 
ATOM   682  C C     . LYS A 1 85  ? 5.641   -7.347  3.906   1.00 8.90  ? 85  LYS X C     1 
ATOM   683  O O     . LYS A 1 85  ? 6.500   -6.458  3.790   1.00 8.46  ? 85  LYS X O     1 
ATOM   684  C CB    . LYS A 1 85  ? 6.200   -9.564  4.941   1.00 10.66 ? 85  LYS X CB    1 
ATOM   685  C CG    . LYS A 1 85  ? 6.493   -11.042 4.758   1.00 9.57  ? 85  LYS X CG    1 
ATOM   686  C CD    . LYS A 1 85  ? 6.674   -11.702 6.122   1.00 17.30 ? 85  LYS X CD    1 
ATOM   687  C CE    . LYS A 1 85  ? 6.885   -13.210 5.958   1.00 22.52 ? 85  LYS X CE    1 
ATOM   688  N NZ    . LYS A 1 85  ? 6.694   -13.912 7.271   1.00 28.34 ? 85  LYS X NZ    1 
ATOM   689  N N     . PHE A 1 86  ? 4.418   -7.080  4.349   1.00 6.85  ? 86  PHE X N     1 
ATOM   690  C CA    . PHE A 1 86  ? 4.099   -5.743  4.805   1.00 6.46  ? 86  PHE X CA    1 
ATOM   691  C C     . PHE A 1 86  ? 3.042   -5.835  5.880   1.00 7.69  ? 86  PHE X C     1 
ATOM   692  O O     . PHE A 1 86  ? 2.395   -6.880  6.040   1.00 6.50  ? 86  PHE X O     1 
ATOM   693  C CB    . PHE A 1 86  ? 3.647   -4.832  3.648   1.00 7.20  ? 86  PHE X CB    1 
ATOM   694  C CG    . PHE A 1 86  ? 2.409   -5.322  2.912   1.00 11.89 ? 86  PHE X CG    1 
ATOM   695  C CD1   . PHE A 1 86  ? 1.136   -4.948  3.343   1.00 11.46 ? 86  PHE X CD1   1 
ATOM   696  C CD2   . PHE A 1 86  ? 2.523   -6.149  1.790   1.00 10.57 ? 86  PHE X CD2   1 
ATOM   697  C CE1   . PHE A 1 86  ? -0.008  -5.412  2.673   1.00 13.72 ? 86  PHE X CE1   1 
ATOM   698  C CE2   . PHE A 1 86  ? 1.379   -6.608  1.107   1.00 10.97 ? 86  PHE X CE2   1 
ATOM   699  C CZ    . PHE A 1 86  ? 0.119   -6.229  1.552   1.00 10.67 ? 86  PHE X CZ    1 
ATOM   700  N N     . CYS A 1 87  ? 2.897   -4.744  6.611   1.00 7.12  ? 87  CYS X N     1 
ATOM   701  C CA    . CYS A 1 87  ? 1.955   -4.685  7.720   1.00 8.58  ? 87  CYS X CA    1 
ATOM   702  C C     . CYS A 1 87  ? 0.816   -3.687  7.446   1.00 7.18  ? 87  CYS X C     1 
ATOM   703  O O     . CYS A 1 87  ? 1.039   -2.630  6.854   1.00 6.78  ? 87  CYS X O     1 
ATOM   704  C CB    . CYS A 1 87  ? 2.720   -4.282  8.994   1.00 8.00  ? 87  CYS X CB    1 
ATOM   705  S SG    . CYS A 1 87  ? 1.699   -4.157  10.484  1.00 9.60  ? 87  CYS X SG    1 
ATOM   706  N N     . VAL A 1 88  ? -0.389  -4.027  7.903   1.00 9.57  ? 88  VAL X N     1 
ATOM   707  C CA    . VAL A 1 88  ? -1.567  -3.158  7.762   1.00 8.00  ? 88  VAL X CA    1 
ATOM   708  C C     . VAL A 1 88  ? -2.303  -3.112  9.098   1.00 5.57  ? 88  VAL X C     1 
ATOM   709  O O     . VAL A 1 88  ? -2.112  -3.977  9.937   1.00 7.90  ? 88  VAL X O     1 
ATOM   710  C CB    . VAL A 1 88  ? -2.552  -3.690  6.678   1.00 8.93  ? 88  VAL X CB    1 
ATOM   711  C CG1   . VAL A 1 88  ? -1.844  -3.705  5.309   1.00 9.04  ? 88  VAL X CG1   1 
ATOM   712  C CG2   . VAL A 1 88  ? -3.053  -5.086  7.040   1.00 11.28 ? 88  VAL X CG2   1 
ATOM   713  N N     . THR A 1 89  ? -3.136  -2.105  9.292   1.00 5.12  ? 89  THR X N     1 
ATOM   714  C CA    . THR A 1 89  ? -4.042  -2.111  10.431  1.00 6.31  ? 89  THR X CA    1 
ATOM   715  C C     . THR A 1 89  ? -5.277  -2.821  9.911   1.00 6.64  ? 89  THR X C     1 
ATOM   716  O O     . THR A 1 89  ? -5.825  -2.404  8.870   1.00 8.81  ? 89  THR X O     1 
ATOM   717  C CB    . THR A 1 89  ? -4.433  -0.681  10.814  1.00 5.04  ? 89  THR X CB    1 
ATOM   718  O OG1   . THR A 1 89  ? -3.245  0.044   11.170  1.00 9.45  ? 89  THR X OG1   1 
ATOM   719  C CG2   . THR A 1 89  ? -5.415  -0.681  12.017  1.00 5.88  ? 89  THR X CG2   1 
ATOM   720  N N     . CYS A 1 90  ? -5.707  -3.867  10.622  1.00 6.65  ? 90  CYS X N     1 
ATOM   721  C CA    . CYS A 1 90  ? -6.959  -4.560  10.317  1.00 7.70  ? 90  CYS X CA    1 
ATOM   722  C C     . CYS A 1 90  ? -8.062  -4.041  11.233  1.00 8.91  ? 90  CYS X C     1 
ATOM   723  O O     . CYS A 1 90  ? -7.860  -4.008  12.462  1.00 7.11  ? 90  CYS X O     1 
ATOM   724  C CB    . CYS A 1 90  ? -6.801  -6.069  10.579  1.00 7.66  ? 90  CYS X CB    1 
ATOM   725  S SG    . CYS A 1 90  ? -5.632  -6.851  9.471   1.00 9.29  ? 90  CYS X SG    1 
ATOM   726  N N     . GLU A 1 91  ? -9.199  -3.641  10.642  1.00 7.74  ? 91  GLU X N     1 
ATOM   727  C CA    . GLU A 1 91  ? -10.426 -3.313  11.405  1.00 8.55  ? 91  GLU X CA    1 
ATOM   728  C C     . GLU A 1 91  ? -11.601 -3.919  10.689  1.00 9.18  ? 91  GLU X C     1 
ATOM   729  O O     . GLU A 1 91  ? -11.770 -3.711  9.485   1.00 10.22 ? 91  GLU X O     1 
ATOM   730  C CB    . GLU A 1 91  ? -10.619 -1.800  11.529  1.00 7.40  ? 91  GLU X CB    1 
ATOM   731  C CG    . GLU A 1 91  ? -9.550  -1.181  12.462  1.00 10.13 ? 91  GLU X CG    1 
ATOM   732  C CD    . GLU A 1 91  ? -9.558  0.322   12.502  1.00 14.02 ? 91  GLU X CD    1 
ATOM   733  O OE1   . GLU A 1 91  ? -10.480 0.949   11.921  1.00 11.92 ? 91  GLU X OE1   1 
ATOM   734  O OE2   . GLU A 1 91  ? -8.627  0.871   13.142  1.00 16.25 ? 91  GLU X OE2   1 
ATOM   735  N N     . ASN A 1 92  ? -12.411 -4.674  11.415  1.00 10.71 ? 92  ASN X N     1 
ATOM   736  C CA    . ASN A 1 92  ? -13.582 -5.317  10.832  1.00 10.75 ? 92  ASN X CA    1 
ATOM   737  C C     . ASN A 1 92  ? -13.221 -6.219  9.654   1.00 11.44 ? 92  ASN X C     1 
ATOM   738  O O     . ASN A 1 92  ? -13.858 -6.157  8.602   1.00 11.25 ? 92  ASN X O     1 
ATOM   739  C CB    . ASN A 1 92  ? -14.574 -4.241  10.397  1.00 9.34  ? 92  ASN X CB    1 
ATOM   740  C CG    . ASN A 1 92  ? -15.916 -4.395  11.066  1.00 13.13 ? 92  ASN X CG    1 
ATOM   741  O OD1   . ASN A 1 92  ? -15.988 -4.683  12.258  1.00 13.10 ? 92  ASN X OD1   1 
ATOM   742  N ND2   . ASN A 1 92  ? -16.988 -4.160  10.313  1.00 18.89 ? 92  ASN X ND2   1 
ATOM   743  N N     . GLN A 1 93  ? -12.173 -7.027  9.842   1.00 9.09  ? 93  GLN X N     1 
ATOM   744  C CA    . GLN A 1 93  ? -11.632 -7.937  8.856   1.00 11.57 ? 93  GLN X CA    1 
ATOM   745  C C     . GLN A 1 93  ? -11.175 -7.317  7.535   1.00 10.41 ? 93  GLN X C     1 
ATOM   746  O O     . GLN A 1 93  ? -11.158 -8.014  6.499   1.00 12.19 ? 93  GLN X O     1 
ATOM   747  C CB    . GLN A 1 93  ? -12.600 -9.116  8.607   1.00 13.40 ? 93  GLN X CB    1 
ATOM   748  C CG    . GLN A 1 93  ? -13.319 -9.614  9.874   1.00 14.44 ? 93  GLN X CG    1 
ATOM   749  C CD    . GLN A 1 93  ? -14.062 -10.913 9.615   1.00 15.54 ? 93  GLN X CD    1 
ATOM   750  O OE1   . GLN A 1 93  ? -13.449 -11.931 9.281   1.00 16.17 ? 93  GLN X OE1   1 
ATOM   751  N NE2   . GLN A 1 93  ? -15.376 -10.886 9.788   1.00 19.15 ? 93  GLN X NE2   1 
ATOM   752  N N     . ALA A 1 94  ? -10.753 -6.052  7.567   1.00 9.71  ? 94  ALA X N     1 
ATOM   753  C CA    . ALA A 1 94  ? -10.171 -5.413  6.373   1.00 10.31 ? 94  ALA X CA    1 
ATOM   754  C C     . ALA A 1 94  ? -9.025  -4.438  6.688   1.00 8.99  ? 94  ALA X C     1 
ATOM   755  O O     . ALA A 1 94  ? -9.042  -3.785  7.724   1.00 6.17  ? 94  ALA X O     1 
ATOM   756  C CB    . ALA A 1 94  ? -11.276 -4.691  5.561   1.00 9.68  ? 94  ALA X CB    1 
ATOM   757  N N     . PRO A 1 95  ? -8.015  -4.344  5.784   1.00 8.92  ? 95  PRO X N     1 
ATOM   758  C CA    . PRO A 1 95  ? -6.951  -3.335  5.882   1.00 7.64  ? 95  PRO X CA    1 
ATOM   759  C C     . PRO A 1 95  ? -7.515  -1.925  5.732   1.00 7.79  ? 95  PRO X C     1 
ATOM   760  O O     . PRO A 1 95  ? -8.229  -1.673  4.792   1.00 4.18  ? 95  PRO X O     1 
ATOM   761  C CB    . PRO A 1 95  ? -6.064  -3.644  4.649   1.00 8.77  ? 95  PRO X CB    1 
ATOM   762  C CG    . PRO A 1 95  ? -6.333  -5.136  4.349   1.00 7.42  ? 95  PRO X CG    1 
ATOM   763  C CD    . PRO A 1 95  ? -7.803  -5.277  4.651   1.00 8.17  ? 95  PRO X CD    1 
ATOM   764  N N     . VAL A 1 96  ? -7.149  -1.023  6.642   1.00 7.90  ? 96  VAL X N     1 
ATOM   765  C CA    . VAL A 1 96  ? -7.656  0.348   6.657   1.00 6.77  ? 96  VAL X CA    1 
ATOM   766  C C     . VAL A 1 96  ? -6.528  1.369   6.681   1.00 6.79  ? 96  VAL X C     1 
ATOM   767  O O     . VAL A 1 96  ? -6.777  2.572   6.606   1.00 9.59  ? 96  VAL X O     1 
ATOM   768  C CB    . VAL A 1 96  ? -8.640  0.583   7.831   1.00 6.20  ? 96  VAL X CB    1 
ATOM   769  C CG1   . VAL A 1 96  ? -9.827  -0.340  7.682   1.00 4.01  ? 96  VAL X CG1   1 
ATOM   770  C CG2   . VAL A 1 96  ? -7.960  0.403   9.217   1.00 4.38  ? 96  VAL X CG2   1 
ATOM   771  N N     . HIS A 1 97  ? -5.281  0.889   6.743   1.00 6.20  ? 97  HIS X N     1 
ATOM   772  C CA    . HIS A 1 97  ? -4.126  1.768   6.909   1.00 7.57  ? 97  HIS X CA    1 
ATOM   773  C C     . HIS A 1 97  ? -2.896  0.929   6.621   1.00 9.01  ? 97  HIS X C     1 
ATOM   774  O O     . HIS A 1 97  ? -2.803  -0.219  7.084   1.00 9.66  ? 97  HIS X O     1 
ATOM   775  C CB    . HIS A 1 97  ? -4.131  2.320   8.357   1.00 6.25  ? 97  HIS X CB    1 
ATOM   776  C CG    . HIS A 1 97  ? -2.818  2.905   8.826   1.00 8.02  ? 97  HIS X CG    1 
ATOM   777  N ND1   . HIS A 1 97  ? -2.076  2.330   9.844   1.00 10.61 ? 97  HIS X ND1   1 
ATOM   778  C CD2   . HIS A 1 97  ? -2.147  4.021   8.459   1.00 11.64 ? 97  HIS X CD2   1 
ATOM   779  C CE1   . HIS A 1 97  ? -1.000  3.065   10.073  1.00 15.40 ? 97  HIS X CE1   1 
ATOM   780  N NE2   . HIS A 1 97  ? -1.015  4.096   9.246   1.00 11.66 ? 97  HIS X NE2   1 
ATOM   781  N N     . PHE A 1 98  ? -1.980  1.481   5.831   1.00 7.55  ? 98  PHE X N     1 
ATOM   782  C CA    . PHE A 1 98  ? -0.709  0.798   5.528   1.00 7.74  ? 98  PHE X CA    1 
ATOM   783  C C     . PHE A 1 98  ? 0.310   1.211   6.590   1.00 8.11  ? 98  PHE X C     1 
ATOM   784  O O     . PHE A 1 98  ? 0.585   2.408   6.763   1.00 10.16 ? 98  PHE X O     1 
ATOM   785  C CB    . PHE A 1 98  ? -0.214  1.178   4.130   1.00 5.85  ? 98  PHE X CB    1 
ATOM   786  C CG    . PHE A 1 98  ? 0.937   0.337   3.642   1.00 7.88  ? 98  PHE X CG    1 
ATOM   787  C CD1   . PHE A 1 98  ? 2.263   0.650   3.997   1.00 9.37  ? 98  PHE X CD1   1 
ATOM   788  C CD2   . PHE A 1 98  ? 0.700   -0.790  2.874   1.00 8.37  ? 98  PHE X CD2   1 
ATOM   789  C CE1   . PHE A 1 98  ? 3.346   -0.173  3.566   1.00 9.03  ? 98  PHE X CE1   1 
ATOM   790  C CE2   . PHE A 1 98  ? 1.773   -1.599  2.413   1.00 10.54 ? 98  PHE X CE2   1 
ATOM   791  C CZ    . PHE A 1 98  ? 3.076   -1.291  2.768   1.00 8.65  ? 98  PHE X CZ    1 
ATOM   792  N N     . VAL A 1 99  ? 0.850   0.231   7.302   1.00 8.03  ? 99  VAL X N     1 
ATOM   793  C CA    . VAL A 1 99  ? 1.751   0.494   8.418   1.00 9.09  ? 99  VAL X CA    1 
ATOM   794  C C     . VAL A 1 99  ? 3.213   0.581   7.983   1.00 10.37 ? 99  VAL X C     1 
ATOM   795  O O     . VAL A 1 99  ? 3.885   1.574   8.239   1.00 12.05 ? 99  VAL X O     1 
ATOM   796  C CB    . VAL A 1 99  ? 1.601   -0.572  9.508   1.00 7.01  ? 99  VAL X CB    1 
ATOM   797  C CG1   . VAL A 1 99  ? 2.678   -0.362  10.643  1.00 11.38 ? 99  VAL X CG1   1 
ATOM   798  C CG2   . VAL A 1 99  ? 0.166   -0.554  10.064  1.00 8.10  ? 99  VAL X CG2   1 
ATOM   799  N N     . GLY A 1 100 ? 3.713   -0.449  7.326   1.00 10.22 ? 100 GLY X N     1 
ATOM   800  C CA    . GLY A 1 100 ? 5.116   -0.426  6.911   1.00 9.72  ? 100 GLY X CA    1 
ATOM   801  C C     . GLY A 1 100 ? 5.503   -1.636  6.119   1.00 10.37 ? 100 GLY X C     1 
ATOM   802  O O     . GLY A 1 100 ? 4.722   -2.566  5.972   1.00 9.47  ? 100 GLY X O     1 
ATOM   803  N N     . VAL A 1 101 ? 6.725   -1.619  5.601   1.00 10.35 ? 101 VAL X N     1 
ATOM   804  C CA    . VAL A 1 101 ? 7.243   -2.733  4.823   1.00 10.61 ? 101 VAL X CA    1 
ATOM   805  C C     . VAL A 1 101 ? 8.189   -3.535  5.700   1.00 12.62 ? 101 VAL X C     1 
ATOM   806  O O     . VAL A 1 101 ? 9.016   -2.971  6.373   1.00 10.83 ? 101 VAL X O     1 
ATOM   807  C CB    . VAL A 1 101 ? 7.929   -2.216  3.542   1.00 13.37 ? 101 VAL X CB    1 
ATOM   808  C CG1   . VAL A 1 101 ? 8.495   -3.366  2.700   1.00 12.54 ? 101 VAL X CG1   1 
ATOM   809  C CG2   . VAL A 1 101 ? 6.906   -1.379  2.697   1.00 7.84  ? 101 VAL X CG2   1 
ATOM   810  N N     . GLY A 1 102 ? 8.051   -4.855  5.682   1.00 13.28 ? 102 GLY X N     1 
ATOM   811  C CA    . GLY A 1 102 ? 8.998   -5.750  6.337   1.00 13.55 ? 102 GLY X CA    1 
ATOM   812  C C     . GLY A 1 102 ? 8.540   -6.224  7.695   1.00 13.10 ? 102 GLY X C     1 
ATOM   813  O O     . GLY A 1 102 ? 8.872   -7.335  8.115   1.00 15.05 ? 102 GLY X O     1 
ATOM   814  N N     . SER A 1 103 ? 7.775   -5.388  8.390   1.00 12.40 ? 103 SER X N     1 
ATOM   815  C CA    . SER A 1 103 ? 7.270   -5.703  9.708   1.00 11.80 ? 103 SER X CA    1 
ATOM   816  C C     . SER A 1 103 ? 6.217   -4.683  10.101  1.00 11.68 ? 103 SER X C     1 
ATOM   817  O O     . SER A 1 103 ? 6.036   -3.676  9.411   1.00 12.78 ? 103 SER X O     1 
ATOM   818  C CB    . SER A 1 103 ? 8.394   -5.673  10.753  1.00 12.94 ? 103 SER X CB    1 
ATOM   819  O OG    . SER A 1 103 ? 8.779   -4.338  11.012  1.00 8.82  ? 103 SER X OG    1 
ATOM   820  N N     . CYS A 1 104 ? 5.533   -4.970  11.207  1.00 13.03 ? 104 CYS X N     1 
ATOM   821  C CA    . CYS A 1 104 ? 4.702   -3.997  11.911  1.00 13.08 ? 104 CYS X CA    1 
ATOM   822  C C     . CYS A 1 104 ? 5.569   -3.146  12.811  1.00 14.14 ? 104 CYS X C     1 
ATOM   823  O O     . CYS A 1 104 ? 6.775   -3.391  12.923  1.00 14.90 ? 104 CYS X O     1 
ATOM   824  C CB    . CYS A 1 104 ? 3.644   -4.697  12.743  1.00 13.50 ? 104 CYS X CB    1 
ATOM   825  S SG    . CYS A 1 104 ? 2.488   -5.601  11.692  1.00 12.33 ? 104 CYS X SG    1 
ATOM   826  O OXT   . CYS A 1 104 ? 5.075   -2.192  13.409  1.00 14.34 ? 104 CYS X OXT   1 
ATOM   827  C "C5'" . DU  B 2 2   ? 1.862   7.508   6.718   1.00 15.91 ? 2   DU  A "C5'" 1 
ATOM   828  C "C4'" . DU  B 2 2   ? 1.285   7.070   5.384   1.00 13.87 ? 2   DU  A "C4'" 1 
ATOM   829  O "O4'" . DU  B 2 2   ? 2.346   6.541   4.555   1.00 14.98 ? 2   DU  A "O4'" 1 
ATOM   830  C "C3'" . DU  B 2 2   ? 0.216   5.973   5.455   1.00 16.54 ? 2   DU  A "C3'" 1 
ATOM   831  O "O3'" . DU  B 2 2   ? -0.795  6.367   4.544   1.00 18.00 ? 2   DU  A "O3'" 1 
ATOM   832  C "C2'" . DU  B 2 2   ? 0.924   4.736   4.934   1.00 14.04 ? 2   DU  A "C2'" 1 
ATOM   833  C "C1'" . DU  B 2 2   ? 1.946   5.305   3.983   1.00 18.55 ? 2   DU  A "C1'" 1 
ATOM   834  N N1    . DU  B 2 2   ? 3.165   4.416   3.895   1.00 17.58 ? 2   DU  A N1    1 
ATOM   835  C C2    . DU  B 2 2   ? 3.425   3.728   2.733   1.00 16.76 ? 2   DU  A C2    1 
ATOM   836  O O2    . DU  B 2 2   ? 2.707   3.779   1.758   1.00 16.68 ? 2   DU  A O2    1 
ATOM   837  N N3    . DU  B 2 2   ? 4.568   2.948   2.770   1.00 15.79 ? 2   DU  A N3    1 
ATOM   838  C C4    . DU  B 2 2   ? 5.445   2.798   3.843   1.00 20.36 ? 2   DU  A C4    1 
ATOM   839  O O4    . DU  B 2 2   ? 6.421   2.068   3.741   1.00 18.05 ? 2   DU  A O4    1 
ATOM   840  C C5    . DU  B 2 2   ? 5.109   3.557   5.029   1.00 21.49 ? 2   DU  A C5    1 
ATOM   841  C C6    . DU  B 2 2   ? 4.004   4.319   5.006   1.00 21.62 ? 2   DU  A C6    1 
ATOM   842  P P     . DG  B 2 3   ? -2.248  5.741   4.484   1.00 16.35 ? 3   DG  A P     1 
ATOM   843  O OP1   . DG  B 2 3   ? -2.193  4.268   4.289   1.00 12.19 ? 3   DG  A OP1   1 
ATOM   844  O OP2   . DG  B 2 3   ? -2.977  6.645   3.560   1.00 21.32 ? 3   DG  A OP2   1 
ATOM   845  O "O5'" . DG  B 2 3   ? -2.742  5.966   5.973   1.00 16.17 ? 3   DG  A "O5'" 1 
ATOM   846  C "C5'" . DG  B 2 3   ? -3.159  7.240   6.457   1.00 18.28 ? 3   DG  A "C5'" 1 
ATOM   847  C "C4'" . DG  B 2 3   ? -4.653  7.223   6.681   1.00 14.55 ? 3   DG  A "C4'" 1 
ATOM   848  O "O4'" . DG  B 2 3   ? -5.026  6.094   7.540   1.00 16.15 ? 3   DG  A "O4'" 1 
ATOM   849  C "C3'" . DG  B 2 3   ? -5.166  8.477   7.376   1.00 17.96 ? 3   DG  A "C3'" 1 
ATOM   850  O "O3'" . DG  B 2 3   ? -6.377  8.847   6.758   1.00 20.09 ? 3   DG  A "O3'" 1 
ATOM   851  C "C2'" . DG  B 2 3   ? -5.381  8.027   8.821   1.00 18.02 ? 3   DG  A "C2'" 1 
ATOM   852  C "C1'" . DG  B 2 3   ? -5.789  6.576   8.626   1.00 16.28 ? 3   DG  A "C1'" 1 
ATOM   853  N N9    . DG  B 2 3   ? -5.522  5.718   9.777   1.00 12.58 ? 3   DG  A N9    1 
ATOM   854  C C8    . DG  B 2 3   ? -4.363  5.646   10.502  1.00 15.54 ? 3   DG  A C8    1 
ATOM   855  N N7    . DG  B 2 3   ? -4.436  4.796   11.486  1.00 13.27 ? 3   DG  A N7    1 
ATOM   856  C C5    . DG  B 2 3   ? -5.720  4.264   11.399  1.00 19.40 ? 3   DG  A C5    1 
ATOM   857  C C6    . DG  B 2 3   ? -6.371  3.285   12.188  1.00 16.61 ? 3   DG  A C6    1 
ATOM   858  O O6    . DG  B 2 3   ? -5.924  2.659   13.185  1.00 14.70 ? 3   DG  A O6    1 
ATOM   859  N N1    . DG  B 2 3   ? -7.679  3.061   11.740  1.00 14.67 ? 3   DG  A N1    1 
ATOM   860  C C2    . DG  B 2 3   ? -8.287  3.692   10.675  1.00 13.78 ? 3   DG  A C2    1 
ATOM   861  N N2    . DG  B 2 3   ? -9.569  3.335   10.384  1.00 10.89 ? 3   DG  A N2    1 
ATOM   862  N N3    . DG  B 2 3   ? -7.665  4.608   9.938   1.00 13.88 ? 3   DG  A N3    1 
ATOM   863  C C4    . DG  B 2 3   ? -6.401  4.840   10.344  1.00 15.88 ? 3   DG  A C4    1 
ATOM   864  P P     . DA  B 2 4   ? -6.549  10.289  6.089   1.00 31.97 ? 4   DA  A P     1 
ATOM   865  O OP1   . DA  B 2 4   ? -7.626  10.200  5.075   1.00 30.56 ? 4   DA  A OP1   1 
ATOM   866  O OP2   . DA  B 2 4   ? -5.225  10.810  5.714   1.00 38.43 ? 4   DA  A OP2   1 
ATOM   867  O "O5'" . DA  B 2 4   ? -7.015  11.188  7.325   1.00 33.03 ? 4   DA  A "O5'" 1 
HETATM 868  O O     . HOH C 3 .   ? -1.385  -12.653 5.336   1.00 11.63 ? 105 HOH X O     1 
HETATM 869  O O     . HOH C 3 .   ? -12.991 -1.582  8.536   1.00 10.00 ? 106 HOH X O     1 
HETATM 870  O O     . HOH C 3 .   ? 2.694   -1.412  14.565  1.00 12.55 ? 107 HOH X O     1 
HETATM 871  O O     . HOH C 3 .   ? 4.469   -13.034 8.699   1.00 20.76 ? 108 HOH X O     1 
HETATM 872  O O     . HOH C 3 .   ? -15.339 3.900   -5.474  1.00 12.46 ? 109 HOH X O     1 
HETATM 873  O O     . HOH C 3 .   ? 5.232   10.383  2.474   1.00 17.75 ? 110 HOH X O     1 
HETATM 874  O O     . HOH C 3 .   ? -1.802  -3.899  16.898  1.00 10.60 ? 111 HOH X O     1 
HETATM 875  O O     . HOH C 3 .   ? 8.676   -2.272  14.581  1.00 11.74 ? 112 HOH X O     1 
HETATM 876  O O     . HOH C 3 .   ? 5.433   13.202  2.797   1.00 16.26 ? 113 HOH X O     1 
HETATM 877  O O     . HOH C 3 .   ? -4.474  -0.185  -10.284 1.00 17.76 ? 114 HOH X O     1 
HETATM 878  O O     . HOH C 3 .   ? -1.670  -11.891 -4.225  1.00 15.22 ? 115 HOH X O     1 
HETATM 879  O O     . HOH C 3 .   ? 10.323  -7.073  -6.632  1.00 21.43 ? 116 HOH X O     1 
HETATM 880  O O     . HOH C 3 .   ? 4.776   -4.252  -7.311  1.00 16.24 ? 117 HOH X O     1 
HETATM 881  O O     . HOH C 3 .   ? 13.176  -1.139  -8.603  1.00 17.35 ? 118 HOH X O     1 
HETATM 882  O O     . HOH C 3 .   ? 0.800   -12.030 -5.192  1.00 16.31 ? 119 HOH X O     1 
HETATM 883  O O     . HOH C 3 .   ? -2.798  -11.172 14.129  1.00 16.58 ? 120 HOH X O     1 
HETATM 884  O O     . HOH C 3 .   ? -8.045  -7.901  16.754  1.00 9.96  ? 121 HOH X O     1 
HETATM 885  O O     . HOH C 3 .   ? -5.022  -2.108  18.896  1.00 11.11 ? 122 HOH X O     1 
HETATM 886  O O     . HOH C 3 .   ? 1.203   -10.000 12.482  1.00 14.28 ? 123 HOH X O     1 
HETATM 887  O O     . HOH C 3 .   ? -0.138  -13.120 3.082   1.00 20.61 ? 124 HOH X O     1 
HETATM 888  O O     . HOH C 3 .   ? 9.570   -1.301  -3.016  1.00 22.88 ? 125 HOH X O     1 
HETATM 889  O O     . HOH C 3 .   ? 3.139   18.902  -2.278  1.00 21.19 ? 126 HOH X O     1 
HETATM 890  O O     . HOH C 3 .   ? 6.930   16.367  -3.409  1.00 17.82 ? 127 HOH X O     1 
HETATM 891  O O     . HOH C 3 .   ? 9.532   -8.789  10.311  1.00 15.12 ? 128 HOH X O     1 
HETATM 892  O O     . HOH C 3 .   ? -3.866  -1.294  15.348  1.00 17.16 ? 129 HOH X O     1 
HETATM 893  O O     . HOH C 3 .   ? 12.491  9.679   -1.524  1.00 21.87 ? 130 HOH X O     1 
HETATM 894  O O     . HOH C 3 .   ? 5.606   18.899  -3.296  1.00 20.59 ? 131 HOH X O     1 
HETATM 895  O O     . HOH C 3 .   ? -2.826  -12.835 7.630   1.00 17.01 ? 132 HOH X O     1 
HETATM 896  O O     . HOH C 3 .   ? -0.279  -16.104 2.273   1.00 18.07 ? 133 HOH X O     1 
HETATM 897  O O     . HOH C 3 .   ? -5.799  -12.732 9.897   1.00 17.96 ? 134 HOH X O     1 
HETATM 898  O O     . HOH C 3 .   ? -10.670 -11.697 0.715   1.00 18.07 ? 135 HOH X O     1 
HETATM 899  O O     . HOH C 3 .   ? 2.187   -9.553  -5.120  1.00 18.64 ? 136 HOH X O     1 
HETATM 900  O O     . HOH C 3 .   ? -0.385  3.810   -12.372 1.00 17.79 ? 137 HOH X O     1 
HETATM 901  O O     . HOH C 3 .   ? -11.179 -10.530 5.540   1.00 24.47 ? 138 HOH X O     1 
HETATM 902  O O     . HOH C 3 .   ? -4.258  -13.720 1.819   1.00 18.58 ? 139 HOH X O     1 
HETATM 903  O O     . HOH C 3 .   ? -1.827  -13.427 10.375  1.00 18.36 ? 140 HOH X O     1 
HETATM 904  O O     . HOH C 3 .   ? 5.055   -15.079 -1.824  1.00 18.57 ? 141 HOH X O     1 
HETATM 905  O O     . HOH C 3 .   ? 13.668  14.183  -10.900 1.00 24.77 ? 142 HOH X O     1 
HETATM 906  O O     . HOH C 3 .   ? 5.919   -7.323  12.874  1.00 18.78 ? 143 HOH X O     1 
HETATM 907  O O     . HOH C 3 .   ? -3.937  -12.681 11.805  1.00 21.19 ? 144 HOH X O     1 
HETATM 908  O O     . HOH C 3 .   ? -3.639  2.298   -6.365  1.00 26.04 ? 145 HOH X O     1 
HETATM 909  O O     . HOH C 3 .   ? 0.863   7.015   1.674   1.00 19.99 ? 146 HOH X O     1 
HETATM 910  O O     . HOH C 3 .   ? 0.655   -12.320 10.753  1.00 17.67 ? 147 HOH X O     1 
HETATM 911  O O     . HOH C 3 .   ? -0.890  -9.464  14.316  1.00 18.52 ? 148 HOH X O     1 
HETATM 912  O O     . HOH C 3 .   ? -10.718 -9.215  16.518  1.00 19.98 ? 149 HOH X O     1 
HETATM 913  O O     . HOH C 3 .   ? 15.085  20.576  -6.355  1.00 24.75 ? 150 HOH X O     1 
HETATM 914  O O     . HOH C 3 .   ? -15.395 -6.526  1.060   1.00 21.46 ? 151 HOH X O     1 
HETATM 915  O O     . HOH C 3 .   ? -3.420  2.374   -8.998  1.00 24.52 ? 152 HOH X O     1 
HETATM 916  O O     . HOH C 3 .   ? 11.612  5.240   -11.692 1.00 25.39 ? 153 HOH X O     1 
HETATM 917  O O     . HOH C 3 .   ? -16.646 -8.159  9.690   1.00 29.25 ? 154 HOH X O     1 
HETATM 918  O O     . HOH C 3 .   ? -14.646 -3.054  5.366   1.00 19.32 ? 155 HOH X O     1 
HETATM 919  O O     . HOH C 3 .   ? 10.015  10.947  -12.573 1.00 20.04 ? 156 HOH X O     1 
HETATM 920  O O     . HOH C 3 .   ? 6.280   8.317   -12.794 1.00 30.39 ? 157 HOH X O     1 
HETATM 921  O O     . HOH C 3 .   ? 8.306   6.606   -12.259 1.00 37.66 ? 158 HOH X O     1 
HETATM 922  O O     . HOH C 3 .   ? -11.206 -12.213 3.309   1.00 27.98 ? 159 HOH X O     1 
HETATM 923  O O     . HOH C 3 .   ? 5.872   -15.656 0.490   1.00 25.78 ? 160 HOH X O     1 
HETATM 924  O O     . HOH C 3 .   ? -11.224 3.054   13.633  1.00 18.62 ? 161 HOH X O     1 
HETATM 925  O O     . HOH C 3 .   ? 11.693  16.865  -3.409  1.00 28.82 ? 162 HOH X O     1 
HETATM 926  O O     . HOH C 3 .   ? -8.025  12.214  -6.243  1.00 29.39 ? 163 HOH X O     1 
HETATM 927  O O     . HOH C 3 .   ? -11.892 1.361   -4.146  1.00 28.85 ? 164 HOH X O     1 
HETATM 928  O O     . HOH C 3 .   ? -11.949 -7.786  -1.802  1.00 29.19 ? 165 HOH X O     1 
HETATM 929  O O     . HOH C 3 .   ? 13.298  -7.429  -3.010  1.00 21.17 ? 166 HOH X O     1 
HETATM 930  O O     . HOH C 3 .   ? -1.193  1.868   -10.477 1.00 26.91 ? 167 HOH X O     1 
HETATM 931  O O     . HOH C 3 .   ? -5.321  0.729   15.822  1.00 22.22 ? 168 HOH X O     1 
HETATM 932  O O     . HOH C 3 .   ? 11.824  -7.443  -8.708  1.00 34.94 ? 169 HOH X O     1 
HETATM 933  O O     . HOH C 3 .   ? -6.562  4.962   -7.137  1.00 27.41 ? 170 HOH X O     1 
HETATM 934  O O     . HOH C 3 .   ? 3.135   -5.317  -13.889 1.00 22.60 ? 171 HOH X O     1 
HETATM 935  O O     . HOH C 3 .   ? 8.241   -5.489  -12.863 1.00 20.56 ? 172 HOH X O     1 
HETATM 936  O O     . HOH C 3 .   ? 11.592  2.199   -1.241  1.00 24.74 ? 173 HOH X O     1 
HETATM 937  O O     . HOH C 3 .   ? 7.337   -5.998  14.411  1.00 27.64 ? 174 HOH X O     1 
HETATM 938  O O     . HOH C 3 .   ? 4.193   15.202  -10.830 1.00 30.83 ? 175 HOH X O     1 
HETATM 939  O O     . HOH C 3 .   ? -2.622  17.194  -5.420  1.00 31.86 ? 176 HOH X O     1 
HETATM 940  O O     . HOH C 3 .   ? 10.470  8.331   0.040   1.00 26.35 ? 177 HOH X O     1 
HETATM 941  O O     . HOH C 3 .   ? -10.159 0.712   -5.985  1.00 35.14 ? 178 HOH X O     1 
HETATM 942  O O     . HOH C 3 .   ? 16.819  13.064  -7.221  1.00 49.69 ? 179 HOH X O     1 
HETATM 943  O O     . HOH C 3 .   ? 11.528  1.052   -11.805 1.00 31.70 ? 180 HOH X O     1 
HETATM 944  O O     . HOH C 3 .   ? -5.678  -5.342  -8.181  1.00 22.84 ? 181 HOH X O     1 
HETATM 945  O O     . HOH C 3 .   ? -6.871  14.637  -7.853  1.00 27.94 ? 182 HOH X O     1 
HETATM 946  O O     . HOH C 3 .   ? 5.943   -16.633 3.730   1.00 24.64 ? 183 HOH X O     1 
HETATM 947  O O     . HOH C 3 .   ? 6.492   8.581   4.820   1.00 38.43 ? 184 HOH X O     1 
HETATM 948  O O     . HOH C 3 .   ? 3.688   -9.029  13.594  1.00 30.84 ? 185 HOH X O     1 
HETATM 949  O O     . HOH C 3 .   ? -10.603 -3.414  -5.521  1.00 26.87 ? 186 HOH X O     1 
HETATM 950  O O     . HOH C 3 .   ? 8.675   -8.253  -11.563 1.00 29.95 ? 187 HOH X O     1 
HETATM 951  O O     . HOH C 3 .   ? -7.634  17.932  -1.524  1.00 35.01 ? 188 HOH X O     1 
HETATM 952  O O     . HOH C 3 .   ? -12.370 6.457   -0.723  1.00 27.85 ? 189 HOH X O     1 
HETATM 953  O O     . HOH C 3 .   ? -12.413 -10.242 -0.691  1.00 26.67 ? 190 HOH X O     1 
HETATM 954  O O     . HOH C 3 .   ? -2.603  10.609  1.083   1.00 23.04 ? 191 HOH X O     1 
HETATM 955  O O     . HOH C 3 .   ? -3.125  -11.728 -6.542  1.00 29.50 ? 192 HOH X O     1 
HETATM 956  O O     . HOH C 3 .   ? -13.896 6.687   1.945   1.00 35.46 ? 193 HOH X O     1 
HETATM 957  O O     . HOH C 3 .   ? -7.278  -0.627  -6.332  1.00 30.99 ? 194 HOH X O     1 
HETATM 958  O O     . HOH C 3 .   ? -17.165 -7.194  11.885  1.00 32.74 ? 195 HOH X O     1 
HETATM 959  O O     . HOH C 3 .   ? -8.094  -3.179  -6.189  1.00 26.83 ? 196 HOH X O     1 
HETATM 960  O O     . HOH C 3 .   ? 11.116  -4.240  0.713   1.00 35.62 ? 197 HOH X O     1 
HETATM 961  O O     . HOH C 3 .   ? -6.288  11.458  1.063   1.00 42.48 ? 198 HOH X O     1 
HETATM 962  O O     . HOH C 3 .   ? 9.624   -14.362 -1.831  1.00 33.30 ? 199 HOH X O     1 
HETATM 963  O O     . HOH C 3 .   ? -7.535  2.225   -8.134  1.00 33.46 ? 200 HOH X O     1 
HETATM 964  O O     . HOH C 3 .   ? -3.722  -15.213 6.833   1.00 29.82 ? 201 HOH X O     1 
HETATM 965  O O     . HOH C 3 .   ? 1.641   16.523  0.517   1.00 30.64 ? 202 HOH X O     1 
HETATM 966  O O     . HOH C 3 .   ? -14.972 -5.699  6.063   1.00 38.22 ? 203 HOH X O     1 
HETATM 967  O O     . HOH C 3 .   ? 12.886  -9.268  1.711   1.00 40.62 ? 204 HOH X O     1 
HETATM 968  O O     . HOH C 3 .   ? 2.102   2.153   -16.115 1.00 38.21 ? 205 HOH X O     1 
HETATM 969  O O     . HOH C 3 .   ? -1.120  -11.154 18.704  1.00 41.13 ? 206 HOH X O     1 
HETATM 970  O O     . HOH C 3 .   ? 2.917   -13.777 10.828  1.00 37.40 ? 207 HOH X O     1 
HETATM 971  O O     . HOH C 3 .   ? 1.670   12.179  -15.355 1.00 45.93 ? 208 HOH X O     1 
HETATM 972  O O     . HOH C 3 .   ? 0.871   -11.429 -7.971  1.00 39.41 ? 209 HOH X O     1 
HETATM 973  O O     . HOH C 3 .   ? 6.600   3.996   -13.676 1.00 25.35 ? 210 HOH X O     1 
HETATM 974  O O     . HOH C 3 .   ? 6.298   -5.314  -14.466 1.00 38.37 ? 211 HOH X O     1 
HETATM 975  O O     . HOH C 3 .   ? 13.735  8.706   -5.358  1.00 27.15 ? 212 HOH X O     1 
HETATM 976  O O     . HOH C 3 .   ? -0.133  2.924   -15.298 1.00 37.02 ? 213 HOH X O     1 
HETATM 977  O O     . HOH C 3 .   ? 5.883   -8.943  -12.655 1.00 41.79 ? 214 HOH X O     1 
HETATM 978  O O     . HOH C 3 .   ? -0.785  18.550  -7.368  1.00 36.49 ? 215 HOH X O     1 
HETATM 979  O O     . HOH C 3 .   ? 0.305   14.853  -13.525 1.00 37.76 ? 216 HOH X O     1 
HETATM 980  O O     . HOH C 3 .   ? 12.354  -11.259 -0.460  1.00 41.34 ? 217 HOH X O     1 
HETATM 981  O O     . HOH C 3 .   ? 11.167  -11.306 -9.433  1.00 42.41 ? 218 HOH X O     1 
HETATM 982  O O     . HOH C 3 .   ? -9.391  19.821  -7.642  1.00 54.60 ? 219 HOH X O     1 
HETATM 983  O O     . HOH C 3 .   ? -6.642  -0.638  -8.914  1.00 38.76 ? 220 HOH X O     1 
HETATM 984  O O     . HOH C 3 .   ? -10.737 8.023   -2.142  1.00 39.29 ? 221 HOH X O     1 
HETATM 985  O O     . HOH C 3 .   ? 8.186   2.299   -15.432 1.00 41.02 ? 222 HOH X O     1 
HETATM 986  O O     . HOH C 3 .   ? 4.814   -16.484 7.537   1.00 36.79 ? 223 HOH X O     1 
HETATM 987  O O     . HOH C 3 .   ? -11.264 4.778   -7.717  1.00 50.14 ? 224 HOH X O     1 
HETATM 988  O O     . HOH C 3 .   ? 14.089  2.611   0.164   1.00 43.31 ? 225 HOH X O     1 
HETATM 989  O O     . HOH C 3 .   ? 9.325   4.172   4.869   1.00 41.00 ? 226 HOH X O     1 
HETATM 990  O O     . HOH C 3 .   ? 11.643  -1.356  1.446   1.00 34.72 ? 227 HOH X O     1 
HETATM 991  O O     . HOH C 3 .   ? 7.284   9.774   -15.956 1.00 36.11 ? 228 HOH X O     1 
HETATM 992  O O     . HOH C 3 .   ? -12.847 -8.231  18.739  1.00 38.24 ? 229 HOH X O     1 
HETATM 993  O O     . HOH C 3 .   ? 12.121  12.708  -12.865 1.00 41.42 ? 230 HOH X O     1 
HETATM 994  O O     . HOH C 3 .   ? 11.976  11.615  2.273   1.00 46.13 ? 231 HOH X O     1 
HETATM 995  O O     . HOH C 3 .   ? 14.129  2.880   -8.704  1.00 39.22 ? 232 HOH X O     1 
HETATM 996  O O     . HOH C 3 .   ? 15.372  4.171   -6.678  1.00 36.93 ? 233 HOH X O     1 
HETATM 997  O O     . HOH C 3 .   ? 8.618   -16.802 0.290   1.00 40.82 ? 234 HOH X O     1 
HETATM 998  O O     . HOH C 3 .   ? -7.917  -14.830 12.532  1.00 43.95 ? 235 HOH X O     1 
HETATM 999  O O     . HOH C 3 .   ? -1.887  -16.569 6.584   1.00 30.53 ? 236 HOH X O     1 
HETATM 1000 O O     . HOH C 3 .   ? -11.065 8.609   2.509   1.00 46.11 ? 237 HOH X O     1 
HETATM 1001 O O     . HOH C 3 .   ? 13.358  4.510   -4.859  1.00 35.17 ? 238 HOH X O     1 
HETATM 1002 O O     . HOH C 3 .   ? 3.080   17.857  -10.432 1.00 32.31 ? 239 HOH X O     1 
HETATM 1003 O O     . HOH C 3 .   ? -12.327 7.372   5.568   1.00 33.21 ? 240 HOH X O     1 
HETATM 1004 O O     . HOH C 3 .   ? 4.420   -2.216  -17.833 1.00 43.89 ? 241 HOH X O     1 
HETATM 1005 O O     . HOH C 3 .   ? -13.036 -8.614  -4.119  1.00 43.50 ? 242 HOH X O     1 
HETATM 1006 O O     . HOH C 3 .   ? -9.768  9.847   0.389   1.00 51.67 ? 243 HOH X O     1 
HETATM 1007 O O     . HOH C 3 .   ? 10.284  -9.001  6.366   1.00 36.20 ? 244 HOH X O     1 
HETATM 1008 O O     . HOH C 3 .   ? -1.819  13.100  1.899   1.00 41.86 ? 245 HOH X O     1 
HETATM 1009 O O     . HOH C 3 .   ? -2.992  15.693  -10.992 1.00 46.80 ? 246 HOH X O     1 
HETATM 1010 O O     . HOH C 3 .   ? 13.310  5.496   0.200   1.00 39.36 ? 247 HOH X O     1 
HETATM 1011 O O     . HOH C 3 .   ? -8.539  6.892   -7.003  1.00 40.44 ? 248 HOH X O     1 
HETATM 1012 O O     . HOH C 3 .   ? 5.519   7.233   -14.793 1.00 43.51 ? 249 HOH X O     1 
HETATM 1013 O O     . HOH C 3 .   ? -5.609  -15.485 8.721   1.00 48.78 ? 250 HOH X O     1 
HETATM 1014 O O     . HOH C 3 .   ? 3.503   14.329  -14.785 1.00 53.89 ? 251 HOH X O     1 
HETATM 1015 O O     . HOH C 3 .   ? 10.472  9.718   -14.853 0.50 36.34 ? 252 HOH X O     1 
HETATM 1016 O O     . HOH C 3 .   ? -9.185  11.699  -3.837  1.00 47.07 ? 253 HOH X O     1 
HETATM 1017 O O     . HOH D 3 .   ? -5.023  3.427   3.646   1.00 12.76 ? 12  HOH A O     1 
HETATM 1018 O O     . HOH D 3 .   ? -1.618  8.389   2.007   1.00 23.59 ? 87  HOH A O     1 
HETATM 1019 O O     . HOH D 3 .   ? -9.913  6.276   12.399  1.00 36.17 ? 94  HOH A O     1 
HETATM 1020 O O     . HOH D 3 .   ? -7.663  9.555   2.780   1.00 26.64 ? 95  HOH A O     1 
HETATM 1021 O O     . HOH D 3 .   ? -7.300  7.733   12.684  1.00 48.31 ? 130 HOH A O     1 
HETATM 1022 O O     . HOH D 3 .   ? -3.978  10.775  3.563   1.00 48.02 ? 150 HOH A O     1 
# 
